data_1N81
# 
_entry.id   1N81 
# 
_audit_conform.dict_name       mmcif_pdbx.dic 
_audit_conform.dict_version    5.386 
_audit_conform.dict_location   http://mmcif.pdb.org/dictionaries/ascii/mmcif_pdbx.dic 
# 
loop_
_database_2.database_id 
_database_2.database_code 
_database_2.pdbx_database_accession 
_database_2.pdbx_DOI 
PDB   1N81         pdb_00001n81 10.2210/pdb1n81/pdb 
RCSB  RCSB017634   ?            ?                   
WWPDB D_1000017634 ?            ?                   
# 
loop_
_pdbx_audit_revision_history.ordinal 
_pdbx_audit_revision_history.data_content_type 
_pdbx_audit_revision_history.major_revision 
_pdbx_audit_revision_history.minor_revision 
_pdbx_audit_revision_history.revision_date 
1 'Structure model' 1 0 2003-03-04 
2 'Structure model' 1 1 2008-04-28 
3 'Structure model' 1 2 2011-07-13 
4 'Structure model' 1 3 2024-02-14 
# 
_pdbx_audit_revision_details.ordinal             1 
_pdbx_audit_revision_details.revision_ordinal    1 
_pdbx_audit_revision_details.data_content_type   'Structure model' 
_pdbx_audit_revision_details.provider            repository 
_pdbx_audit_revision_details.type                'Initial release' 
_pdbx_audit_revision_details.description         ? 
_pdbx_audit_revision_details.details             ? 
# 
loop_
_pdbx_audit_revision_group.ordinal 
_pdbx_audit_revision_group.revision_ordinal 
_pdbx_audit_revision_group.data_content_type 
_pdbx_audit_revision_group.group 
1 2 'Structure model' 'Version format compliance' 
2 3 'Structure model' 'Source and taxonomy'       
3 3 'Structure model' 'Version format compliance' 
4 4 'Structure model' 'Data collection'           
5 4 'Structure model' 'Database references'       
# 
loop_
_pdbx_audit_revision_category.ordinal 
_pdbx_audit_revision_category.revision_ordinal 
_pdbx_audit_revision_category.data_content_type 
_pdbx_audit_revision_category.category 
1 4 'Structure model' chem_comp_atom 
2 4 'Structure model' chem_comp_bond 
3 4 'Structure model' database_2     
# 
loop_
_pdbx_audit_revision_item.ordinal 
_pdbx_audit_revision_item.revision_ordinal 
_pdbx_audit_revision_item.data_content_type 
_pdbx_audit_revision_item.item 
1 4 'Structure model' '_database_2.pdbx_DOI'                
2 4 'Structure model' '_database_2.pdbx_database_accession' 
# 
_pdbx_database_status.status_code                     REL 
_pdbx_database_status.entry_id                        1N81 
_pdbx_database_status.recvd_initial_deposition_date   2002-11-19 
_pdbx_database_status.deposit_site                    RCSB 
_pdbx_database_status.process_site                    RCSB 
_pdbx_database_status.status_code_sf                  REL 
_pdbx_database_status.SG_entry                        . 
_pdbx_database_status.pdb_format_compatible           Y 
_pdbx_database_status.status_code_mr                  ? 
_pdbx_database_status.status_code_cs                  ? 
_pdbx_database_status.status_code_nmr_data            ? 
_pdbx_database_status.methods_development_category    ? 
# 
loop_
_audit_author.name 
_audit_author.pdbx_ordinal 
'Sharma, A.'          1 
'Sharma, I.'          2 
'Kogkasuriyachai, D.' 3 
'Kumar, N.'           4 
# 
_citation.id                        primary 
_citation.title                     
;Structure of a gametocyte protein essential for  
sexual development in Plasmodium falciparum
;
_citation.journal_abbrev            Nat.Struct.Biol. 
_citation.journal_volume            10 
_citation.page_first                197 
_citation.page_last                 203 
_citation.year                      2003 
_citation.journal_id_ASTM           NSBIEW 
_citation.country                   US 
_citation.journal_id_ISSN           1072-8368 
_citation.journal_id_CSD            2024 
_citation.book_publisher            ? 
_citation.pdbx_database_id_PubMed   12577051 
_citation.pdbx_database_id_DOI      10.1038/nsb899 
# 
loop_
_citation_author.citation_id 
_citation_author.name 
_citation_author.ordinal 
_citation_author.identifier_ORCID 
primary 'Sharma, A.'          1 ? 
primary 'Sharma, I.'          2 ? 
primary 'Kogkasuriyachai, D.' 3 ? 
primary 'Kumar, N.'           4 ? 
# 
loop_
_entity.id 
_entity.type 
_entity.src_method 
_entity.pdbx_description 
_entity.formula_weight 
_entity.pdbx_number_of_molecules 
_entity.pdbx_ec 
_entity.pdbx_mutation 
_entity.pdbx_fragment 
_entity.details 
1 polymer man 'plasmodium falciparum gamete antigen 27/25' 22520.742 1   ? ? 1 ? 
2 water   nat water                                        18.015    131 ? ? ? ? 
# 
_entity_poly.entity_id                      1 
_entity_poly.type                           'polypeptide(L)' 
_entity_poly.nstd_linkage                   no 
_entity_poly.nstd_monomer                   no 
_entity_poly.pdbx_seq_one_letter_code       
;YHYEHETHAPLSPRIRKVGDIEFHACSDYIYLLMTLSKDPEKFNYALKDRVSIRRYVRKNQNRYNYFLIEERVQDNIVNR
ISDRLISYCTDKEVTEDYIKKIDDYLWVEQRVIEEVSINVDHAREVKEKKRIMNDKKLIRMLFDTYEYVKDVKFTDDQYK
DAAARISQFLIDVVDSYIIKPIPALP
;
_entity_poly.pdbx_seq_one_letter_code_can   
;YHYEHETHAPLSPRIRKVGDIEFHACSDYIYLLMTLSKDPEKFNYALKDRVSIRRYVRKNQNRYNYFLIEERVQDNIVNR
ISDRLISYCTDKEVTEDYIKKIDDYLWVEQRVIEEVSINVDHAREVKEKKRIMNDKKLIRMLFDTYEYVKDVKFTDDQYK
DAAARISQFLIDVVDSYIIKPIPALP
;
_entity_poly.pdbx_strand_id                 A 
_entity_poly.pdbx_target_identifier         ? 
# 
_pdbx_entity_nonpoly.entity_id   2 
_pdbx_entity_nonpoly.name        water 
_pdbx_entity_nonpoly.comp_id     HOH 
# 
loop_
_entity_poly_seq.entity_id 
_entity_poly_seq.num 
_entity_poly_seq.mon_id 
_entity_poly_seq.hetero 
1 1   TYR n 
1 2   HIS n 
1 3   TYR n 
1 4   GLU n 
1 5   HIS n 
1 6   GLU n 
1 7   THR n 
1 8   HIS n 
1 9   ALA n 
1 10  PRO n 
1 11  LEU n 
1 12  SER n 
1 13  PRO n 
1 14  ARG n 
1 15  ILE n 
1 16  ARG n 
1 17  LYS n 
1 18  VAL n 
1 19  GLY n 
1 20  ASP n 
1 21  ILE n 
1 22  GLU n 
1 23  PHE n 
1 24  HIS n 
1 25  ALA n 
1 26  CYS n 
1 27  SER n 
1 28  ASP n 
1 29  TYR n 
1 30  ILE n 
1 31  TYR n 
1 32  LEU n 
1 33  LEU n 
1 34  MET n 
1 35  THR n 
1 36  LEU n 
1 37  SER n 
1 38  LYS n 
1 39  ASP n 
1 40  PRO n 
1 41  GLU n 
1 42  LYS n 
1 43  PHE n 
1 44  ASN n 
1 45  TYR n 
1 46  ALA n 
1 47  LEU n 
1 48  LYS n 
1 49  ASP n 
1 50  ARG n 
1 51  VAL n 
1 52  SER n 
1 53  ILE n 
1 54  ARG n 
1 55  ARG n 
1 56  TYR n 
1 57  VAL n 
1 58  ARG n 
1 59  LYS n 
1 60  ASN n 
1 61  GLN n 
1 62  ASN n 
1 63  ARG n 
1 64  TYR n 
1 65  ASN n 
1 66  TYR n 
1 67  PHE n 
1 68  LEU n 
1 69  ILE n 
1 70  GLU n 
1 71  GLU n 
1 72  ARG n 
1 73  VAL n 
1 74  GLN n 
1 75  ASP n 
1 76  ASN n 
1 77  ILE n 
1 78  VAL n 
1 79  ASN n 
1 80  ARG n 
1 81  ILE n 
1 82  SER n 
1 83  ASP n 
1 84  ARG n 
1 85  LEU n 
1 86  ILE n 
1 87  SER n 
1 88  TYR n 
1 89  CYS n 
1 90  THR n 
1 91  ASP n 
1 92  LYS n 
1 93  GLU n 
1 94  VAL n 
1 95  THR n 
1 96  GLU n 
1 97  ASP n 
1 98  TYR n 
1 99  ILE n 
1 100 LYS n 
1 101 LYS n 
1 102 ILE n 
1 103 ASP n 
1 104 ASP n 
1 105 TYR n 
1 106 LEU n 
1 107 TRP n 
1 108 VAL n 
1 109 GLU n 
1 110 GLN n 
1 111 ARG n 
1 112 VAL n 
1 113 ILE n 
1 114 GLU n 
1 115 GLU n 
1 116 VAL n 
1 117 SER n 
1 118 ILE n 
1 119 ASN n 
1 120 VAL n 
1 121 ASP n 
1 122 HIS n 
1 123 ALA n 
1 124 ARG n 
1 125 GLU n 
1 126 VAL n 
1 127 LYS n 
1 128 GLU n 
1 129 LYS n 
1 130 LYS n 
1 131 ARG n 
1 132 ILE n 
1 133 MET n 
1 134 ASN n 
1 135 ASP n 
1 136 LYS n 
1 137 LYS n 
1 138 LEU n 
1 139 ILE n 
1 140 ARG n 
1 141 MET n 
1 142 LEU n 
1 143 PHE n 
1 144 ASP n 
1 145 THR n 
1 146 TYR n 
1 147 GLU n 
1 148 TYR n 
1 149 VAL n 
1 150 LYS n 
1 151 ASP n 
1 152 VAL n 
1 153 LYS n 
1 154 PHE n 
1 155 THR n 
1 156 ASP n 
1 157 ASP n 
1 158 GLN n 
1 159 TYR n 
1 160 LYS n 
1 161 ASP n 
1 162 ALA n 
1 163 ALA n 
1 164 ALA n 
1 165 ARG n 
1 166 ILE n 
1 167 SER n 
1 168 GLN n 
1 169 PHE n 
1 170 LEU n 
1 171 ILE n 
1 172 ASP n 
1 173 VAL n 
1 174 VAL n 
1 175 ASP n 
1 176 SER n 
1 177 TYR n 
1 178 ILE n 
1 179 ILE n 
1 180 LYS n 
1 181 PRO n 
1 182 ILE n 
1 183 PRO n 
1 184 ALA n 
1 185 LEU n 
1 186 PRO n 
# 
_entity_src_gen.entity_id                          1 
_entity_src_gen.pdbx_src_id                        1 
_entity_src_gen.pdbx_alt_source_flag               sample 
_entity_src_gen.pdbx_seq_type                      ? 
_entity_src_gen.pdbx_beg_seq_num                   ? 
_entity_src_gen.pdbx_end_seq_num                   ? 
_entity_src_gen.gene_src_common_name               ? 
_entity_src_gen.gene_src_genus                     Plasmodium 
_entity_src_gen.pdbx_gene_src_gene                 Pfg27 
_entity_src_gen.gene_src_species                   'Plasmodium falciparum' 
_entity_src_gen.gene_src_strain                    3D7 
_entity_src_gen.gene_src_tissue                    ? 
_entity_src_gen.gene_src_tissue_fraction           ? 
_entity_src_gen.gene_src_details                   ? 
_entity_src_gen.pdbx_gene_src_fragment             ? 
_entity_src_gen.pdbx_gene_src_scientific_name      'Plasmodium falciparum' 
_entity_src_gen.pdbx_gene_src_ncbi_taxonomy_id     36329 
_entity_src_gen.pdbx_gene_src_variant              ? 
_entity_src_gen.pdbx_gene_src_cell_line            ? 
_entity_src_gen.pdbx_gene_src_atcc                 ? 
_entity_src_gen.pdbx_gene_src_organ                ? 
_entity_src_gen.pdbx_gene_src_organelle            ? 
_entity_src_gen.pdbx_gene_src_cell                 ? 
_entity_src_gen.pdbx_gene_src_cellular_location    ? 
_entity_src_gen.host_org_common_name               ? 
_entity_src_gen.pdbx_host_org_scientific_name      'Escherichia coli BL21' 
_entity_src_gen.pdbx_host_org_ncbi_taxonomy_id     511693 
_entity_src_gen.host_org_genus                     Escherichia 
_entity_src_gen.pdbx_host_org_gene                 ? 
_entity_src_gen.pdbx_host_org_organ                ? 
_entity_src_gen.host_org_species                   'Escherichia coli' 
_entity_src_gen.pdbx_host_org_tissue               ? 
_entity_src_gen.pdbx_host_org_tissue_fraction      ? 
_entity_src_gen.pdbx_host_org_strain               BL21 
_entity_src_gen.pdbx_host_org_variant              ? 
_entity_src_gen.pdbx_host_org_cell_line            ? 
_entity_src_gen.pdbx_host_org_atcc                 ? 
_entity_src_gen.pdbx_host_org_culture_collection   ? 
_entity_src_gen.pdbx_host_org_cell                 ? 
_entity_src_gen.pdbx_host_org_organelle            ? 
_entity_src_gen.pdbx_host_org_cellular_location    ? 
_entity_src_gen.pdbx_host_org_vector_type          Plasmid 
_entity_src_gen.pdbx_host_org_vector               ? 
_entity_src_gen.host_org_details                   ? 
_entity_src_gen.expression_system_id               ? 
_entity_src_gen.plasmid_name                       pMalp 
_entity_src_gen.plasmid_details                    ? 
_entity_src_gen.pdbx_description                   ? 
# 
loop_
_chem_comp.id 
_chem_comp.type 
_chem_comp.mon_nstd_flag 
_chem_comp.name 
_chem_comp.pdbx_synonyms 
_chem_comp.formula 
_chem_comp.formula_weight 
ALA 'L-peptide linking' y ALANINE         ? 'C3 H7 N O2'     89.093  
ARG 'L-peptide linking' y ARGININE        ? 'C6 H15 N4 O2 1' 175.209 
ASN 'L-peptide linking' y ASPARAGINE      ? 'C4 H8 N2 O3'    132.118 
ASP 'L-peptide linking' y 'ASPARTIC ACID' ? 'C4 H7 N O4'     133.103 
CYS 'L-peptide linking' y CYSTEINE        ? 'C3 H7 N O2 S'   121.158 
GLN 'L-peptide linking' y GLUTAMINE       ? 'C5 H10 N2 O3'   146.144 
GLU 'L-peptide linking' y 'GLUTAMIC ACID' ? 'C5 H9 N O4'     147.129 
GLY 'peptide linking'   y GLYCINE         ? 'C2 H5 N O2'     75.067  
HIS 'L-peptide linking' y HISTIDINE       ? 'C6 H10 N3 O2 1' 156.162 
HOH non-polymer         . WATER           ? 'H2 O'           18.015  
ILE 'L-peptide linking' y ISOLEUCINE      ? 'C6 H13 N O2'    131.173 
LEU 'L-peptide linking' y LEUCINE         ? 'C6 H13 N O2'    131.173 
LYS 'L-peptide linking' y LYSINE          ? 'C6 H15 N2 O2 1' 147.195 
MET 'L-peptide linking' y METHIONINE      ? 'C5 H11 N O2 S'  149.211 
PHE 'L-peptide linking' y PHENYLALANINE   ? 'C9 H11 N O2'    165.189 
PRO 'L-peptide linking' y PROLINE         ? 'C5 H9 N O2'     115.130 
SER 'L-peptide linking' y SERINE          ? 'C3 H7 N O3'     105.093 
THR 'L-peptide linking' y THREONINE       ? 'C4 H9 N O3'     119.119 
TRP 'L-peptide linking' y TRYPTOPHAN      ? 'C11 H12 N2 O2'  204.225 
TYR 'L-peptide linking' y TYROSINE        ? 'C9 H11 N O3'    181.189 
VAL 'L-peptide linking' y VALINE          ? 'C5 H11 N O2'    117.146 
# 
loop_
_pdbx_poly_seq_scheme.asym_id 
_pdbx_poly_seq_scheme.entity_id 
_pdbx_poly_seq_scheme.seq_id 
_pdbx_poly_seq_scheme.mon_id 
_pdbx_poly_seq_scheme.ndb_seq_num 
_pdbx_poly_seq_scheme.pdb_seq_num 
_pdbx_poly_seq_scheme.auth_seq_num 
_pdbx_poly_seq_scheme.pdb_mon_id 
_pdbx_poly_seq_scheme.auth_mon_id 
_pdbx_poly_seq_scheme.pdb_strand_id 
_pdbx_poly_seq_scheme.pdb_ins_code 
_pdbx_poly_seq_scheme.hetero 
A 1 1   TYR 1   21  21  TYR TYR A . n 
A 1 2   HIS 2   22  22  HIS HIS A . n 
A 1 3   TYR 3   23  23  TYR TYR A . n 
A 1 4   GLU 4   24  24  GLU GLU A . n 
A 1 5   HIS 5   25  25  HIS HIS A . n 
A 1 6   GLU 6   26  26  GLU GLU A . n 
A 1 7   THR 7   27  27  THR THR A . n 
A 1 8   HIS 8   28  28  HIS HIS A . n 
A 1 9   ALA 9   29  29  ALA ALA A . n 
A 1 10  PRO 10  30  30  PRO PRO A . n 
A 1 11  LEU 11  31  31  LEU LEU A . n 
A 1 12  SER 12  32  32  SER SER A . n 
A 1 13  PRO 13  33  33  PRO PRO A . n 
A 1 14  ARG 14  34  34  ARG ARG A . n 
A 1 15  ILE 15  35  35  ILE ILE A . n 
A 1 16  ARG 16  36  36  ARG ARG A . n 
A 1 17  LYS 17  37  37  LYS LYS A . n 
A 1 18  VAL 18  38  38  VAL VAL A . n 
A 1 19  GLY 19  39  39  GLY GLY A . n 
A 1 20  ASP 20  40  40  ASP ASP A . n 
A 1 21  ILE 21  41  41  ILE ILE A . n 
A 1 22  GLU 22  42  42  GLU GLU A . n 
A 1 23  PHE 23  43  43  PHE PHE A . n 
A 1 24  HIS 24  44  44  HIS HIS A . n 
A 1 25  ALA 25  45  45  ALA ALA A . n 
A 1 26  CYS 26  46  46  CYS CYS A . n 
A 1 27  SER 27  47  47  SER SER A . n 
A 1 28  ASP 28  48  48  ASP ASP A . n 
A 1 29  TYR 29  49  49  TYR TYR A . n 
A 1 30  ILE 30  50  50  ILE ILE A . n 
A 1 31  TYR 31  51  51  TYR TYR A . n 
A 1 32  LEU 32  52  52  LEU LEU A . n 
A 1 33  LEU 33  53  53  LEU LEU A . n 
A 1 34  MET 34  54  54  MET MET A . n 
A 1 35  THR 35  55  55  THR THR A . n 
A 1 36  LEU 36  56  56  LEU LEU A . n 
A 1 37  SER 37  57  57  SER SER A . n 
A 1 38  LYS 38  58  58  LYS LYS A . n 
A 1 39  ASP 39  59  59  ASP ASP A . n 
A 1 40  PRO 40  60  60  PRO PRO A . n 
A 1 41  GLU 41  61  61  GLU GLU A . n 
A 1 42  LYS 42  62  62  LYS LYS A . n 
A 1 43  PHE 43  63  63  PHE PHE A . n 
A 1 44  ASN 44  64  64  ASN ASN A . n 
A 1 45  TYR 45  65  65  TYR TYR A . n 
A 1 46  ALA 46  66  66  ALA ALA A . n 
A 1 47  LEU 47  67  67  LEU LEU A . n 
A 1 48  LYS 48  68  68  LYS LYS A . n 
A 1 49  ASP 49  69  69  ASP ASP A . n 
A 1 50  ARG 50  70  70  ARG ARG A . n 
A 1 51  VAL 51  71  71  VAL VAL A . n 
A 1 52  SER 52  72  72  SER SER A . n 
A 1 53  ILE 53  73  73  ILE ILE A . n 
A 1 54  ARG 54  74  74  ARG ARG A . n 
A 1 55  ARG 55  75  75  ARG ARG A . n 
A 1 56  TYR 56  76  76  TYR TYR A . n 
A 1 57  VAL 57  77  77  VAL VAL A . n 
A 1 58  ARG 58  78  78  ARG ARG A . n 
A 1 59  LYS 59  79  79  LYS LYS A . n 
A 1 60  ASN 60  80  80  ASN ASN A . n 
A 1 61  GLN 61  81  81  GLN GLN A . n 
A 1 62  ASN 62  82  82  ASN ASN A . n 
A 1 63  ARG 63  83  83  ARG ARG A . n 
A 1 64  TYR 64  84  84  TYR TYR A . n 
A 1 65  ASN 65  85  85  ASN ASN A . n 
A 1 66  TYR 66  86  86  TYR TYR A . n 
A 1 67  PHE 67  87  87  PHE PHE A . n 
A 1 68  LEU 68  88  88  LEU LEU A . n 
A 1 69  ILE 69  89  89  ILE ILE A . n 
A 1 70  GLU 70  90  90  GLU GLU A . n 
A 1 71  GLU 71  91  91  GLU GLU A . n 
A 1 72  ARG 72  92  92  ARG ARG A . n 
A 1 73  VAL 73  93  93  VAL VAL A . n 
A 1 74  GLN 74  94  94  GLN GLN A . n 
A 1 75  ASP 75  95  95  ASP ASP A . n 
A 1 76  ASN 76  96  96  ASN ASN A . n 
A 1 77  ILE 77  97  97  ILE ILE A . n 
A 1 78  VAL 78  98  98  VAL VAL A . n 
A 1 79  ASN 79  99  99  ASN ASN A . n 
A 1 80  ARG 80  100 100 ARG ARG A . n 
A 1 81  ILE 81  101 101 ILE ILE A . n 
A 1 82  SER 82  102 102 SER SER A . n 
A 1 83  ASP 83  103 103 ASP ASP A . n 
A 1 84  ARG 84  104 104 ARG ARG A . n 
A 1 85  LEU 85  105 105 LEU LEU A . n 
A 1 86  ILE 86  106 106 ILE ILE A . n 
A 1 87  SER 87  107 107 SER SER A . n 
A 1 88  TYR 88  108 108 TYR TYR A . n 
A 1 89  CYS 89  109 109 CYS CYS A . n 
A 1 90  THR 90  110 110 THR THR A . n 
A 1 91  ASP 91  111 111 ASP ASP A . n 
A 1 92  LYS 92  112 112 LYS LYS A . n 
A 1 93  GLU 93  113 113 GLU GLU A . n 
A 1 94  VAL 94  114 114 VAL VAL A . n 
A 1 95  THR 95  115 115 THR THR A . n 
A 1 96  GLU 96  116 116 GLU GLU A . n 
A 1 97  ASP 97  117 117 ASP ASP A . n 
A 1 98  TYR 98  118 118 TYR TYR A . n 
A 1 99  ILE 99  119 119 ILE ILE A . n 
A 1 100 LYS 100 120 120 LYS LYS A . n 
A 1 101 LYS 101 121 121 LYS LYS A . n 
A 1 102 ILE 102 122 122 ILE ILE A . n 
A 1 103 ASP 103 123 123 ASP ASP A . n 
A 1 104 ASP 104 124 124 ASP ASP A . n 
A 1 105 TYR 105 125 125 TYR TYR A . n 
A 1 106 LEU 106 126 126 LEU LEU A . n 
A 1 107 TRP 107 127 127 TRP TRP A . n 
A 1 108 VAL 108 128 128 VAL VAL A . n 
A 1 109 GLU 109 129 129 GLU GLU A . n 
A 1 110 GLN 110 130 130 GLN GLN A . n 
A 1 111 ARG 111 131 131 ARG ARG A . n 
A 1 112 VAL 112 132 132 VAL VAL A . n 
A 1 113 ILE 113 133 133 ILE ILE A . n 
A 1 114 GLU 114 134 134 GLU GLU A . n 
A 1 115 GLU 115 135 135 GLU GLU A . n 
A 1 116 VAL 116 136 136 VAL VAL A . n 
A 1 117 SER 117 137 137 SER SER A . n 
A 1 118 ILE 118 138 138 ILE ILE A . n 
A 1 119 ASN 119 139 139 ASN ASN A . n 
A 1 120 VAL 120 140 140 VAL VAL A . n 
A 1 121 ASP 121 141 141 ASP ASP A . n 
A 1 122 HIS 122 142 142 HIS HIS A . n 
A 1 123 ALA 123 143 143 ALA ALA A . n 
A 1 124 ARG 124 144 144 ARG ARG A . n 
A 1 125 GLU 125 145 145 GLU GLU A . n 
A 1 126 VAL 126 146 146 VAL VAL A . n 
A 1 127 LYS 127 147 147 LYS LYS A . n 
A 1 128 GLU 128 148 148 GLU GLU A . n 
A 1 129 LYS 129 149 149 LYS LYS A . n 
A 1 130 LYS 130 150 150 LYS LYS A . n 
A 1 131 ARG 131 151 151 ARG ARG A . n 
A 1 132 ILE 132 152 152 ILE ILE A . n 
A 1 133 MET 133 153 153 MET MET A . n 
A 1 134 ASN 134 154 154 ASN ASN A . n 
A 1 135 ASP 135 155 155 ASP ASP A . n 
A 1 136 LYS 136 156 156 LYS LYS A . n 
A 1 137 LYS 137 157 157 LYS LYS A . n 
A 1 138 LEU 138 158 158 LEU LEU A . n 
A 1 139 ILE 139 159 159 ILE ILE A . n 
A 1 140 ARG 140 160 160 ARG ARG A . n 
A 1 141 MET 141 161 161 MET MET A . n 
A 1 142 LEU 142 162 162 LEU LEU A . n 
A 1 143 PHE 143 163 163 PHE PHE A . n 
A 1 144 ASP 144 164 164 ASP ASP A . n 
A 1 145 THR 145 165 165 THR THR A . n 
A 1 146 TYR 146 166 166 TYR TYR A . n 
A 1 147 GLU 147 167 167 GLU GLU A . n 
A 1 148 TYR 148 168 168 TYR TYR A . n 
A 1 149 VAL 149 169 169 VAL VAL A . n 
A 1 150 LYS 150 170 170 LYS LYS A . n 
A 1 151 ASP 151 171 171 ASP ASP A . n 
A 1 152 VAL 152 172 172 VAL VAL A . n 
A 1 153 LYS 153 173 173 LYS LYS A . n 
A 1 154 PHE 154 174 174 PHE PHE A . n 
A 1 155 THR 155 175 175 THR THR A . n 
A 1 156 ASP 156 176 176 ASP ASP A . n 
A 1 157 ASP 157 177 177 ASP ASP A . n 
A 1 158 GLN 158 178 178 GLN GLN A . n 
A 1 159 TYR 159 179 179 TYR TYR A . n 
A 1 160 LYS 160 180 180 LYS LYS A . n 
A 1 161 ASP 161 181 181 ASP ASP A . n 
A 1 162 ALA 162 182 182 ALA ALA A . n 
A 1 163 ALA 163 183 183 ALA ALA A . n 
A 1 164 ALA 164 184 184 ALA ALA A . n 
A 1 165 ARG 165 185 185 ARG ARG A . n 
A 1 166 ILE 166 186 186 ILE ILE A . n 
A 1 167 SER 167 187 187 SER SER A . n 
A 1 168 GLN 168 188 188 GLN GLN A . n 
A 1 169 PHE 169 189 189 PHE PHE A . n 
A 1 170 LEU 170 190 190 LEU LEU A . n 
A 1 171 ILE 171 191 191 ILE ILE A . n 
A 1 172 ASP 172 192 192 ASP ASP A . n 
A 1 173 VAL 173 193 193 VAL VAL A . n 
A 1 174 VAL 174 194 194 VAL VAL A . n 
A 1 175 ASP 175 195 195 ASP ASP A . n 
A 1 176 SER 176 196 196 SER SER A . n 
A 1 177 TYR 177 197 197 TYR TYR A . n 
A 1 178 ILE 178 198 198 ILE ILE A . n 
A 1 179 ILE 179 199 199 ILE ILE A . n 
A 1 180 LYS 180 200 200 LYS LYS A . n 
A 1 181 PRO 181 201 201 PRO PRO A . n 
A 1 182 ILE 182 202 202 ILE ILE A . n 
A 1 183 PRO 183 203 203 PRO PRO A . n 
A 1 184 ALA 184 204 204 ALA ALA A . n 
A 1 185 LEU 185 205 205 LEU LEU A . n 
A 1 186 PRO 186 206 206 PRO PRO A . n 
# 
loop_
_pdbx_nonpoly_scheme.asym_id 
_pdbx_nonpoly_scheme.entity_id 
_pdbx_nonpoly_scheme.mon_id 
_pdbx_nonpoly_scheme.ndb_seq_num 
_pdbx_nonpoly_scheme.pdb_seq_num 
_pdbx_nonpoly_scheme.auth_seq_num 
_pdbx_nonpoly_scheme.pdb_mon_id 
_pdbx_nonpoly_scheme.auth_mon_id 
_pdbx_nonpoly_scheme.pdb_strand_id 
_pdbx_nonpoly_scheme.pdb_ins_code 
B 2 HOH 1   207 1   HOH HOH A . 
B 2 HOH 2   208 2   HOH HOH A . 
B 2 HOH 3   209 3   HOH HOH A . 
B 2 HOH 4   210 4   HOH HOH A . 
B 2 HOH 5   211 5   HOH HOH A . 
B 2 HOH 6   212 6   HOH HOH A . 
B 2 HOH 7   213 7   HOH HOH A . 
B 2 HOH 8   214 8   HOH HOH A . 
B 2 HOH 9   215 9   HOH HOH A . 
B 2 HOH 10  216 10  HOH HOH A . 
B 2 HOH 11  217 11  HOH HOH A . 
B 2 HOH 12  218 12  HOH HOH A . 
B 2 HOH 13  219 13  HOH HOH A . 
B 2 HOH 14  220 14  HOH HOH A . 
B 2 HOH 15  221 15  HOH HOH A . 
B 2 HOH 16  222 16  HOH HOH A . 
B 2 HOH 17  223 17  HOH HOH A . 
B 2 HOH 18  224 18  HOH HOH A . 
B 2 HOH 19  225 19  HOH HOH A . 
B 2 HOH 20  226 20  HOH HOH A . 
B 2 HOH 21  227 21  HOH HOH A . 
B 2 HOH 22  228 22  HOH HOH A . 
B 2 HOH 23  229 23  HOH HOH A . 
B 2 HOH 24  230 24  HOH HOH A . 
B 2 HOH 25  231 25  HOH HOH A . 
B 2 HOH 26  232 26  HOH HOH A . 
B 2 HOH 27  233 27  HOH HOH A . 
B 2 HOH 28  234 28  HOH HOH A . 
B 2 HOH 29  235 29  HOH HOH A . 
B 2 HOH 30  236 30  HOH HOH A . 
B 2 HOH 31  237 31  HOH HOH A . 
B 2 HOH 32  238 32  HOH HOH A . 
B 2 HOH 33  239 33  HOH HOH A . 
B 2 HOH 34  240 34  HOH HOH A . 
B 2 HOH 35  241 35  HOH HOH A . 
B 2 HOH 36  242 36  HOH HOH A . 
B 2 HOH 37  243 37  HOH HOH A . 
B 2 HOH 38  244 38  HOH HOH A . 
B 2 HOH 39  245 39  HOH HOH A . 
B 2 HOH 40  246 40  HOH HOH A . 
B 2 HOH 41  247 41  HOH HOH A . 
B 2 HOH 42  248 42  HOH HOH A . 
B 2 HOH 43  249 43  HOH HOH A . 
B 2 HOH 44  250 44  HOH HOH A . 
B 2 HOH 45  251 45  HOH HOH A . 
B 2 HOH 46  252 46  HOH HOH A . 
B 2 HOH 47  253 47  HOH HOH A . 
B 2 HOH 48  254 48  HOH HOH A . 
B 2 HOH 49  255 49  HOH HOH A . 
B 2 HOH 50  256 50  HOH HOH A . 
B 2 HOH 51  257 51  HOH HOH A . 
B 2 HOH 52  258 52  HOH HOH A . 
B 2 HOH 53  259 53  HOH HOH A . 
B 2 HOH 54  260 54  HOH HOH A . 
B 2 HOH 55  261 55  HOH HOH A . 
B 2 HOH 56  262 56  HOH HOH A . 
B 2 HOH 57  263 57  HOH HOH A . 
B 2 HOH 58  264 58  HOH HOH A . 
B 2 HOH 59  265 59  HOH HOH A . 
B 2 HOH 60  266 60  HOH HOH A . 
B 2 HOH 61  267 61  HOH HOH A . 
B 2 HOH 62  268 62  HOH HOH A . 
B 2 HOH 63  269 63  HOH HOH A . 
B 2 HOH 64  270 64  HOH HOH A . 
B 2 HOH 65  271 65  HOH HOH A . 
B 2 HOH 66  272 66  HOH HOH A . 
B 2 HOH 67  273 67  HOH HOH A . 
B 2 HOH 68  274 68  HOH HOH A . 
B 2 HOH 69  275 69  HOH HOH A . 
B 2 HOH 70  276 70  HOH HOH A . 
B 2 HOH 71  277 71  HOH HOH A . 
B 2 HOH 72  278 72  HOH HOH A . 
B 2 HOH 73  279 73  HOH HOH A . 
B 2 HOH 74  280 74  HOH HOH A . 
B 2 HOH 75  281 75  HOH HOH A . 
B 2 HOH 76  282 76  HOH HOH A . 
B 2 HOH 77  283 77  HOH HOH A . 
B 2 HOH 78  284 78  HOH HOH A . 
B 2 HOH 79  285 79  HOH HOH A . 
B 2 HOH 80  286 80  HOH HOH A . 
B 2 HOH 81  287 81  HOH HOH A . 
B 2 HOH 82  288 82  HOH HOH A . 
B 2 HOH 83  289 83  HOH HOH A . 
B 2 HOH 84  290 84  HOH HOH A . 
B 2 HOH 85  291 85  HOH HOH A . 
B 2 HOH 86  292 86  HOH HOH A . 
B 2 HOH 87  293 87  HOH HOH A . 
B 2 HOH 88  294 88  HOH HOH A . 
B 2 HOH 89  295 89  HOH HOH A . 
B 2 HOH 90  296 90  HOH HOH A . 
B 2 HOH 91  297 91  HOH HOH A . 
B 2 HOH 92  298 92  HOH HOH A . 
B 2 HOH 93  299 93  HOH HOH A . 
B 2 HOH 94  300 94  HOH HOH A . 
B 2 HOH 95  301 95  HOH HOH A . 
B 2 HOH 96  302 96  HOH HOH A . 
B 2 HOH 97  303 97  HOH HOH A . 
B 2 HOH 98  304 98  HOH HOH A . 
B 2 HOH 99  305 99  HOH HOH A . 
B 2 HOH 100 306 100 HOH HOH A . 
B 2 HOH 101 307 101 HOH HOH A . 
B 2 HOH 102 308 102 HOH HOH A . 
B 2 HOH 103 309 103 HOH HOH A . 
B 2 HOH 104 310 104 HOH HOH A . 
B 2 HOH 105 311 105 HOH HOH A . 
B 2 HOH 106 312 106 HOH HOH A . 
B 2 HOH 107 313 107 HOH HOH A . 
B 2 HOH 108 314 108 HOH HOH A . 
B 2 HOH 109 315 109 HOH HOH A . 
B 2 HOH 110 316 110 HOH HOH A . 
B 2 HOH 111 317 111 HOH HOH A . 
B 2 HOH 112 318 112 HOH HOH A . 
B 2 HOH 113 319 113 HOH HOH A . 
B 2 HOH 114 320 114 HOH HOH A . 
B 2 HOH 115 321 115 HOH HOH A . 
B 2 HOH 116 322 116 HOH HOH A . 
B 2 HOH 117 323 117 HOH HOH A . 
B 2 HOH 118 324 118 HOH HOH A . 
B 2 HOH 119 325 119 HOH HOH A . 
B 2 HOH 120 326 120 HOH HOH A . 
B 2 HOH 121 327 121 HOH HOH A . 
B 2 HOH 122 328 122 HOH HOH A . 
B 2 HOH 123 329 123 HOH HOH A . 
B 2 HOH 124 330 124 HOH HOH A . 
B 2 HOH 125 331 125 HOH HOH A . 
B 2 HOH 126 332 126 HOH HOH A . 
B 2 HOH 127 333 127 HOH HOH A . 
B 2 HOH 128 334 128 HOH HOH A . 
B 2 HOH 129 335 129 HOH HOH A . 
B 2 HOH 130 336 130 HOH HOH A . 
B 2 HOH 131 337 131 HOH HOH A . 
# 
loop_
_software.name 
_software.classification 
_software.version 
_software.citation_id 
_software.pdbx_ordinal 
DENZO     'data reduction' . ? 1 
SCALEPACK 'data scaling'   . ? 2 
CNS       refinement       . ? 3 
CNS       phasing          . ? 4 
# 
_cell.entry_id           1N81 
_cell.length_a           58.880 
_cell.length_b           113.190 
_cell.length_c           91.600 
_cell.angle_alpha        90.00 
_cell.angle_beta         90.00 
_cell.angle_gamma        90.00 
_cell.Z_PDB              8 
_cell.pdbx_unique_axis   ? 
# 
_symmetry.entry_id                         1N81 
_symmetry.space_group_name_H-M             'C 2 2 21' 
_symmetry.pdbx_full_space_group_name_H-M   ? 
_symmetry.cell_setting                     ? 
_symmetry.Int_Tables_number                20 
# 
_exptl.entry_id          1N81 
_exptl.method            'X-RAY DIFFRACTION' 
_exptl.crystals_number   1 
# 
_exptl_crystal.id                    1 
_exptl_crystal.density_meas          ? 
_exptl_crystal.density_Matthews      3.17 
_exptl_crystal.density_percent_sol   60.95 
_exptl_crystal.description           ? 
# 
_exptl_crystal_grow.crystal_id      1 
_exptl_crystal_grow.method          'VAPOR DIFFUSION, HANGING DROP' 
_exptl_crystal_grow.temp            293 
_exptl_crystal_grow.temp_details    ? 
_exptl_crystal_grow.pH              6.5 
_exptl_crystal_grow.pdbx_details    'PEG 8000, MES, Glucose, pH 6.5, VAPOR DIFFUSION, HANGING DROP, temperature 293K' 
_exptl_crystal_grow.pdbx_pH_range   . 
# 
_diffrn.id                     1 
_diffrn.ambient_temp           100 
_diffrn.ambient_temp_details   ? 
_diffrn.crystal_id             1 
# 
_diffrn_detector.diffrn_id              1 
_diffrn_detector.detector               CCD 
_diffrn_detector.type                   MARRESEARCH 
_diffrn_detector.pdbx_collection_date   2001-10-13 
_diffrn_detector.details                ? 
# 
_diffrn_radiation.diffrn_id                        1 
_diffrn_radiation.wavelength_id                    1 
_diffrn_radiation.pdbx_monochromatic_or_laue_m_l   M 
_diffrn_radiation.monochromator                    ? 
_diffrn_radiation.pdbx_diffrn_protocol             'SINGLE WAVELENGTH' 
_diffrn_radiation.pdbx_scattering_type             x-ray 
# 
_diffrn_radiation_wavelength.id           1 
_diffrn_radiation_wavelength.wavelength   1.0 
_diffrn_radiation_wavelength.wt           1.0 
# 
_diffrn_source.diffrn_id                   1 
_diffrn_source.source                      SYNCHROTRON 
_diffrn_source.type                        'ELETTRA BEAMLINE 5.2R' 
_diffrn_source.pdbx_synchrotron_site       ELETTRA 
_diffrn_source.pdbx_synchrotron_beamline   5.2R 
_diffrn_source.pdbx_wavelength             ? 
_diffrn_source.pdbx_wavelength_list        1.0 
# 
_reflns.entry_id                     1N81 
_reflns.observed_criterion_sigma_I   0 
_reflns.observed_criterion_sigma_F   0 
_reflns.d_resolution_low             15 
_reflns.d_resolution_high            2.1 
_reflns.number_obs                   18053 
_reflns.number_all                   ? 
_reflns.percent_possible_obs         99 
_reflns.pdbx_Rmerge_I_obs            0.039 
_reflns.pdbx_Rsym_value              0.039 
_reflns.pdbx_netI_over_sigmaI        37.3 
_reflns.B_iso_Wilson_estimate        30.2 
_reflns.pdbx_redundancy              4 
_reflns.R_free_details               ? 
_reflns.limit_h_max                  ? 
_reflns.limit_h_min                  ? 
_reflns.limit_k_max                  ? 
_reflns.limit_k_min                  ? 
_reflns.limit_l_max                  ? 
_reflns.limit_l_min                  ? 
_reflns.observed_criterion_F_max     ? 
_reflns.observed_criterion_F_min     ? 
_reflns.pdbx_ordinal                 1 
_reflns.pdbx_diffrn_id               1 
# 
_reflns_shell.d_res_high             2.1 
_reflns_shell.d_res_low              15 
_reflns_shell.percent_possible_all   99 
_reflns_shell.Rmerge_I_obs           0.282 
_reflns_shell.pdbx_Rsym_value        0.282 
_reflns_shell.meanI_over_sigI_obs    3.4 
_reflns_shell.pdbx_redundancy        4 
_reflns_shell.percent_possible_obs   ? 
_reflns_shell.number_unique_all      18053 
_reflns_shell.pdbx_ordinal           1 
_reflns_shell.pdbx_diffrn_id         1 
# 
_refine.entry_id                                 1N81 
_refine.ls_number_reflns_obs                     17272 
_refine.ls_number_reflns_all                     18053 
_refine.pdbx_ls_sigma_I                          0 
_refine.pdbx_ls_sigma_F                          0 
_refine.pdbx_data_cutoff_high_absF               ? 
_refine.pdbx_data_cutoff_low_absF                ? 
_refine.ls_d_res_low                             14.83 
_refine.ls_d_res_high                            2.10 
_refine.ls_percent_reflns_obs                    95.0 
_refine.ls_R_factor_obs                          0.207 
_refine.ls_R_factor_all                          0.207 
_refine.ls_R_factor_R_work                       0.207 
_refine.ls_R_factor_R_free                       0.258 
_refine.ls_R_factor_R_free_error                 0.007 
_refine.ls_R_factor_R_free_error_details         ? 
_refine.ls_percent_reflns_R_free                 7.8 
_refine.ls_number_reflns_R_free                  1353 
_refine.ls_number_parameters                     ? 
_refine.ls_number_restraints                     ? 
_refine.occupancy_min                            ? 
_refine.occupancy_max                            ? 
_refine.correlation_coeff_Fo_to_Fc               ? 
_refine.correlation_coeff_Fo_to_Fc_free          ? 
_refine.B_iso_mean                               52.2 
_refine.aniso_B[1][1]                            -7.12 
_refine.aniso_B[2][2]                            -4.02 
_refine.aniso_B[3][3]                            11.14 
_refine.aniso_B[1][2]                            0.00 
_refine.aniso_B[1][3]                            0.00 
_refine.aniso_B[2][3]                            0.00 
_refine.solvent_model_details                    'FLAT MODEL' 
_refine.solvent_model_param_ksol                 0.376104 
_refine.solvent_model_param_bsol                 60.973 
_refine.pdbx_solvent_vdw_probe_radii             ? 
_refine.pdbx_solvent_ion_probe_radii             ? 
_refine.pdbx_solvent_shrinkage_radii             ? 
_refine.pdbx_ls_cross_valid_method               THROUGHOUT 
_refine.details                                  'BULK SOLVENT MODEL USED' 
_refine.pdbx_starting_model                      ? 
_refine.pdbx_method_to_determine_struct          MAD 
_refine.pdbx_isotropic_thermal_model             RESTRAINED 
_refine.pdbx_stereochemistry_target_values       'Engh & Huber' 
_refine.pdbx_stereochem_target_val_spec_case     ? 
_refine.pdbx_R_Free_selection_details            RANDOM 
_refine.pdbx_overall_ESU_R_Free                  ? 
_refine.overall_SU_B                             ? 
_refine.ls_redundancy_reflns_obs                 ? 
_refine.B_iso_min                                ? 
_refine.B_iso_max                                ? 
_refine.overall_SU_R_Cruickshank_DPI             ? 
_refine.overall_SU_R_free                        ? 
_refine.overall_SU_ML                            ? 
_refine.pdbx_overall_ESU_R                       ? 
_refine.pdbx_data_cutoff_high_rms_absF           ? 
_refine.pdbx_refine_id                           'X-RAY DIFFRACTION' 
_refine.pdbx_diffrn_id                           1 
_refine.pdbx_TLS_residual_ADP_flag               ? 
_refine.pdbx_overall_phase_error                 ? 
_refine.pdbx_overall_SU_R_free_Cruickshank_DPI   ? 
_refine.pdbx_overall_SU_R_Blow_DPI               ? 
_refine.pdbx_overall_SU_R_free_Blow_DPI          ? 
# 
_refine_analyze.entry_id                        1N81 
_refine_analyze.Luzzati_coordinate_error_obs    ? 
_refine_analyze.Luzzati_sigma_a_obs             ? 
_refine_analyze.Luzzati_d_res_low_obs           ? 
_refine_analyze.Luzzati_coordinate_error_free   0.35 
_refine_analyze.Luzzati_sigma_a_free            0.29 
_refine_analyze.Luzzati_d_res_low_free          ? 
_refine_analyze.number_disordered_residues      ? 
_refine_analyze.occupancy_sum_hydrogen          ? 
_refine_analyze.occupancy_sum_non_hydrogen      ? 
_refine_analyze.pdbx_Luzzati_d_res_high_obs     ? 
_refine_analyze.pdbx_refine_id                  'X-RAY DIFFRACTION' 
# 
_refine_hist.pdbx_refine_id                   'X-RAY DIFFRACTION' 
_refine_hist.cycle_id                         LAST 
_refine_hist.pdbx_number_atoms_protein        1586 
_refine_hist.pdbx_number_atoms_nucleic_acid   0 
_refine_hist.pdbx_number_atoms_ligand         0 
_refine_hist.number_atoms_solvent             131 
_refine_hist.number_atoms_total               1717 
_refine_hist.d_res_high                       2.10 
_refine_hist.d_res_low                        14.83 
# 
loop_
_refine_ls_restr.type 
_refine_ls_restr.dev_ideal 
_refine_ls_restr.dev_ideal_target 
_refine_ls_restr.weight 
_refine_ls_restr.number 
_refine_ls_restr.pdbx_refine_id 
_refine_ls_restr.pdbx_restraint_function 
c_bond_d           0.012 ?    ? ? 'X-RAY DIFFRACTION' ? 
c_angle_deg        1.5   ?    ? ? 'X-RAY DIFFRACTION' ? 
c_dihedral_angle_d 19.2  ?    ? ? 'X-RAY DIFFRACTION' ? 
c_improper_angle_d 1.06  ?    ? ? 'X-RAY DIFFRACTION' ? 
c_mcbond_it        4.83  1.50 ? ? 'X-RAY DIFFRACTION' ? 
c_mcangle_it       6.12  2.00 ? ? 'X-RAY DIFFRACTION' ? 
c_scbond_it        7.48  2.00 ? ? 'X-RAY DIFFRACTION' ? 
c_scangle_it       9.63  2.50 ? ? 'X-RAY DIFFRACTION' ? 
# 
_refine_ls_shell.pdbx_total_number_of_bins_used   6 
_refine_ls_shell.d_res_high                       2.10 
_refine_ls_shell.d_res_low                        2.23 
_refine_ls_shell.number_reflns_R_work             2513 
_refine_ls_shell.R_factor_R_work                  0.261 
_refine_ls_shell.percent_reflns_obs               91.2 
_refine_ls_shell.R_factor_R_free                  0.294 
_refine_ls_shell.R_factor_R_free_error            0.020 
_refine_ls_shell.percent_reflns_R_free            7.6 
_refine_ls_shell.number_reflns_R_free             208 
_refine_ls_shell.number_reflns_obs                ? 
_refine_ls_shell.redundancy_reflns_obs            ? 
_refine_ls_shell.number_reflns_all                ? 
_refine_ls_shell.pdbx_refine_id                   'X-RAY DIFFRACTION' 
_refine_ls_shell.R_factor_all                     ? 
# 
loop_
_pdbx_xplor_file.serial_no 
_pdbx_xplor_file.param_file 
_pdbx_xplor_file.topol_file 
_pdbx_xplor_file.pdbx_refine_id 
1 PROTEIN_REP.PARAM PROTEIN.TOP 'X-RAY DIFFRACTION' 
2 WATER_REP.PARAM   ?           'X-RAY DIFFRACTION' 
# 
_struct.entry_id                  1N81 
_struct.title                     'Crystal structure of Pfg27 from Plasmodium falciparum' 
_struct.pdbx_model_details        ? 
_struct.pdbx_CASP_flag            ? 
_struct.pdbx_model_type_details   ? 
# 
_struct_keywords.entry_id        1N81 
_struct_keywords.pdbx_keywords   'UNKNOWN FUNCTION' 
_struct_keywords.text            'Gametocyte, helical, helix-turn-helix, pxxp, UNKNOWN FUNCTION' 
# 
loop_
_struct_asym.id 
_struct_asym.pdbx_blank_PDB_chainid_flag 
_struct_asym.pdbx_modified 
_struct_asym.entity_id 
_struct_asym.details 
A N N 1 ? 
B N N 2 ? 
# 
_struct_ref.id                         1 
_struct_ref.db_name                    UNP 
_struct_ref.db_code                    Q8IEU2_PLAF7 
_struct_ref.pdbx_db_accession          Q8IEU2 
_struct_ref.entity_id                  1 
_struct_ref.pdbx_seq_one_letter_code   
;YHYEHETHAPLSPRIRKVGDIEFHACSDYIYLLMTLSKDPEKFNYALKDRVSIRRYVRKNQNRYNYFLIEERVQDNIVNR
ISDRLISYCTDKEVTEDYIKKIDDYLWVEQRVIEEVSINVDHAREVKEKKRIMNDKKLIRMLFDTYEYVKDVKFTDDQYK
DAAARISQFLIDVVDSYIIKPIPALP
;
_struct_ref.pdbx_align_begin           21 
_struct_ref.pdbx_db_isoform            ? 
# 
_struct_ref_seq.align_id                      1 
_struct_ref_seq.ref_id                        1 
_struct_ref_seq.pdbx_PDB_id_code              1N81 
_struct_ref_seq.pdbx_strand_id                A 
_struct_ref_seq.seq_align_beg                 1 
_struct_ref_seq.pdbx_seq_align_beg_ins_code   ? 
_struct_ref_seq.seq_align_end                 186 
_struct_ref_seq.pdbx_seq_align_end_ins_code   ? 
_struct_ref_seq.pdbx_db_accession             Q8IEU2 
_struct_ref_seq.db_align_beg                  21 
_struct_ref_seq.pdbx_db_align_beg_ins_code    ? 
_struct_ref_seq.db_align_end                  206 
_struct_ref_seq.pdbx_db_align_end_ins_code    ? 
_struct_ref_seq.pdbx_auth_seq_align_beg       21 
_struct_ref_seq.pdbx_auth_seq_align_end       206 
# 
_pdbx_struct_assembly.id                   1 
_pdbx_struct_assembly.details              author_defined_assembly 
_pdbx_struct_assembly.method_details       ? 
_pdbx_struct_assembly.oligomeric_details   monomeric 
_pdbx_struct_assembly.oligomeric_count     1 
# 
_pdbx_struct_assembly_gen.assembly_id       1 
_pdbx_struct_assembly_gen.oper_expression   1 
_pdbx_struct_assembly_gen.asym_id_list      A,B 
# 
_pdbx_struct_oper_list.id                   1 
_pdbx_struct_oper_list.type                 'identity operation' 
_pdbx_struct_oper_list.name                 1_555 
_pdbx_struct_oper_list.symmetry_operation   x,y,z 
_pdbx_struct_oper_list.matrix[1][1]         1.0000000000 
_pdbx_struct_oper_list.matrix[1][2]         0.0000000000 
_pdbx_struct_oper_list.matrix[1][3]         0.0000000000 
_pdbx_struct_oper_list.vector[1]            0.0000000000 
_pdbx_struct_oper_list.matrix[2][1]         0.0000000000 
_pdbx_struct_oper_list.matrix[2][2]         1.0000000000 
_pdbx_struct_oper_list.matrix[2][3]         0.0000000000 
_pdbx_struct_oper_list.vector[2]            0.0000000000 
_pdbx_struct_oper_list.matrix[3][1]         0.0000000000 
_pdbx_struct_oper_list.matrix[3][2]         0.0000000000 
_pdbx_struct_oper_list.matrix[3][3]         1.0000000000 
_pdbx_struct_oper_list.vector[3]            0.0000000000 
# 
_struct_biol.id                    1 
_struct_biol.pdbx_parent_biol_id   ? 
_struct_biol.details               ? 
# 
loop_
_struct_conf.conf_type_id 
_struct_conf.id 
_struct_conf.pdbx_PDB_helix_id 
_struct_conf.beg_label_comp_id 
_struct_conf.beg_label_asym_id 
_struct_conf.beg_label_seq_id 
_struct_conf.pdbx_beg_PDB_ins_code 
_struct_conf.end_label_comp_id 
_struct_conf.end_label_asym_id 
_struct_conf.end_label_seq_id 
_struct_conf.pdbx_end_PDB_ins_code 
_struct_conf.beg_auth_comp_id 
_struct_conf.beg_auth_asym_id 
_struct_conf.beg_auth_seq_id 
_struct_conf.end_auth_comp_id 
_struct_conf.end_auth_asym_id 
_struct_conf.end_auth_seq_id 
_struct_conf.pdbx_PDB_helix_class 
_struct_conf.details 
_struct_conf.pdbx_PDB_helix_length 
HELX_P HELX_P1 1 SER A 12  ? LEU A 36  ? SER A 32  LEU A 56  1 ? 25 
HELX_P HELX_P2 2 GLU A 41  ? LYS A 48  ? GLU A 61  LYS A 68  1 ? 8  
HELX_P HELX_P3 3 ASP A 49  ? TYR A 64  ? ASP A 69  TYR A 84  1 ? 16 
HELX_P HELX_P4 4 GLU A 70  ? THR A 90  ? GLU A 90  THR A 110 1 ? 21 
HELX_P HELX_P5 5 THR A 95  ? ALA A 123 ? THR A 115 ALA A 143 1 ? 29 
HELX_P HELX_P6 6 GLU A 125 ? ASN A 134 ? GLU A 145 ASN A 154 1 ? 10 
HELX_P HELX_P7 7 ASP A 135 ? ASP A 151 ? ASP A 155 ASP A 171 1 ? 17 
HELX_P HELX_P8 8 THR A 155 ? VAL A 174 ? THR A 175 VAL A 194 1 ? 20 
# 
_struct_conf_type.id          HELX_P 
_struct_conf_type.criteria    ? 
_struct_conf_type.reference   ? 
# 
_pdbx_validate_close_contact.id               1 
_pdbx_validate_close_contact.PDB_model_num    1 
_pdbx_validate_close_contact.auth_atom_id_1   O 
_pdbx_validate_close_contact.auth_asym_id_1   A 
_pdbx_validate_close_contact.auth_comp_id_1   TYR 
_pdbx_validate_close_contact.auth_seq_id_1    23 
_pdbx_validate_close_contact.PDB_ins_code_1   ? 
_pdbx_validate_close_contact.label_alt_id_1   ? 
_pdbx_validate_close_contact.auth_atom_id_2   N 
_pdbx_validate_close_contact.auth_asym_id_2   A 
_pdbx_validate_close_contact.auth_comp_id_2   HIS 
_pdbx_validate_close_contact.auth_seq_id_2    25 
_pdbx_validate_close_contact.PDB_ins_code_2   ? 
_pdbx_validate_close_contact.label_alt_id_2   ? 
_pdbx_validate_close_contact.dist             2.02 
# 
_pdbx_validate_symm_contact.id                1 
_pdbx_validate_symm_contact.PDB_model_num     1 
_pdbx_validate_symm_contact.auth_atom_id_1    OE1 
_pdbx_validate_symm_contact.auth_asym_id_1    A 
_pdbx_validate_symm_contact.auth_comp_id_1    GLU 
_pdbx_validate_symm_contact.auth_seq_id_1     26 
_pdbx_validate_symm_contact.PDB_ins_code_1    ? 
_pdbx_validate_symm_contact.label_alt_id_1    ? 
_pdbx_validate_symm_contact.site_symmetry_1   1_555 
_pdbx_validate_symm_contact.auth_atom_id_2    OE2 
_pdbx_validate_symm_contact.auth_asym_id_2    A 
_pdbx_validate_symm_contact.auth_comp_id_2    GLU 
_pdbx_validate_symm_contact.auth_seq_id_2     134 
_pdbx_validate_symm_contact.PDB_ins_code_2    ? 
_pdbx_validate_symm_contact.label_alt_id_2    ? 
_pdbx_validate_symm_contact.site_symmetry_2   4_566 
_pdbx_validate_symm_contact.dist              2.15 
# 
loop_
_pdbx_validate_torsion.id 
_pdbx_validate_torsion.PDB_model_num 
_pdbx_validate_torsion.auth_comp_id 
_pdbx_validate_torsion.auth_asym_id 
_pdbx_validate_torsion.auth_seq_id 
_pdbx_validate_torsion.PDB_ins_code 
_pdbx_validate_torsion.label_alt_id 
_pdbx_validate_torsion.phi 
_pdbx_validate_torsion.psi 
1  1 GLU A 24  ? ? -51.05  18.36   
2  1 HIS A 25  ? ? 70.02   -42.45  
3  1 HIS A 28  ? ? 73.45   65.23   
4  1 ALA A 29  ? ? -52.83  -171.52 
5  1 PRO A 30  ? ? -62.05  92.11   
6  1 GLU A 61  ? ? 76.46   -52.49  
7  1 LEU A 88  ? ? -88.40  48.41   
8  1 ASP A 111 ? ? -142.94 -96.97  
9  1 LYS A 112 ? ? -38.14  159.48  
10 1 VAL A 114 ? ? -68.64  79.83   
11 1 ASP A 155 ? ? -69.25  91.02   
# 
_pdbx_validate_planes.id              1 
_pdbx_validate_planes.PDB_model_num   1 
_pdbx_validate_planes.auth_comp_id    TYR 
_pdbx_validate_planes.auth_asym_id    A 
_pdbx_validate_planes.auth_seq_id     179 
_pdbx_validate_planes.PDB_ins_code    ? 
_pdbx_validate_planes.label_alt_id    ? 
_pdbx_validate_planes.rmsd            0.076 
_pdbx_validate_planes.type            'SIDE CHAIN' 
# 
loop_
_chem_comp_atom.comp_id 
_chem_comp_atom.atom_id 
_chem_comp_atom.type_symbol 
_chem_comp_atom.pdbx_aromatic_flag 
_chem_comp_atom.pdbx_stereo_config 
_chem_comp_atom.pdbx_ordinal 
ALA N    N N N 1   
ALA CA   C N S 2   
ALA C    C N N 3   
ALA O    O N N 4   
ALA CB   C N N 5   
ALA OXT  O N N 6   
ALA H    H N N 7   
ALA H2   H N N 8   
ALA HA   H N N 9   
ALA HB1  H N N 10  
ALA HB2  H N N 11  
ALA HB3  H N N 12  
ALA HXT  H N N 13  
ARG N    N N N 14  
ARG CA   C N S 15  
ARG C    C N N 16  
ARG O    O N N 17  
ARG CB   C N N 18  
ARG CG   C N N 19  
ARG CD   C N N 20  
ARG NE   N N N 21  
ARG CZ   C N N 22  
ARG NH1  N N N 23  
ARG NH2  N N N 24  
ARG OXT  O N N 25  
ARG H    H N N 26  
ARG H2   H N N 27  
ARG HA   H N N 28  
ARG HB2  H N N 29  
ARG HB3  H N N 30  
ARG HG2  H N N 31  
ARG HG3  H N N 32  
ARG HD2  H N N 33  
ARG HD3  H N N 34  
ARG HE   H N N 35  
ARG HH11 H N N 36  
ARG HH12 H N N 37  
ARG HH21 H N N 38  
ARG HH22 H N N 39  
ARG HXT  H N N 40  
ASN N    N N N 41  
ASN CA   C N S 42  
ASN C    C N N 43  
ASN O    O N N 44  
ASN CB   C N N 45  
ASN CG   C N N 46  
ASN OD1  O N N 47  
ASN ND2  N N N 48  
ASN OXT  O N N 49  
ASN H    H N N 50  
ASN H2   H N N 51  
ASN HA   H N N 52  
ASN HB2  H N N 53  
ASN HB3  H N N 54  
ASN HD21 H N N 55  
ASN HD22 H N N 56  
ASN HXT  H N N 57  
ASP N    N N N 58  
ASP CA   C N S 59  
ASP C    C N N 60  
ASP O    O N N 61  
ASP CB   C N N 62  
ASP CG   C N N 63  
ASP OD1  O N N 64  
ASP OD2  O N N 65  
ASP OXT  O N N 66  
ASP H    H N N 67  
ASP H2   H N N 68  
ASP HA   H N N 69  
ASP HB2  H N N 70  
ASP HB3  H N N 71  
ASP HD2  H N N 72  
ASP HXT  H N N 73  
CYS N    N N N 74  
CYS CA   C N R 75  
CYS C    C N N 76  
CYS O    O N N 77  
CYS CB   C N N 78  
CYS SG   S N N 79  
CYS OXT  O N N 80  
CYS H    H N N 81  
CYS H2   H N N 82  
CYS HA   H N N 83  
CYS HB2  H N N 84  
CYS HB3  H N N 85  
CYS HG   H N N 86  
CYS HXT  H N N 87  
GLN N    N N N 88  
GLN CA   C N S 89  
GLN C    C N N 90  
GLN O    O N N 91  
GLN CB   C N N 92  
GLN CG   C N N 93  
GLN CD   C N N 94  
GLN OE1  O N N 95  
GLN NE2  N N N 96  
GLN OXT  O N N 97  
GLN H    H N N 98  
GLN H2   H N N 99  
GLN HA   H N N 100 
GLN HB2  H N N 101 
GLN HB3  H N N 102 
GLN HG2  H N N 103 
GLN HG3  H N N 104 
GLN HE21 H N N 105 
GLN HE22 H N N 106 
GLN HXT  H N N 107 
GLU N    N N N 108 
GLU CA   C N S 109 
GLU C    C N N 110 
GLU O    O N N 111 
GLU CB   C N N 112 
GLU CG   C N N 113 
GLU CD   C N N 114 
GLU OE1  O N N 115 
GLU OE2  O N N 116 
GLU OXT  O N N 117 
GLU H    H N N 118 
GLU H2   H N N 119 
GLU HA   H N N 120 
GLU HB2  H N N 121 
GLU HB3  H N N 122 
GLU HG2  H N N 123 
GLU HG3  H N N 124 
GLU HE2  H N N 125 
GLU HXT  H N N 126 
GLY N    N N N 127 
GLY CA   C N N 128 
GLY C    C N N 129 
GLY O    O N N 130 
GLY OXT  O N N 131 
GLY H    H N N 132 
GLY H2   H N N 133 
GLY HA2  H N N 134 
GLY HA3  H N N 135 
GLY HXT  H N N 136 
HIS N    N N N 137 
HIS CA   C N S 138 
HIS C    C N N 139 
HIS O    O N N 140 
HIS CB   C N N 141 
HIS CG   C Y N 142 
HIS ND1  N Y N 143 
HIS CD2  C Y N 144 
HIS CE1  C Y N 145 
HIS NE2  N Y N 146 
HIS OXT  O N N 147 
HIS H    H N N 148 
HIS H2   H N N 149 
HIS HA   H N N 150 
HIS HB2  H N N 151 
HIS HB3  H N N 152 
HIS HD1  H N N 153 
HIS HD2  H N N 154 
HIS HE1  H N N 155 
HIS HE2  H N N 156 
HIS HXT  H N N 157 
HOH O    O N N 158 
HOH H1   H N N 159 
HOH H2   H N N 160 
ILE N    N N N 161 
ILE CA   C N S 162 
ILE C    C N N 163 
ILE O    O N N 164 
ILE CB   C N S 165 
ILE CG1  C N N 166 
ILE CG2  C N N 167 
ILE CD1  C N N 168 
ILE OXT  O N N 169 
ILE H    H N N 170 
ILE H2   H N N 171 
ILE HA   H N N 172 
ILE HB   H N N 173 
ILE HG12 H N N 174 
ILE HG13 H N N 175 
ILE HG21 H N N 176 
ILE HG22 H N N 177 
ILE HG23 H N N 178 
ILE HD11 H N N 179 
ILE HD12 H N N 180 
ILE HD13 H N N 181 
ILE HXT  H N N 182 
LEU N    N N N 183 
LEU CA   C N S 184 
LEU C    C N N 185 
LEU O    O N N 186 
LEU CB   C N N 187 
LEU CG   C N N 188 
LEU CD1  C N N 189 
LEU CD2  C N N 190 
LEU OXT  O N N 191 
LEU H    H N N 192 
LEU H2   H N N 193 
LEU HA   H N N 194 
LEU HB2  H N N 195 
LEU HB3  H N N 196 
LEU HG   H N N 197 
LEU HD11 H N N 198 
LEU HD12 H N N 199 
LEU HD13 H N N 200 
LEU HD21 H N N 201 
LEU HD22 H N N 202 
LEU HD23 H N N 203 
LEU HXT  H N N 204 
LYS N    N N N 205 
LYS CA   C N S 206 
LYS C    C N N 207 
LYS O    O N N 208 
LYS CB   C N N 209 
LYS CG   C N N 210 
LYS CD   C N N 211 
LYS CE   C N N 212 
LYS NZ   N N N 213 
LYS OXT  O N N 214 
LYS H    H N N 215 
LYS H2   H N N 216 
LYS HA   H N N 217 
LYS HB2  H N N 218 
LYS HB3  H N N 219 
LYS HG2  H N N 220 
LYS HG3  H N N 221 
LYS HD2  H N N 222 
LYS HD3  H N N 223 
LYS HE2  H N N 224 
LYS HE3  H N N 225 
LYS HZ1  H N N 226 
LYS HZ2  H N N 227 
LYS HZ3  H N N 228 
LYS HXT  H N N 229 
MET N    N N N 230 
MET CA   C N S 231 
MET C    C N N 232 
MET O    O N N 233 
MET CB   C N N 234 
MET CG   C N N 235 
MET SD   S N N 236 
MET CE   C N N 237 
MET OXT  O N N 238 
MET H    H N N 239 
MET H2   H N N 240 
MET HA   H N N 241 
MET HB2  H N N 242 
MET HB3  H N N 243 
MET HG2  H N N 244 
MET HG3  H N N 245 
MET HE1  H N N 246 
MET HE2  H N N 247 
MET HE3  H N N 248 
MET HXT  H N N 249 
PHE N    N N N 250 
PHE CA   C N S 251 
PHE C    C N N 252 
PHE O    O N N 253 
PHE CB   C N N 254 
PHE CG   C Y N 255 
PHE CD1  C Y N 256 
PHE CD2  C Y N 257 
PHE CE1  C Y N 258 
PHE CE2  C Y N 259 
PHE CZ   C Y N 260 
PHE OXT  O N N 261 
PHE H    H N N 262 
PHE H2   H N N 263 
PHE HA   H N N 264 
PHE HB2  H N N 265 
PHE HB3  H N N 266 
PHE HD1  H N N 267 
PHE HD2  H N N 268 
PHE HE1  H N N 269 
PHE HE2  H N N 270 
PHE HZ   H N N 271 
PHE HXT  H N N 272 
PRO N    N N N 273 
PRO CA   C N S 274 
PRO C    C N N 275 
PRO O    O N N 276 
PRO CB   C N N 277 
PRO CG   C N N 278 
PRO CD   C N N 279 
PRO OXT  O N N 280 
PRO H    H N N 281 
PRO HA   H N N 282 
PRO HB2  H N N 283 
PRO HB3  H N N 284 
PRO HG2  H N N 285 
PRO HG3  H N N 286 
PRO HD2  H N N 287 
PRO HD3  H N N 288 
PRO HXT  H N N 289 
SER N    N N N 290 
SER CA   C N S 291 
SER C    C N N 292 
SER O    O N N 293 
SER CB   C N N 294 
SER OG   O N N 295 
SER OXT  O N N 296 
SER H    H N N 297 
SER H2   H N N 298 
SER HA   H N N 299 
SER HB2  H N N 300 
SER HB3  H N N 301 
SER HG   H N N 302 
SER HXT  H N N 303 
THR N    N N N 304 
THR CA   C N S 305 
THR C    C N N 306 
THR O    O N N 307 
THR CB   C N R 308 
THR OG1  O N N 309 
THR CG2  C N N 310 
THR OXT  O N N 311 
THR H    H N N 312 
THR H2   H N N 313 
THR HA   H N N 314 
THR HB   H N N 315 
THR HG1  H N N 316 
THR HG21 H N N 317 
THR HG22 H N N 318 
THR HG23 H N N 319 
THR HXT  H N N 320 
TRP N    N N N 321 
TRP CA   C N S 322 
TRP C    C N N 323 
TRP O    O N N 324 
TRP CB   C N N 325 
TRP CG   C Y N 326 
TRP CD1  C Y N 327 
TRP CD2  C Y N 328 
TRP NE1  N Y N 329 
TRP CE2  C Y N 330 
TRP CE3  C Y N 331 
TRP CZ2  C Y N 332 
TRP CZ3  C Y N 333 
TRP CH2  C Y N 334 
TRP OXT  O N N 335 
TRP H    H N N 336 
TRP H2   H N N 337 
TRP HA   H N N 338 
TRP HB2  H N N 339 
TRP HB3  H N N 340 
TRP HD1  H N N 341 
TRP HE1  H N N 342 
TRP HE3  H N N 343 
TRP HZ2  H N N 344 
TRP HZ3  H N N 345 
TRP HH2  H N N 346 
TRP HXT  H N N 347 
TYR N    N N N 348 
TYR CA   C N S 349 
TYR C    C N N 350 
TYR O    O N N 351 
TYR CB   C N N 352 
TYR CG   C Y N 353 
TYR CD1  C Y N 354 
TYR CD2  C Y N 355 
TYR CE1  C Y N 356 
TYR CE2  C Y N 357 
TYR CZ   C Y N 358 
TYR OH   O N N 359 
TYR OXT  O N N 360 
TYR H    H N N 361 
TYR H2   H N N 362 
TYR HA   H N N 363 
TYR HB2  H N N 364 
TYR HB3  H N N 365 
TYR HD1  H N N 366 
TYR HD2  H N N 367 
TYR HE1  H N N 368 
TYR HE2  H N N 369 
TYR HH   H N N 370 
TYR HXT  H N N 371 
VAL N    N N N 372 
VAL CA   C N S 373 
VAL C    C N N 374 
VAL O    O N N 375 
VAL CB   C N N 376 
VAL CG1  C N N 377 
VAL CG2  C N N 378 
VAL OXT  O N N 379 
VAL H    H N N 380 
VAL H2   H N N 381 
VAL HA   H N N 382 
VAL HB   H N N 383 
VAL HG11 H N N 384 
VAL HG12 H N N 385 
VAL HG13 H N N 386 
VAL HG21 H N N 387 
VAL HG22 H N N 388 
VAL HG23 H N N 389 
VAL HXT  H N N 390 
# 
loop_
_chem_comp_bond.comp_id 
_chem_comp_bond.atom_id_1 
_chem_comp_bond.atom_id_2 
_chem_comp_bond.value_order 
_chem_comp_bond.pdbx_aromatic_flag 
_chem_comp_bond.pdbx_stereo_config 
_chem_comp_bond.pdbx_ordinal 
ALA N   CA   sing N N 1   
ALA N   H    sing N N 2   
ALA N   H2   sing N N 3   
ALA CA  C    sing N N 4   
ALA CA  CB   sing N N 5   
ALA CA  HA   sing N N 6   
ALA C   O    doub N N 7   
ALA C   OXT  sing N N 8   
ALA CB  HB1  sing N N 9   
ALA CB  HB2  sing N N 10  
ALA CB  HB3  sing N N 11  
ALA OXT HXT  sing N N 12  
ARG N   CA   sing N N 13  
ARG N   H    sing N N 14  
ARG N   H2   sing N N 15  
ARG CA  C    sing N N 16  
ARG CA  CB   sing N N 17  
ARG CA  HA   sing N N 18  
ARG C   O    doub N N 19  
ARG C   OXT  sing N N 20  
ARG CB  CG   sing N N 21  
ARG CB  HB2  sing N N 22  
ARG CB  HB3  sing N N 23  
ARG CG  CD   sing N N 24  
ARG CG  HG2  sing N N 25  
ARG CG  HG3  sing N N 26  
ARG CD  NE   sing N N 27  
ARG CD  HD2  sing N N 28  
ARG CD  HD3  sing N N 29  
ARG NE  CZ   sing N N 30  
ARG NE  HE   sing N N 31  
ARG CZ  NH1  sing N N 32  
ARG CZ  NH2  doub N N 33  
ARG NH1 HH11 sing N N 34  
ARG NH1 HH12 sing N N 35  
ARG NH2 HH21 sing N N 36  
ARG NH2 HH22 sing N N 37  
ARG OXT HXT  sing N N 38  
ASN N   CA   sing N N 39  
ASN N   H    sing N N 40  
ASN N   H2   sing N N 41  
ASN CA  C    sing N N 42  
ASN CA  CB   sing N N 43  
ASN CA  HA   sing N N 44  
ASN C   O    doub N N 45  
ASN C   OXT  sing N N 46  
ASN CB  CG   sing N N 47  
ASN CB  HB2  sing N N 48  
ASN CB  HB3  sing N N 49  
ASN CG  OD1  doub N N 50  
ASN CG  ND2  sing N N 51  
ASN ND2 HD21 sing N N 52  
ASN ND2 HD22 sing N N 53  
ASN OXT HXT  sing N N 54  
ASP N   CA   sing N N 55  
ASP N   H    sing N N 56  
ASP N   H2   sing N N 57  
ASP CA  C    sing N N 58  
ASP CA  CB   sing N N 59  
ASP CA  HA   sing N N 60  
ASP C   O    doub N N 61  
ASP C   OXT  sing N N 62  
ASP CB  CG   sing N N 63  
ASP CB  HB2  sing N N 64  
ASP CB  HB3  sing N N 65  
ASP CG  OD1  doub N N 66  
ASP CG  OD2  sing N N 67  
ASP OD2 HD2  sing N N 68  
ASP OXT HXT  sing N N 69  
CYS N   CA   sing N N 70  
CYS N   H    sing N N 71  
CYS N   H2   sing N N 72  
CYS CA  C    sing N N 73  
CYS CA  CB   sing N N 74  
CYS CA  HA   sing N N 75  
CYS C   O    doub N N 76  
CYS C   OXT  sing N N 77  
CYS CB  SG   sing N N 78  
CYS CB  HB2  sing N N 79  
CYS CB  HB3  sing N N 80  
CYS SG  HG   sing N N 81  
CYS OXT HXT  sing N N 82  
GLN N   CA   sing N N 83  
GLN N   H    sing N N 84  
GLN N   H2   sing N N 85  
GLN CA  C    sing N N 86  
GLN CA  CB   sing N N 87  
GLN CA  HA   sing N N 88  
GLN C   O    doub N N 89  
GLN C   OXT  sing N N 90  
GLN CB  CG   sing N N 91  
GLN CB  HB2  sing N N 92  
GLN CB  HB3  sing N N 93  
GLN CG  CD   sing N N 94  
GLN CG  HG2  sing N N 95  
GLN CG  HG3  sing N N 96  
GLN CD  OE1  doub N N 97  
GLN CD  NE2  sing N N 98  
GLN NE2 HE21 sing N N 99  
GLN NE2 HE22 sing N N 100 
GLN OXT HXT  sing N N 101 
GLU N   CA   sing N N 102 
GLU N   H    sing N N 103 
GLU N   H2   sing N N 104 
GLU CA  C    sing N N 105 
GLU CA  CB   sing N N 106 
GLU CA  HA   sing N N 107 
GLU C   O    doub N N 108 
GLU C   OXT  sing N N 109 
GLU CB  CG   sing N N 110 
GLU CB  HB2  sing N N 111 
GLU CB  HB3  sing N N 112 
GLU CG  CD   sing N N 113 
GLU CG  HG2  sing N N 114 
GLU CG  HG3  sing N N 115 
GLU CD  OE1  doub N N 116 
GLU CD  OE2  sing N N 117 
GLU OE2 HE2  sing N N 118 
GLU OXT HXT  sing N N 119 
GLY N   CA   sing N N 120 
GLY N   H    sing N N 121 
GLY N   H2   sing N N 122 
GLY CA  C    sing N N 123 
GLY CA  HA2  sing N N 124 
GLY CA  HA3  sing N N 125 
GLY C   O    doub N N 126 
GLY C   OXT  sing N N 127 
GLY OXT HXT  sing N N 128 
HIS N   CA   sing N N 129 
HIS N   H    sing N N 130 
HIS N   H2   sing N N 131 
HIS CA  C    sing N N 132 
HIS CA  CB   sing N N 133 
HIS CA  HA   sing N N 134 
HIS C   O    doub N N 135 
HIS C   OXT  sing N N 136 
HIS CB  CG   sing N N 137 
HIS CB  HB2  sing N N 138 
HIS CB  HB3  sing N N 139 
HIS CG  ND1  sing Y N 140 
HIS CG  CD2  doub Y N 141 
HIS ND1 CE1  doub Y N 142 
HIS ND1 HD1  sing N N 143 
HIS CD2 NE2  sing Y N 144 
HIS CD2 HD2  sing N N 145 
HIS CE1 NE2  sing Y N 146 
HIS CE1 HE1  sing N N 147 
HIS NE2 HE2  sing N N 148 
HIS OXT HXT  sing N N 149 
HOH O   H1   sing N N 150 
HOH O   H2   sing N N 151 
ILE N   CA   sing N N 152 
ILE N   H    sing N N 153 
ILE N   H2   sing N N 154 
ILE CA  C    sing N N 155 
ILE CA  CB   sing N N 156 
ILE CA  HA   sing N N 157 
ILE C   O    doub N N 158 
ILE C   OXT  sing N N 159 
ILE CB  CG1  sing N N 160 
ILE CB  CG2  sing N N 161 
ILE CB  HB   sing N N 162 
ILE CG1 CD1  sing N N 163 
ILE CG1 HG12 sing N N 164 
ILE CG1 HG13 sing N N 165 
ILE CG2 HG21 sing N N 166 
ILE CG2 HG22 sing N N 167 
ILE CG2 HG23 sing N N 168 
ILE CD1 HD11 sing N N 169 
ILE CD1 HD12 sing N N 170 
ILE CD1 HD13 sing N N 171 
ILE OXT HXT  sing N N 172 
LEU N   CA   sing N N 173 
LEU N   H    sing N N 174 
LEU N   H2   sing N N 175 
LEU CA  C    sing N N 176 
LEU CA  CB   sing N N 177 
LEU CA  HA   sing N N 178 
LEU C   O    doub N N 179 
LEU C   OXT  sing N N 180 
LEU CB  CG   sing N N 181 
LEU CB  HB2  sing N N 182 
LEU CB  HB3  sing N N 183 
LEU CG  CD1  sing N N 184 
LEU CG  CD2  sing N N 185 
LEU CG  HG   sing N N 186 
LEU CD1 HD11 sing N N 187 
LEU CD1 HD12 sing N N 188 
LEU CD1 HD13 sing N N 189 
LEU CD2 HD21 sing N N 190 
LEU CD2 HD22 sing N N 191 
LEU CD2 HD23 sing N N 192 
LEU OXT HXT  sing N N 193 
LYS N   CA   sing N N 194 
LYS N   H    sing N N 195 
LYS N   H2   sing N N 196 
LYS CA  C    sing N N 197 
LYS CA  CB   sing N N 198 
LYS CA  HA   sing N N 199 
LYS C   O    doub N N 200 
LYS C   OXT  sing N N 201 
LYS CB  CG   sing N N 202 
LYS CB  HB2  sing N N 203 
LYS CB  HB3  sing N N 204 
LYS CG  CD   sing N N 205 
LYS CG  HG2  sing N N 206 
LYS CG  HG3  sing N N 207 
LYS CD  CE   sing N N 208 
LYS CD  HD2  sing N N 209 
LYS CD  HD3  sing N N 210 
LYS CE  NZ   sing N N 211 
LYS CE  HE2  sing N N 212 
LYS CE  HE3  sing N N 213 
LYS NZ  HZ1  sing N N 214 
LYS NZ  HZ2  sing N N 215 
LYS NZ  HZ3  sing N N 216 
LYS OXT HXT  sing N N 217 
MET N   CA   sing N N 218 
MET N   H    sing N N 219 
MET N   H2   sing N N 220 
MET CA  C    sing N N 221 
MET CA  CB   sing N N 222 
MET CA  HA   sing N N 223 
MET C   O    doub N N 224 
MET C   OXT  sing N N 225 
MET CB  CG   sing N N 226 
MET CB  HB2  sing N N 227 
MET CB  HB3  sing N N 228 
MET CG  SD   sing N N 229 
MET CG  HG2  sing N N 230 
MET CG  HG3  sing N N 231 
MET SD  CE   sing N N 232 
MET CE  HE1  sing N N 233 
MET CE  HE2  sing N N 234 
MET CE  HE3  sing N N 235 
MET OXT HXT  sing N N 236 
PHE N   CA   sing N N 237 
PHE N   H    sing N N 238 
PHE N   H2   sing N N 239 
PHE CA  C    sing N N 240 
PHE CA  CB   sing N N 241 
PHE CA  HA   sing N N 242 
PHE C   O    doub N N 243 
PHE C   OXT  sing N N 244 
PHE CB  CG   sing N N 245 
PHE CB  HB2  sing N N 246 
PHE CB  HB3  sing N N 247 
PHE CG  CD1  doub Y N 248 
PHE CG  CD2  sing Y N 249 
PHE CD1 CE1  sing Y N 250 
PHE CD1 HD1  sing N N 251 
PHE CD2 CE2  doub Y N 252 
PHE CD2 HD2  sing N N 253 
PHE CE1 CZ   doub Y N 254 
PHE CE1 HE1  sing N N 255 
PHE CE2 CZ   sing Y N 256 
PHE CE2 HE2  sing N N 257 
PHE CZ  HZ   sing N N 258 
PHE OXT HXT  sing N N 259 
PRO N   CA   sing N N 260 
PRO N   CD   sing N N 261 
PRO N   H    sing N N 262 
PRO CA  C    sing N N 263 
PRO CA  CB   sing N N 264 
PRO CA  HA   sing N N 265 
PRO C   O    doub N N 266 
PRO C   OXT  sing N N 267 
PRO CB  CG   sing N N 268 
PRO CB  HB2  sing N N 269 
PRO CB  HB3  sing N N 270 
PRO CG  CD   sing N N 271 
PRO CG  HG2  sing N N 272 
PRO CG  HG3  sing N N 273 
PRO CD  HD2  sing N N 274 
PRO CD  HD3  sing N N 275 
PRO OXT HXT  sing N N 276 
SER N   CA   sing N N 277 
SER N   H    sing N N 278 
SER N   H2   sing N N 279 
SER CA  C    sing N N 280 
SER CA  CB   sing N N 281 
SER CA  HA   sing N N 282 
SER C   O    doub N N 283 
SER C   OXT  sing N N 284 
SER CB  OG   sing N N 285 
SER CB  HB2  sing N N 286 
SER CB  HB3  sing N N 287 
SER OG  HG   sing N N 288 
SER OXT HXT  sing N N 289 
THR N   CA   sing N N 290 
THR N   H    sing N N 291 
THR N   H2   sing N N 292 
THR CA  C    sing N N 293 
THR CA  CB   sing N N 294 
THR CA  HA   sing N N 295 
THR C   O    doub N N 296 
THR C   OXT  sing N N 297 
THR CB  OG1  sing N N 298 
THR CB  CG2  sing N N 299 
THR CB  HB   sing N N 300 
THR OG1 HG1  sing N N 301 
THR CG2 HG21 sing N N 302 
THR CG2 HG22 sing N N 303 
THR CG2 HG23 sing N N 304 
THR OXT HXT  sing N N 305 
TRP N   CA   sing N N 306 
TRP N   H    sing N N 307 
TRP N   H2   sing N N 308 
TRP CA  C    sing N N 309 
TRP CA  CB   sing N N 310 
TRP CA  HA   sing N N 311 
TRP C   O    doub N N 312 
TRP C   OXT  sing N N 313 
TRP CB  CG   sing N N 314 
TRP CB  HB2  sing N N 315 
TRP CB  HB3  sing N N 316 
TRP CG  CD1  doub Y N 317 
TRP CG  CD2  sing Y N 318 
TRP CD1 NE1  sing Y N 319 
TRP CD1 HD1  sing N N 320 
TRP CD2 CE2  doub Y N 321 
TRP CD2 CE3  sing Y N 322 
TRP NE1 CE2  sing Y N 323 
TRP NE1 HE1  sing N N 324 
TRP CE2 CZ2  sing Y N 325 
TRP CE3 CZ3  doub Y N 326 
TRP CE3 HE3  sing N N 327 
TRP CZ2 CH2  doub Y N 328 
TRP CZ2 HZ2  sing N N 329 
TRP CZ3 CH2  sing Y N 330 
TRP CZ3 HZ3  sing N N 331 
TRP CH2 HH2  sing N N 332 
TRP OXT HXT  sing N N 333 
TYR N   CA   sing N N 334 
TYR N   H    sing N N 335 
TYR N   H2   sing N N 336 
TYR CA  C    sing N N 337 
TYR CA  CB   sing N N 338 
TYR CA  HA   sing N N 339 
TYR C   O    doub N N 340 
TYR C   OXT  sing N N 341 
TYR CB  CG   sing N N 342 
TYR CB  HB2  sing N N 343 
TYR CB  HB3  sing N N 344 
TYR CG  CD1  doub Y N 345 
TYR CG  CD2  sing Y N 346 
TYR CD1 CE1  sing Y N 347 
TYR CD1 HD1  sing N N 348 
TYR CD2 CE2  doub Y N 349 
TYR CD2 HD2  sing N N 350 
TYR CE1 CZ   doub Y N 351 
TYR CE1 HE1  sing N N 352 
TYR CE2 CZ   sing Y N 353 
TYR CE2 HE2  sing N N 354 
TYR CZ  OH   sing N N 355 
TYR OH  HH   sing N N 356 
TYR OXT HXT  sing N N 357 
VAL N   CA   sing N N 358 
VAL N   H    sing N N 359 
VAL N   H2   sing N N 360 
VAL CA  C    sing N N 361 
VAL CA  CB   sing N N 362 
VAL CA  HA   sing N N 363 
VAL C   O    doub N N 364 
VAL C   OXT  sing N N 365 
VAL CB  CG1  sing N N 366 
VAL CB  CG2  sing N N 367 
VAL CB  HB   sing N N 368 
VAL CG1 HG11 sing N N 369 
VAL CG1 HG12 sing N N 370 
VAL CG1 HG13 sing N N 371 
VAL CG2 HG21 sing N N 372 
VAL CG2 HG22 sing N N 373 
VAL CG2 HG23 sing N N 374 
VAL OXT HXT  sing N N 375 
# 
_atom_sites.entry_id                    1N81 
_atom_sites.fract_transf_matrix[1][1]   -0.01308491 
_atom_sites.fract_transf_matrix[1][2]   -0.00870295 
_atom_sites.fract_transf_matrix[1][3]   -0.00644205 
_atom_sites.fract_transf_matrix[2][1]   -0.00420361 
_atom_sites.fract_transf_matrix[2][2]   0.00058429 
_atom_sites.fract_transf_matrix[2][3]   0.00774890 
_atom_sites.fract_transf_matrix[3][1]   -0.00463255 
_atom_sites.fract_transf_matrix[3][2]   0.00934696 
_atom_sites.fract_transf_matrix[3][3]   -0.00321785 
_atom_sites.fract_transf_vector[1]      1.320894 
_atom_sites.fract_transf_vector[2]      0.352714 
_atom_sites.fract_transf_vector[3]      0.519581 
# 
loop_
_atom_type.symbol 
C 
N 
O 
S 
# 
loop_
_atom_site.group_PDB 
_atom_site.id 
_atom_site.type_symbol 
_atom_site.label_atom_id 
_atom_site.label_alt_id 
_atom_site.label_comp_id 
_atom_site.label_asym_id 
_atom_site.label_entity_id 
_atom_site.label_seq_id 
_atom_site.pdbx_PDB_ins_code 
_atom_site.Cartn_x 
_atom_site.Cartn_y 
_atom_site.Cartn_z 
_atom_site.occupancy 
_atom_site.B_iso_or_equiv 
_atom_site.pdbx_formal_charge 
_atom_site.auth_seq_id 
_atom_site.auth_comp_id 
_atom_site.auth_asym_id 
_atom_site.auth_atom_id 
_atom_site.pdbx_PDB_model_num 
ATOM   1    N N   . TYR A 1 1   ? -23.868 8.940   25.812  1.00 69.16  ? 21  TYR A N   1 
ATOM   2    C CA  . TYR A 1 1   ? -22.684 8.133   25.379  1.00 74.26  ? 21  TYR A CA  1 
ATOM   3    C C   . TYR A 1 1   ? -22.961 7.303   24.129  1.00 75.11  ? 21  TYR A C   1 
ATOM   4    O O   . TYR A 1 1   ? -23.875 6.472   24.089  1.00 70.80  ? 21  TYR A O   1 
ATOM   5    C CB  . TYR A 1 1   ? -22.220 7.175   26.488  1.00 62.50  ? 21  TYR A CB  1 
ATOM   6    C CG  . TYR A 1 1   ? -20.965 6.389   26.134  1.00 62.80  ? 21  TYR A CG  1 
ATOM   7    C CD1 . TYR A 1 1   ? -19.776 7.054   25.789  1.00 66.46  ? 21  TYR A CD1 1 
ATOM   8    C CD2 . TYR A 1 1   ? -20.944 4.991   26.196  1.00 59.73  ? 21  TYR A CD2 1 
ATOM   9    C CE1 . TYR A 1 1   ? -18.589 6.345   25.523  1.00 53.74  ? 21  TYR A CE1 1 
ATOM   10   C CE2 . TYR A 1 1   ? -19.761 4.272   25.938  1.00 62.19  ? 21  TYR A CE2 1 
ATOM   11   C CZ  . TYR A 1 1   ? -18.578 4.953   25.608  1.00 58.62  ? 21  TYR A CZ  1 
ATOM   12   O OH  . TYR A 1 1   ? -17.377 4.256   25.430  1.00 41.39  ? 21  TYR A OH  1 
ATOM   13   N N   . HIS A 1 2   ? -22.161 7.539   23.106  1.00 75.21  ? 22  HIS A N   1 
ATOM   14   C CA  . HIS A 1 2   ? -22.300 6.797   21.879  1.00 84.08  ? 22  HIS A CA  1 
ATOM   15   C C   . HIS A 1 2   ? -20.916 6.326   21.498  1.00 86.67  ? 22  HIS A C   1 
ATOM   16   O O   . HIS A 1 2   ? -20.179 7.058   20.838  1.00 96.66  ? 22  HIS A O   1 
ATOM   17   C CB  . HIS A 1 2   ? -22.892 7.680   20.771  1.00 85.23  ? 22  HIS A CB  1 
ATOM   18   C CG  . HIS A 1 2   ? -22.857 7.046   19.415  1.00 93.64  ? 22  HIS A CG  1 
ATOM   19   N ND1 . HIS A 1 2   ? -21.781 7.175   18.562  1.00 99.34  ? 22  HIS A ND1 1 
ATOM   20   C CD2 . HIS A 1 2   ? -23.741 6.237   18.786  1.00 96.17  ? 22  HIS A CD2 1 
ATOM   21   C CE1 . HIS A 1 2   ? -22.003 6.470   17.466  1.00 99.51  ? 22  HIS A CE1 1 
ATOM   22   N NE2 . HIS A 1 2   ? -23.186 5.892   17.576  1.00 100.85 ? 22  HIS A NE2 1 
ATOM   23   N N   . TYR A 1 3   ? -20.531 5.136   21.958  1.00 83.99  ? 23  TYR A N   1 
ATOM   24   C CA  . TYR A 1 3   ? -19.225 4.614   21.577  1.00 82.51  ? 23  TYR A CA  1 
ATOM   25   C C   . TYR A 1 3   ? -19.477 4.361   20.106  1.00 91.13  ? 23  TYR A C   1 
ATOM   26   O O   . TYR A 1 3   ? -20.627 4.116   19.739  1.00 97.43  ? 23  TYR A O   1 
ATOM   27   C CB  . TYR A 1 3   ? -18.906 3.297   22.287  1.00 49.15  ? 23  TYR A CB  1 
ATOM   28   C CG  . TYR A 1 3   ? -17.596 2.686   21.835  1.00 61.41  ? 23  TYR A CG  1 
ATOM   29   C CD1 . TYR A 1 3   ? -16.447 3.468   21.754  1.00 48.82  ? 23  TYR A CD1 1 
ATOM   30   C CD2 . TYR A 1 3   ? -17.509 1.332   21.462  1.00 52.81  ? 23  TYR A CD2 1 
ATOM   31   C CE1 . TYR A 1 3   ? -15.240 2.934   21.308  1.00 52.88  ? 23  TYR A CE1 1 
ATOM   32   C CE2 . TYR A 1 3   ? -16.318 0.792   21.016  1.00 44.07  ? 23  TYR A CE2 1 
ATOM   33   C CZ  . TYR A 1 3   ? -15.183 1.600   20.941  1.00 51.68  ? 23  TYR A CZ  1 
ATOM   34   O OH  . TYR A 1 3   ? -13.984 1.104   20.502  1.00 55.13  ? 23  TYR A OH  1 
ATOM   35   N N   . GLU A 1 4   ? -18.446 4.451   19.262  1.00 98.27  ? 24  GLU A N   1 
ATOM   36   C CA  . GLU A 1 4   ? -18.623 4.221   17.826  1.00 103.52 ? 24  GLU A CA  1 
ATOM   37   C C   . GLU A 1 4   ? -19.346 2.902   17.652  1.00 106.90 ? 24  GLU A C   1 
ATOM   38   O O   . GLU A 1 4   ? -19.346 2.298   16.580  1.00 108.88 ? 24  GLU A O   1 
ATOM   39   C CB  . GLU A 1 4   ? -17.279 4.166   17.111  1.00 105.44 ? 24  GLU A CB  1 
ATOM   40   C CG  . GLU A 1 4   ? -16.613 5.513   16.963  1.00 114.51 ? 24  GLU A CG  1 
ATOM   41   C CD  . GLU A 1 4   ? -15.425 5.455   16.015  1.00 123.75 ? 24  GLU A CD  1 
ATOM   42   O OE1 . GLU A 1 4   ? -14.606 4.518   16.159  1.00 126.92 ? 24  GLU A OE1 1 
ATOM   43   O OE2 . GLU A 1 4   ? -15.308 6.336   15.129  1.00 122.15 ? 24  GLU A OE2 1 
ATOM   44   N N   . HIS A 1 5   ? -19.969 2.481   18.743  1.00 110.49 ? 25  HIS A N   1 
ATOM   45   C CA  . HIS A 1 5   ? -20.717 1.256   18.836  1.00 113.44 ? 25  HIS A CA  1 
ATOM   46   C C   . HIS A 1 5   ? -19.729 0.130   18.781  1.00 113.92 ? 25  HIS A C   1 
ATOM   47   O O   . HIS A 1 5   ? -19.839 -0.805  19.559  1.00 114.43 ? 25  HIS A O   1 
ATOM   48   C CB  . HIS A 1 5   ? -21.760 1.170   17.721  1.00 114.01 ? 25  HIS A CB  1 
ATOM   49   C CG  . HIS A 1 5   ? -23.024 1.909   18.043  1.00 117.55 ? 25  HIS A CG  1 
ATOM   50   N ND1 . HIS A 1 5   ? -23.776 1.631   19.166  1.00 119.16 ? 25  HIS A ND1 1 
ATOM   51   C CD2 . HIS A 1 5   ? -23.644 2.940   17.421  1.00 116.66 ? 25  HIS A CD2 1 
ATOM   52   C CE1 . HIS A 1 5   ? -24.802 2.461   19.224  1.00 119.06 ? 25  HIS A CE1 1 
ATOM   53   N NE2 . HIS A 1 5   ? -24.745 3.266   18.177  1.00 118.99 ? 25  HIS A NE2 1 
ATOM   54   N N   . GLU A 1 6   ? -18.751 0.257   17.884  1.00 106.17 ? 26  GLU A N   1 
ATOM   55   C CA  . GLU A 1 6   ? -17.698 -0.727  17.714  1.00 95.38  ? 26  GLU A CA  1 
ATOM   56   C C   . GLU A 1 6   ? -16.589 -0.244  16.782  1.00 97.23  ? 26  GLU A C   1 
ATOM   57   O O   . GLU A 1 6   ? -16.717 0.781   16.110  1.00 92.96  ? 26  GLU A O   1 
ATOM   58   C CB  . GLU A 1 6   ? -18.280 -2.048  17.226  1.00 93.19  ? 26  GLU A CB  1 
ATOM   59   C CG  . GLU A 1 6   ? -19.061 -2.764  18.305  1.00 84.54  ? 26  GLU A CG  1 
ATOM   60   C CD  . GLU A 1 6   ? -18.382 -2.650  19.658  1.00 85.19  ? 26  GLU A CD  1 
ATOM   61   O OE1 . GLU A 1 6   ? -17.151 -2.788  19.657  1.00 101.08 ? 26  GLU A OE1 1 
ATOM   62   O OE2 . GLU A 1 6   ? -19.052 -2.420  20.703  1.00 52.12  ? 26  GLU A OE2 1 
ATOM   63   N N   . THR A 1 7   ? -15.498 -1.000  16.747  1.00 97.51  ? 27  THR A N   1 
ATOM   64   C CA  . THR A 1 7   ? -14.338 -0.624  15.955  1.00 97.31  ? 27  THR A CA  1 
ATOM   65   C C   . THR A 1 7   ? -14.079 -1.411  14.672  1.00 91.97  ? 27  THR A C   1 
ATOM   66   O O   . THR A 1 7   ? -14.247 -2.625  14.621  1.00 80.71  ? 27  THR A O   1 
ATOM   67   C CB  . THR A 1 7   ? -13.078 -0.680  16.825  1.00 104.96 ? 27  THR A CB  1 
ATOM   68   O OG1 . THR A 1 7   ? -13.304 0.037   18.051  1.00 111.35 ? 27  THR A OG1 1 
ATOM   69   C CG2 . THR A 1 7   ? -11.902 -0.078  16.076  1.00 111.12 ? 27  THR A CG2 1 
ATOM   70   N N   . HIS A 1 8   ? -13.644 -0.678  13.651  1.00 91.94  ? 28  HIS A N   1 
ATOM   71   C CA  . HIS A 1 8   ? -13.342 -1.207  12.329  1.00 92.18  ? 28  HIS A CA  1 
ATOM   72   C C   . HIS A 1 8   ? -14.621 -1.528  11.624  1.00 93.17  ? 28  HIS A C   1 
ATOM   73   O O   . HIS A 1 8   ? -14.905 -2.687  11.345  1.00 100.10 ? 28  HIS A O   1 
ATOM   74   C CB  . HIS A 1 8   ? -12.491 -2.465  12.397  1.00 92.92  ? 28  HIS A CB  1 
ATOM   75   C CG  . HIS A 1 8   ? -11.187 -2.361  11.659  1.00 98.49  ? 28  HIS A CG  1 
ATOM   76   N ND1 . HIS A 1 8   ? -11.103 -2.387  10.284  1.00 101.51 ? 28  HIS A ND1 1 
ATOM   77   C CD2 . HIS A 1 8   ? -9.916  -2.243  12.113  1.00 95.52  ? 28  HIS A CD2 1 
ATOM   78   C CE1 . HIS A 1 8   ? -9.834  -2.289  9.923   1.00 101.85 ? 28  HIS A CE1 1 
ATOM   79   N NE2 . HIS A 1 8   ? -9.096  -2.201  11.013  1.00 95.01  ? 28  HIS A NE2 1 
ATOM   80   N N   . ALA A 1 9   ? -15.395 -0.486  11.347  1.00 97.42  ? 29  ALA A N   1 
ATOM   81   C CA  . ALA A 1 9   ? -16.669 -0.618  10.653  1.00 100.29 ? 29  ALA A CA  1 
ATOM   82   C C   . ALA A 1 9   ? -16.422 -1.398  9.366   1.00 99.23  ? 29  ALA A C   1 
ATOM   83   O O   . ALA A 1 9   ? -15.334 -1.939  9.151   1.00 99.04  ? 29  ALA A O   1 
ATOM   84   C CB  . ALA A 1 9   ? -17.235 0.779   10.331  1.00 96.96  ? 29  ALA A CB  1 
ATOM   85   N N   . PRO A 1 10  ? -17.433 -1.484  8.489   1.00 97.96  ? 30  PRO A N   1 
ATOM   86   C CA  . PRO A 1 10  ? -17.080 -2.243  7.294   1.00 90.75  ? 30  PRO A CA  1 
ATOM   87   C C   . PRO A 1 10  ? -15.938 -1.554  6.545   1.00 85.48  ? 30  PRO A C   1 
ATOM   88   O O   . PRO A 1 10  ? -16.182 -0.641  5.751   1.00 89.47  ? 30  PRO A O   1 
ATOM   89   C CB  . PRO A 1 10  ? -18.376 -2.243  6.485   1.00 93.62  ? 30  PRO A CB  1 
ATOM   90   C CG  . PRO A 1 10  ? -19.441 -2.185  7.548   1.00 95.22  ? 30  PRO A CG  1 
ATOM   91   C CD  . PRO A 1 10  ? -18.872 -1.157  8.507   1.00 97.94  ? 30  PRO A CD  1 
ATOM   92   N N   . LEU A 1 11  ? -14.698 -1.939  6.850   1.00 66.78  ? 31  LEU A N   1 
ATOM   93   C CA  . LEU A 1 11  ? -13.541 -1.413  6.125   1.00 57.92  ? 31  LEU A CA  1 
ATOM   94   C C   . LEU A 1 11  ? -14.025 -1.415  4.664   1.00 40.22  ? 31  LEU A C   1 
ATOM   95   O O   . LEU A 1 11  ? -14.681 -2.371  4.254   1.00 38.71  ? 31  LEU A O   1 
ATOM   96   C CB  . LEU A 1 11  ? -12.367 -2.396  6.262   1.00 48.70  ? 31  LEU A CB  1 
ATOM   97   C CG  . LEU A 1 11  ? -11.158 -2.248  5.326   1.00 49.32  ? 31  LEU A CG  1 
ATOM   98   C CD1 . LEU A 1 11  ? -10.336 -1.043  5.756   1.00 47.64  ? 31  LEU A CD1 1 
ATOM   99   C CD2 . LEU A 1 11  ? -10.294 -3.485  5.372   1.00 47.01  ? 31  LEU A CD2 1 
ATOM   100  N N   . SER A 1 12  ? -13.744 -0.373  3.882   1.00 44.75  ? 32  SER A N   1 
ATOM   101  C CA  . SER A 1 12  ? -14.179 -0.383  2.484   1.00 38.79  ? 32  SER A CA  1 
ATOM   102  C C   . SER A 1 12  ? -13.634 -1.600  1.728   1.00 44.34  ? 32  SER A C   1 
ATOM   103  O O   . SER A 1 12  ? -12.431 -1.869  1.779   1.00 37.61  ? 32  SER A O   1 
ATOM   104  C CB  . SER A 1 12  ? -13.701 0.880   1.765   1.00 39.85  ? 32  SER A CB  1 
ATOM   105  O OG  . SER A 1 12  ? -13.678 0.633   0.368   1.00 48.67  ? 32  SER A OG  1 
ATOM   106  N N   . PRO A 1 13  ? -14.497 -2.345  1.003   1.00 41.42  ? 33  PRO A N   1 
ATOM   107  C CA  . PRO A 1 13  ? -13.970 -3.506  0.282   1.00 39.26  ? 33  PRO A CA  1 
ATOM   108  C C   . PRO A 1 13  ? -12.966 -3.072  -0.787  1.00 46.02  ? 33  PRO A C   1 
ATOM   109  O O   . PRO A 1 13  ? -12.080 -3.851  -1.152  1.00 39.04  ? 33  PRO A O   1 
ATOM   110  C CB  . PRO A 1 13  ? -15.216 -4.150  -0.329  1.00 40.49  ? 33  PRO A CB  1 
ATOM   111  C CG  . PRO A 1 13  ? -16.287 -3.792  0.682   1.00 48.09  ? 33  PRO A CG  1 
ATOM   112  C CD  . PRO A 1 13  ? -15.971 -2.337  0.975   1.00 48.96  ? 33  PRO A CD  1 
ATOM   113  N N   . ARG A 1 14  ? -13.107 -1.842  -1.291  1.00 38.30  ? 34  ARG A N   1 
ATOM   114  C CA  . ARG A 1 14  ? -12.169 -1.342  -2.304  1.00 41.45  ? 34  ARG A CA  1 
ATOM   115  C C   . ARG A 1 14  ? -10.746 -1.202  -1.721  1.00 29.07  ? 34  ARG A C   1 
ATOM   116  O O   . ARG A 1 14  ? -9.763  -1.544  -2.386  1.00 35.11  ? 34  ARG A O   1 
ATOM   117  C CB  . ARG A 1 14  ? -12.582 0.027   -2.836  1.00 47.15  ? 34  ARG A CB  1 
ATOM   118  C CG  . ARG A 1 14  ? -11.667 0.417   -3.967  1.00 38.89  ? 34  ARG A CG  1 
ATOM   119  C CD  . ARG A 1 14  ? -11.933 1.807   -4.527  1.00 39.86  ? 34  ARG A CD  1 
ATOM   120  N NE  . ARG A 1 14  ? -11.545 1.725   -5.911  1.00 48.78  ? 34  ARG A NE  1 
ATOM   121  C CZ  . ARG A 1 14  ? -10.644 2.491   -6.471  1.00 42.78  ? 34  ARG A CZ  1 
ATOM   122  N NH1 . ARG A 1 14  ? -10.045 3.425   -5.758  1.00 68.73  ? 34  ARG A NH1 1 
ATOM   123  N NH2 . ARG A 1 14  ? -10.302 2.282   -7.722  1.00 42.91  ? 34  ARG A NH2 1 
ATOM   124  N N   . ILE A 1 15  ? -10.660 -0.697  -0.497  1.00 30.62  ? 35  ILE A N   1 
ATOM   125  C CA  . ILE A 1 15  ? -9.375  -0.551  0.192   1.00 32.70  ? 35  ILE A CA  1 
ATOM   126  C C   . ILE A 1 15  ? -8.778  -1.950  0.376   1.00 38.68  ? 35  ILE A C   1 
ATOM   127  O O   . ILE A 1 15  ? -7.615  -2.205  0.056   1.00 33.31  ? 35  ILE A O   1 
ATOM   128  C CB  . ILE A 1 15  ? -9.574  0.082   1.567   1.00 32.65  ? 35  ILE A CB  1 
ATOM   129  C CG1 . ILE A 1 15  ? -9.887  1.576   1.402   1.00 38.04  ? 35  ILE A CG1 1 
ATOM   130  C CG2 . ILE A 1 15  ? -8.328  -0.107  2.425   1.00 34.22  ? 35  ILE A CG2 1 
ATOM   131  C CD1 . ILE A 1 15  ? -8.679  2.402   0.987   1.00 41.08  ? 35  ILE A CD1 1 
ATOM   132  N N   . ARG A 1 16  ? -9.610  -2.868  0.856   1.00 35.03  ? 36  ARG A N   1 
ATOM   133  C CA  . ARG A 1 16  ? -9.178  -4.246  1.103   1.00 38.90  ? 36  ARG A CA  1 
ATOM   134  C C   . ARG A 1 16  ? -8.626  -4.907  -0.157  1.00 40.08  ? 36  ARG A C   1 
ATOM   135  O O   . ARG A 1 16  ? -7.553  -5.522  -0.116  1.00 39.80  ? 36  ARG A O   1 
ATOM   136  C CB  . ARG A 1 16  ? -10.362 -5.038  1.689   1.00 47.34  ? 36  ARG A CB  1 
ATOM   137  C CG  . ARG A 1 16  ? -10.153 -6.508  1.987   1.00 63.00  ? 36  ARG A CG  1 
ATOM   138  C CD  . ARG A 1 16  ? -11.384 -7.026  2.758   1.00 77.91  ? 36  ARG A CD  1 
ATOM   139  N NE  . ARG A 1 16  ? -11.268 -8.421  3.195   1.00 87.69  ? 36  ARG A NE  1 
ATOM   140  C CZ  . ARG A 1 16  ? -11.993 -8.964  4.171   1.00 90.41  ? 36  ARG A CZ  1 
ATOM   141  N NH1 . ARG A 1 16  ? -12.892 -8.233  4.821   1.00 85.85  ? 36  ARG A NH1 1 
ATOM   142  N NH2 . ARG A 1 16  ? -11.818 -10.238 4.499   1.00 93.13  ? 36  ARG A NH2 1 
ATOM   143  N N   . LYS A 1 17  ? -9.347  -4.786  -1.278  1.00 34.04  ? 37  LYS A N   1 
ATOM   144  C CA  . LYS A 1 17  ? -8.876  -5.390  -2.523  1.00 36.67  ? 37  LYS A CA  1 
ATOM   145  C C   . LYS A 1 17  ? -7.675  -4.691  -3.170  1.00 35.59  ? 37  LYS A C   1 
ATOM   146  O O   . LYS A 1 17  ? -6.710  -5.355  -3.577  1.00 38.94  ? 37  LYS A O   1 
ATOM   147  C CB  . LYS A 1 17  ? -10.008 -5.494  -3.555  1.00 34.83  ? 37  LYS A CB  1 
ATOM   148  C CG  . LYS A 1 17  ? -11.092 -6.509  -3.149  1.00 52.80  ? 37  LYS A CG  1 
ATOM   149  C CD  . LYS A 1 17  ? -12.299 -6.430  -4.057  1.00 61.90  ? 37  LYS A CD  1 
ATOM   150  C CE  . LYS A 1 17  ? -13.415 -7.352  -3.601  1.00 72.87  ? 37  LYS A CE  1 
ATOM   151  N NZ  . LYS A 1 17  ? -14.652 -7.080  -4.386  1.00 70.79  ? 37  LYS A NZ  1 
ATOM   152  N N   . VAL A 1 18  ? -7.717  -3.369  -3.283  1.00 30.38  ? 38  VAL A N   1 
ATOM   153  C CA  . VAL A 1 18  ? -6.596  -2.692  -3.920  1.00 35.40  ? 38  VAL A CA  1 
ATOM   154  C C   . VAL A 1 18  ? -5.356  -2.882  -3.021  1.00 31.76  ? 38  VAL A C   1 
ATOM   155  O O   . VAL A 1 18  ? -4.246  -3.096  -3.508  1.00 31.24  ? 38  VAL A O   1 
ATOM   156  C CB  . VAL A 1 18  ? -6.890  -1.186  -4.159  1.00 34.75  ? 38  VAL A CB  1 
ATOM   157  C CG1 . VAL A 1 18  ? -5.737  -0.551  -4.958  1.00 32.72  ? 38  VAL A CG1 1 
ATOM   158  C CG2 . VAL A 1 18  ? -8.167  -1.040  -4.959  1.00 36.96  ? 38  VAL A CG2 1 
ATOM   159  N N   . GLY A 1 19  ? -5.566  -2.833  -1.706  1.00 34.67  ? 39  GLY A N   1 
ATOM   160  C CA  . GLY A 1 19  ? -4.457  -3.054  -0.808  1.00 30.27  ? 39  GLY A CA  1 
ATOM   161  C C   . GLY A 1 19  ? -3.902  -4.462  -1.048  1.00 39.60  ? 39  GLY A C   1 
ATOM   162  O O   . GLY A 1 19  ? -2.704  -4.628  -1.250  1.00 31.06  ? 39  GLY A O   1 
ATOM   163  N N   . ASP A 1 20  ? -4.760  -5.485  -1.043  1.00 34.34  ? 40  ASP A N   1 
ATOM   164  C CA  . ASP A 1 20  ? -4.264  -6.848  -1.276  1.00 37.21  ? 40  ASP A CA  1 
ATOM   165  C C   . ASP A 1 20  ? -3.544  -6.978  -2.584  1.00 38.61  ? 40  ASP A C   1 
ATOM   166  O O   . ASP A 1 20  ? -2.483  -7.620  -2.670  1.00 42.62  ? 40  ASP A O   1 
ATOM   167  C CB  . ASP A 1 20  ? -5.399  -7.882  -1.197  1.00 37.43  ? 40  ASP A CB  1 
ATOM   168  C CG  . ASP A 1 20  ? -5.719  -8.269  0.243   1.00 37.20  ? 40  ASP A CG  1 
ATOM   169  O OD1 . ASP A 1 20  ? -4.959  -7.832  1.143   1.00 35.60  ? 40  ASP A OD1 1 
ATOM   170  O OD2 . ASP A 1 20  ? -6.698  -9.007  0.489   1.00 37.96  ? 40  ASP A OD2 1 
ATOM   171  N N   . ILE A 1 21  ? -4.102  -6.355  -3.610  1.00 36.19  ? 41  ILE A N   1 
ATOM   172  C CA  . ILE A 1 21  ? -3.495  -6.400  -4.922  1.00 35.41  ? 41  ILE A CA  1 
ATOM   173  C C   . ILE A 1 21  ? -2.064  -5.818  -4.969  1.00 37.59  ? 41  ILE A C   1 
ATOM   174  O O   . ILE A 1 21  ? -1.125  -6.477  -5.441  1.00 32.40  ? 41  ILE A O   1 
ATOM   175  C CB  . ILE A 1 21  ? -4.375  -5.650  -5.933  1.00 37.91  ? 41  ILE A CB  1 
ATOM   176  C CG1 . ILE A 1 21  ? -5.614  -6.507  -6.256  1.00 37.49  ? 41  ILE A CG1 1 
ATOM   177  C CG2 . ILE A 1 21  ? -3.582  -5.324  -7.188  1.00 31.55  ? 41  ILE A CG2 1 
ATOM   178  C CD1 . ILE A 1 21  ? -6.744  -5.724  -6.871  1.00 34.68  ? 41  ILE A CD1 1 
ATOM   179  N N   . GLU A 1 22  ? -1.923  -4.597  -4.470  1.00 32.87  ? 42  GLU A N   1 
ATOM   180  C CA  . GLU A 1 22  ? -0.648  -3.875  -4.438  1.00 31.30  ? 42  GLU A CA  1 
ATOM   181  C C   . GLU A 1 22  ? 0.391   -4.560  -3.558  1.00 37.54  ? 42  GLU A C   1 
ATOM   182  O O   . GLU A 1 22  ? 1.534   -4.749  -3.958  1.00 37.33  ? 42  GLU A O   1 
ATOM   183  C CB  . GLU A 1 22  ? -0.866  -2.450  -3.890  1.00 29.41  ? 42  GLU A CB  1 
ATOM   184  C CG  . GLU A 1 22  ? 0.445   -1.703  -3.553  1.00 33.84  ? 42  GLU A CG  1 
ATOM   185  C CD  . GLU A 1 22  ? 0.317   -0.172  -3.558  1.00 31.86  ? 42  GLU A CD  1 
ATOM   186  O OE1 . GLU A 1 22  ? 1.302   0.517   -3.193  1.00 38.33  ? 42  GLU A OE1 1 
ATOM   187  O OE2 . GLU A 1 22  ? -0.750  0.347   -3.938  1.00 31.56  ? 42  GLU A OE2 1 
ATOM   188  N N   . PHE A 1 23  ? -0.009  -4.944  -2.355  1.00 32.77  ? 43  PHE A N   1 
ATOM   189  C CA  . PHE A 1 23  ? 0.966   -5.542  -1.471  1.00 30.56  ? 43  PHE A CA  1 
ATOM   190  C C   . PHE A 1 23  ? 1.362   -6.975  -1.823  1.00 37.06  ? 43  PHE A C   1 
ATOM   191  O O   . PHE A 1 23  ? 2.506   -7.341  -1.611  1.00 36.26  ? 43  PHE A O   1 
ATOM   192  C CB  . PHE A 1 23  ? 0.506   -5.391  -0.003  1.00 26.17  ? 43  PHE A CB  1 
ATOM   193  C CG  . PHE A 1 23  ? 0.643   -3.977  0.523   1.00 33.92  ? 43  PHE A CG  1 
ATOM   194  C CD1 . PHE A 1 23  ? -0.425  -3.077  0.448   1.00 27.18  ? 43  PHE A CD1 1 
ATOM   195  C CD2 . PHE A 1 23  ? 1.868   -3.514  0.997   1.00 35.45  ? 43  PHE A CD2 1 
ATOM   196  C CE1 . PHE A 1 23  ? -0.281  -1.731  0.835   1.00 32.94  ? 43  PHE A CE1 1 
ATOM   197  C CE2 . PHE A 1 23  ? 2.037   -2.145  1.396   1.00 33.77  ? 43  PHE A CE2 1 
ATOM   198  C CZ  . PHE A 1 23  ? 0.948   -1.254  1.313   1.00 32.21  ? 43  PHE A CZ  1 
ATOM   199  N N   . HIS A 1 24  ? 0.448   -7.787  -2.362  1.00 37.58  ? 44  HIS A N   1 
ATOM   200  C CA  . HIS A 1 24  ? 0.845   -9.145  -2.754  1.00 40.62  ? 44  HIS A CA  1 
ATOM   201  C C   . HIS A 1 24  ? 1.665   -9.052  -4.019  1.00 36.39  ? 44  HIS A C   1 
ATOM   202  O O   . HIS A 1 24  ? 2.631   -9.801  -4.212  1.00 32.89  ? 44  HIS A O   1 
ATOM   203  C CB  . HIS A 1 24  ? -0.367  -10.057 -2.975  1.00 42.73  ? 44  HIS A CB  1 
ATOM   204  C CG  . HIS A 1 24  ? -0.960  -10.570 -1.701  1.00 51.50  ? 44  HIS A CG  1 
ATOM   205  N ND1 . HIS A 1 24  ? -0.575  -11.766 -1.131  1.00 54.74  ? 44  HIS A ND1 1 
ATOM   206  C CD2 . HIS A 1 24  ? -1.848  -10.014 -0.837  1.00 45.59  ? 44  HIS A CD2 1 
ATOM   207  C CE1 . HIS A 1 24  ? -1.195  -11.921 0.026   1.00 56.97  ? 44  HIS A CE1 1 
ATOM   208  N NE2 . HIS A 1 24  ? -1.974  -10.870 0.232   1.00 47.68  ? 44  HIS A NE2 1 
ATOM   209  N N   . ALA A 1 25  ? 1.314   -8.108  -4.885  1.00 35.62  ? 45  ALA A N   1 
ATOM   210  C CA  . ALA A 1 25  ? 2.111   -7.964  -6.100  1.00 32.74  ? 45  ALA A CA  1 
ATOM   211  C C   . ALA A 1 25  ? 3.537   -7.550  -5.673  1.00 38.74  ? 45  ALA A C   1 
ATOM   212  O O   . ALA A 1 25  ? 4.533   -7.987  -6.260  1.00 33.58  ? 45  ALA A O   1 
ATOM   213  C CB  . ALA A 1 25  ? 1.498   -6.895  -7.050  1.00 33.30  ? 45  ALA A CB  1 
ATOM   214  N N   . CYS A 1 26  ? 3.629   -6.715  -4.642  1.00 37.66  ? 46  CYS A N   1 
ATOM   215  C CA  . CYS A 1 26  ? 4.930   -6.257  -4.163  1.00 39.11  ? 46  CYS A CA  1 
ATOM   216  C C   . CYS A 1 26  ? 5.708   -7.449  -3.551  1.00 35.38  ? 46  CYS A C   1 
ATOM   217  O O   . CYS A 1 26  ? 6.874   -7.662  -3.875  1.00 34.01  ? 46  CYS A O   1 
ATOM   218  C CB  . CYS A 1 26  ? 4.755   -5.124  -3.129  1.00 34.56  ? 46  CYS A CB  1 
ATOM   219  S SG  . CYS A 1 26  ? 6.327   -4.284  -2.704  1.00 36.05  ? 46  CYS A SG  1 
ATOM   220  N N   . SER A 1 27  ? 5.054   -8.208  -2.679  1.00 32.47  ? 47  SER A N   1 
ATOM   221  C CA  . SER A 1 27  ? 5.679   -9.370  -2.067  1.00 36.15  ? 47  SER A CA  1 
ATOM   222  C C   . SER A 1 27  ? 6.153   -10.317 -3.171  1.00 36.96  ? 47  SER A C   1 
ATOM   223  O O   . SER A 1 27  ? 7.304   -10.741 -3.167  1.00 47.28  ? 47  SER A O   1 
ATOM   224  C CB  . SER A 1 27  ? 4.682   -10.070 -1.149  1.00 36.87  ? 47  SER A CB  1 
ATOM   225  O OG  . SER A 1 27  ? 5.288   -11.204 -0.527  1.00 47.38  ? 47  SER A OG  1 
ATOM   226  N N   . ASP A 1 28  ? 5.276   -10.639 -4.125  1.00 42.20  ? 48  ASP A N   1 
ATOM   227  C CA  . ASP A 1 28  ? 5.663   -11.521 -5.230  1.00 45.79  ? 48  ASP A CA  1 
ATOM   228  C C   . ASP A 1 28  ? 6.913   -10.999 -5.956  1.00 45.91  ? 48  ASP A C   1 
ATOM   229  O O   . ASP A 1 28  ? 7.868   -11.735 -6.211  1.00 37.56  ? 48  ASP A O   1 
ATOM   230  C CB  . ASP A 1 28  ? 4.542   -11.655 -6.283  1.00 42.11  ? 48  ASP A CB  1 
ATOM   231  C CG  . ASP A 1 28  ? 3.335   -12.445 -5.779  1.00 42.21  ? 48  ASP A CG  1 
ATOM   232  O OD1 . ASP A 1 28  ? 3.405   -13.098 -4.718  1.00 41.15  ? 48  ASP A OD1 1 
ATOM   233  O OD2 . ASP A 1 28  ? 2.299   -12.402 -6.460  1.00 46.11  ? 48  ASP A OD2 1 
ATOM   234  N N   . TYR A 1 29  ? 6.905   -9.722  -6.312  1.00 40.41  ? 49  TYR A N   1 
ATOM   235  C CA  . TYR A 1 29  ? 8.036   -9.169  -7.036  1.00 37.39  ? 49  TYR A CA  1 
ATOM   236  C C   . TYR A 1 29  ? 9.316   -9.211  -6.207  1.00 43.28  ? 49  TYR A C   1 
ATOM   237  O O   . TYR A 1 29  ? 10.409  -9.348  -6.751  1.00 42.65  ? 49  TYR A O   1 
ATOM   238  C CB  . TYR A 1 29  ? 7.745   -7.746  -7.473  1.00 36.91  ? 49  TYR A CB  1 
ATOM   239  C CG  . TYR A 1 29  ? 8.538   -7.356  -8.674  1.00 41.60  ? 49  TYR A CG  1 
ATOM   240  C CD1 . TYR A 1 29  ? 8.059   -7.618  -9.946  1.00 37.29  ? 49  TYR A CD1 1 
ATOM   241  C CD2 . TYR A 1 29  ? 9.787   -6.714  -8.541  1.00 35.01  ? 49  TYR A CD2 1 
ATOM   242  C CE1 . TYR A 1 29  ? 8.793   -7.248  -11.085 1.00 36.93  ? 49  TYR A CE1 1 
ATOM   243  C CE2 . TYR A 1 29  ? 10.535  -6.342  -9.672  1.00 38.56  ? 49  TYR A CE2 1 
ATOM   244  C CZ  . TYR A 1 29  ? 10.028  -6.614  -10.941 1.00 42.18  ? 49  TYR A CZ  1 
ATOM   245  O OH  . TYR A 1 29  ? 10.736  -6.258  -12.069 1.00 43.31  ? 49  TYR A OH  1 
ATOM   246  N N   . ILE A 1 30  ? 9.186   -9.084  -4.890  1.00 45.27  ? 50  ILE A N   1 
ATOM   247  C CA  . ILE A 1 30  ? 10.364  -9.142  -4.036  1.00 47.82  ? 50  ILE A CA  1 
ATOM   248  C C   . ILE A 1 30  ? 10.885  -10.576 -4.059  1.00 46.93  ? 50  ILE A C   1 
ATOM   249  O O   . ILE A 1 30  ? 12.085  -10.804 -3.942  1.00 50.86  ? 50  ILE A O   1 
ATOM   250  C CB  . ILE A 1 30  ? 10.041  -8.698  -2.590  1.00 46.15  ? 50  ILE A CB  1 
ATOM   251  C CG1 . ILE A 1 30  ? 9.940   -7.170  -2.542  1.00 42.86  ? 50  ILE A CG1 1 
ATOM   252  C CG2 . ILE A 1 30  ? 11.115  -9.192  -1.612  1.00 51.25  ? 50  ILE A CG2 1 
ATOM   253  C CD1 . ILE A 1 30  ? 9.524   -6.632  -1.224  1.00 49.93  ? 50  ILE A CD1 1 
ATOM   254  N N   . TYR A 1 31  ? 9.983   -11.540 -4.217  1.00 48.11  ? 51  TYR A N   1 
ATOM   255  C CA  . TYR A 1 31  ? 10.411  -12.931 -4.292  1.00 48.94  ? 51  TYR A CA  1 
ATOM   256  C C   . TYR A 1 31  ? 11.250  -13.108 -5.560  1.00 45.76  ? 51  TYR A C   1 
ATOM   257  O O   . TYR A 1 31  ? 12.291  -13.750 -5.539  1.00 49.74  ? 51  TYR A O   1 
ATOM   258  C CB  . TYR A 1 31  ? 9.224   -13.871 -4.361  1.00 50.04  ? 51  TYR A CB  1 
ATOM   259  C CG  . TYR A 1 31  ? 9.640   -15.327 -4.368  1.00 55.05  ? 51  TYR A CG  1 
ATOM   260  C CD1 . TYR A 1 31  ? 9.907   -15.996 -3.185  1.00 44.09  ? 51  TYR A CD1 1 
ATOM   261  C CD2 . TYR A 1 31  ? 9.790   -16.023 -5.567  1.00 62.58  ? 51  TYR A CD2 1 
ATOM   262  C CE1 . TYR A 1 31  ? 10.311  -17.327 -3.194  1.00 60.98  ? 51  TYR A CE1 1 
ATOM   263  C CE2 . TYR A 1 31  ? 10.195  -17.352 -5.585  1.00 60.96  ? 51  TYR A CE2 1 
ATOM   264  C CZ  . TYR A 1 31  ? 10.450  -17.994 -4.402  1.00 60.57  ? 51  TYR A CZ  1 
ATOM   265  O OH  . TYR A 1 31  ? 10.836  -19.313 -4.430  1.00 74.20  ? 51  TYR A OH  1 
ATOM   266  N N   . LEU A 1 32  ? 10.789  -12.530 -6.662  1.00 43.87  ? 52  LEU A N   1 
ATOM   267  C CA  . LEU A 1 32  ? 11.519  -12.596 -7.920  1.00 47.40  ? 52  LEU A CA  1 
ATOM   268  C C   . LEU A 1 32  ? 12.928  -12.043 -7.693  1.00 55.07  ? 52  LEU A C   1 
ATOM   269  O O   . LEU A 1 32  ? 13.932  -12.682 -8.031  1.00 46.77  ? 52  LEU A O   1 
ATOM   270  C CB  . LEU A 1 32  ? 10.816  -11.749 -8.998  1.00 36.00  ? 52  LEU A CB  1 
ATOM   271  C CG  . LEU A 1 32  ? 11.608  -11.540 -10.295 1.00 42.84  ? 52  LEU A CG  1 
ATOM   272  C CD1 . LEU A 1 32  ? 11.772  -12.924 -10.993 1.00 46.80  ? 52  LEU A CD1 1 
ATOM   273  C CD2 . LEU A 1 32  ? 10.898  -10.535 -11.218 1.00 38.41  ? 52  LEU A CD2 1 
ATOM   274  N N   . LEU A 1 33  ? 12.998  -10.842 -7.118  1.00 51.93  ? 53  LEU A N   1 
ATOM   275  C CA  . LEU A 1 33  ? 14.289  -10.212 -6.881  1.00 54.71  ? 53  LEU A CA  1 
ATOM   276  C C   . LEU A 1 33  ? 15.217  -11.179 -6.178  1.00 54.72  ? 53  LEU A C   1 
ATOM   277  O O   . LEU A 1 33  ? 16.383  -11.311 -6.539  1.00 52.47  ? 53  LEU A O   1 
ATOM   278  C CB  . LEU A 1 33  ? 14.135  -8.938  -6.042  1.00 49.80  ? 53  LEU A CB  1 
ATOM   279  C CG  . LEU A 1 33  ? 13.542  -7.764  -6.813  1.00 47.08  ? 53  LEU A CG  1 
ATOM   280  C CD1 . LEU A 1 33  ? 13.437  -6.531  -5.926  1.00 51.06  ? 53  LEU A CD1 1 
ATOM   281  C CD2 . LEU A 1 33  ? 14.403  -7.493  -8.019  1.00 46.25  ? 53  LEU A CD2 1 
ATOM   282  N N   . MET A 1 34  ? 14.682  -11.860 -5.177  1.00 53.04  ? 54  MET A N   1 
ATOM   283  C CA  . MET A 1 34  ? 15.447  -12.819 -4.411  1.00 59.71  ? 54  MET A CA  1 
ATOM   284  C C   . MET A 1 34  ? 15.988  -13.946 -5.304  1.00 60.27  ? 54  MET A C   1 
ATOM   285  O O   . MET A 1 34  ? 17.127  -14.357 -5.147  1.00 59.11  ? 54  MET A O   1 
ATOM   286  C CB  . MET A 1 34  ? 14.579  -13.354 -3.268  1.00 55.25  ? 54  MET A CB  1 
ATOM   287  C CG  . MET A 1 34  ? 15.269  -14.306 -2.292  1.00 58.74  ? 54  MET A CG  1 
ATOM   288  S SD  . MET A 1 34  ? 15.304  -15.963 -2.979  1.00 73.07  ? 54  MET A SD  1 
ATOM   289  C CE  . MET A 1 34  ? 13.584  -16.451 -2.837  1.00 55.15  ? 54  MET A CE  1 
ATOM   290  N N   . THR A 1 35  ? 15.201  -14.418 -6.262  1.00 58.05  ? 55  THR A N   1 
ATOM   291  C CA  . THR A 1 35  ? 15.677  -15.489 -7.133  1.00 59.24  ? 55  THR A CA  1 
ATOM   292  C C   . THR A 1 35  ? 16.712  -14.968 -8.125  1.00 63.45  ? 55  THR A C   1 
ATOM   293  O O   . THR A 1 35  ? 17.401  -15.748 -8.774  1.00 68.64  ? 55  THR A O   1 
ATOM   294  C CB  . THR A 1 35  ? 14.534  -16.170 -7.953  1.00 50.77  ? 55  THR A CB  1 
ATOM   295  O OG1 . THR A 1 35  ? 14.057  -15.280 -8.978  1.00 54.12  ? 55  THR A OG1 1 
ATOM   296  C CG2 . THR A 1 35  ? 13.390  -16.589 -7.048  1.00 44.60  ? 55  THR A CG2 1 
ATOM   297  N N   . LEU A 1 36  ? 16.812  -13.648 -8.255  1.00 59.19  ? 56  LEU A N   1 
ATOM   298  C CA  . LEU A 1 36  ? 17.777  -13.053 -9.173  1.00 51.97  ? 56  LEU A CA  1 
ATOM   299  C C   . LEU A 1 36  ? 18.982  -12.503 -8.403  1.00 50.67  ? 56  LEU A C   1 
ATOM   300  O O   . LEU A 1 36  ? 19.834  -11.836 -8.981  1.00 48.86  ? 56  LEU A O   1 
ATOM   301  C CB  . LEU A 1 36  ? 17.145  -11.898 -9.959  1.00 50.91  ? 56  LEU A CB  1 
ATOM   302  C CG  . LEU A 1 36  ? 15.908  -12.078 -10.835 1.00 63.91  ? 56  LEU A CG  1 
ATOM   303  C CD1 . LEU A 1 36  ? 15.425  -10.706 -11.295 1.00 61.81  ? 56  LEU A CD1 1 
ATOM   304  C CD2 . LEU A 1 36  ? 16.233  -12.944 -12.041 1.00 59.23  ? 56  LEU A CD2 1 
ATOM   305  N N   . SER A 1 37  ? 19.055  -12.787 -7.106  1.00 56.13  ? 57  SER A N   1 
ATOM   306  C CA  . SER A 1 37  ? 20.127  -12.249 -6.288  1.00 64.59  ? 57  SER A CA  1 
ATOM   307  C C   . SER A 1 37  ? 21.528  -12.708 -6.663  1.00 71.92  ? 57  SER A C   1 
ATOM   308  O O   . SER A 1 37  ? 22.505  -12.067 -6.282  1.00 70.27  ? 57  SER A O   1 
ATOM   309  C CB  . SER A 1 37  ? 19.862  -12.531 -4.805  1.00 67.04  ? 57  SER A CB  1 
ATOM   310  O OG  . SER A 1 37  ? 19.977  -13.911 -4.491  1.00 86.27  ? 57  SER A OG  1 
ATOM   311  N N   . LYS A 1 38  ? 21.633  -13.807 -7.405  1.00 75.42  ? 58  LYS A N   1 
ATOM   312  C CA  . LYS A 1 38  ? 22.945  -14.310 -7.810  1.00 74.85  ? 58  LYS A CA  1 
ATOM   313  C C   . LYS A 1 38  ? 23.300  -13.752 -9.179  1.00 72.45  ? 58  LYS A C   1 
ATOM   314  O O   . LYS A 1 38  ? 24.395  -13.972 -9.686  1.00 74.00  ? 58  LYS A O   1 
ATOM   315  C CB  . LYS A 1 38  ? 22.948  -15.842 -7.878  1.00 68.85  ? 58  LYS A CB  1 
ATOM   316  C CG  . LYS A 1 38  ? 22.230  -16.518 -6.724  1.00 75.83  ? 58  LYS A CG  1 
ATOM   317  C CD  . LYS A 1 38  ? 22.841  -16.219 -5.360  1.00 71.11  ? 58  LYS A CD  1 
ATOM   318  C CE  . LYS A 1 38  ? 22.130  -17.057 -4.293  1.00 81.80  ? 58  LYS A CE  1 
ATOM   319  N NZ  . LYS A 1 38  ? 22.866  -17.130 -2.995  1.00 73.99  ? 58  LYS A NZ  1 
ATOM   320  N N   . ASP A 1 39  ? 22.373  -13.015 -9.773  1.00 64.91  ? 59  ASP A N   1 
ATOM   321  C CA  . ASP A 1 39  ? 22.605  -12.453 -11.089 1.00 59.04  ? 59  ASP A CA  1 
ATOM   322  C C   . ASP A 1 39  ? 22.494  -10.930 -11.039 1.00 62.65  ? 59  ASP A C   1 
ATOM   323  O O   . ASP A 1 39  ? 21.401  -10.358 -11.197 1.00 58.51  ? 59  ASP A O   1 
ATOM   324  C CB  . ASP A 1 39  ? 21.574  -13.014 -12.063 1.00 64.55  ? 59  ASP A CB  1 
ATOM   325  C CG  . ASP A 1 39  ? 21.877  -12.676 -13.502 1.00 72.23  ? 59  ASP A CG  1 
ATOM   326  O OD1 . ASP A 1 39  ? 22.289  -11.529 -13.788 1.00 82.46  ? 59  ASP A OD1 1 
ATOM   327  O OD2 . ASP A 1 39  ? 21.687  -13.569 -14.355 1.00 79.64  ? 59  ASP A OD2 1 
ATOM   328  N N   . PRO A 1 40  ? 23.612  -10.242 -10.778 1.00 65.42  ? 60  PRO A N   1 
ATOM   329  C CA  . PRO A 1 40  ? 23.457  -8.787  -10.753 1.00 63.95  ? 60  PRO A CA  1 
ATOM   330  C C   . PRO A 1 40  ? 23.091  -8.440  -12.178 1.00 65.04  ? 60  PRO A C   1 
ATOM   331  O O   . PRO A 1 40  ? 23.050  -9.327  -13.029 1.00 80.74  ? 60  PRO A O   1 
ATOM   332  C CB  . PRO A 1 40  ? 24.849  -8.305  -10.360 1.00 69.70  ? 60  PRO A CB  1 
ATOM   333  C CG  . PRO A 1 40  ? 25.324  -9.407  -9.438  1.00 69.93  ? 60  PRO A CG  1 
ATOM   334  C CD  . PRO A 1 40  ? 24.907  -10.650 -10.205 1.00 66.12  ? 60  PRO A CD  1 
ATOM   335  N N   . GLU A 1 41  ? 22.818  -7.174  -12.449 1.00 65.46  ? 61  GLU A N   1 
ATOM   336  C CA  . GLU A 1 41  ? 22.430  -6.747  -13.794 1.00 62.61  ? 61  GLU A CA  1 
ATOM   337  C C   . GLU A 1 41  ? 20.979  -7.132  -14.064 1.00 56.53  ? 61  GLU A C   1 
ATOM   338  O O   . GLU A 1 41  ? 20.193  -6.298  -14.477 1.00 58.94  ? 61  GLU A O   1 
ATOM   339  C CB  . GLU A 1 41  ? 23.347  -7.343  -14.866 1.00 57.81  ? 61  GLU A CB  1 
ATOM   340  C CG  . GLU A 1 41  ? 24.800  -6.839  -14.810 1.00 78.10  ? 61  GLU A CG  1 
ATOM   341  C CD  . GLU A 1 41  ? 24.939  -5.311  -14.890 1.00 87.98  ? 61  GLU A CD  1 
ATOM   342  O OE1 . GLU A 1 41  ? 23.944  -4.618  -15.208 1.00 95.74  ? 61  GLU A OE1 1 
ATOM   343  O OE2 . GLU A 1 41  ? 26.058  -4.800  -14.638 1.00 83.29  ? 61  GLU A OE2 1 
ATOM   344  N N   . LYS A 1 42  ? 20.625  -8.397  -13.862 1.00 57.15  ? 62  LYS A N   1 
ATOM   345  C CA  . LYS A 1 42  ? 19.235  -8.807  -14.056 1.00 58.38  ? 62  LYS A CA  1 
ATOM   346  C C   . LYS A 1 42  ? 18.515  -8.207  -12.856 1.00 50.26  ? 62  LYS A C   1 
ATOM   347  O O   . LYS A 1 42  ? 17.480  -7.544  -12.989 1.00 44.64  ? 62  LYS A O   1 
ATOM   348  C CB  . LYS A 1 42  ? 19.086  -10.331 -14.020 1.00 64.92  ? 62  LYS A CB  1 
ATOM   349  C CG  . LYS A 1 42  ? 19.701  -11.048 -15.213 1.00 87.25  ? 62  LYS A CG  1 
ATOM   350  C CD  . LYS A 1 42  ? 19.287  -12.510 -15.291 1.00 86.93  ? 62  LYS A CD  1 
ATOM   351  C CE  . LYS A 1 42  ? 19.917  -13.178 -16.510 1.00 95.21  ? 62  LYS A CE  1 
ATOM   352  N NZ  . LYS A 1 42  ? 19.586  -14.629 -16.609 1.00 101.70 ? 62  LYS A NZ  1 
ATOM   353  N N   . PHE A 1 43  ? 19.092  -8.460  -11.688 1.00 47.08  ? 63  PHE A N   1 
ATOM   354  C CA  . PHE A 1 43  ? 18.573  -7.954  -10.434 1.00 49.04  ? 63  PHE A CA  1 
ATOM   355  C C   . PHE A 1 43  ? 18.464  -6.443  -10.593 1.00 44.94  ? 63  PHE A C   1 
ATOM   356  O O   . PHE A 1 43  ? 17.395  -5.868  -10.406 1.00 44.91  ? 63  PHE A O   1 
ATOM   357  C CB  . PHE A 1 43  ? 19.542  -8.283  -9.308  1.00 45.29  ? 63  PHE A CB  1 
ATOM   358  C CG  . PHE A 1 43  ? 19.098  -7.786  -7.955  1.00 50.26  ? 63  PHE A CG  1 
ATOM   359  C CD1 . PHE A 1 43  ? 18.268  -8.554  -7.155  1.00 47.92  ? 63  PHE A CD1 1 
ATOM   360  C CD2 . PHE A 1 43  ? 19.506  -6.538  -7.490  1.00 48.09  ? 63  PHE A CD2 1 
ATOM   361  C CE1 . PHE A 1 43  ? 17.848  -8.100  -5.907  1.00 47.86  ? 63  PHE A CE1 1 
ATOM   362  C CE2 . PHE A 1 43  ? 19.091  -6.069  -6.236  1.00 46.19  ? 63  PHE A CE2 1 
ATOM   363  C CZ  . PHE A 1 43  ? 18.262  -6.850  -5.447  1.00 39.78  ? 63  PHE A CZ  1 
ATOM   364  N N   . ASN A 1 44  ? 19.564  -5.806  -10.985 1.00 43.88  ? 64  ASN A N   1 
ATOM   365  C CA  . ASN A 1 44  ? 19.549  -4.357  -11.138 1.00 44.59  ? 64  ASN A CA  1 
ATOM   366  C C   . ASN A 1 44  ? 18.485  -3.912  -12.101 1.00 47.87  ? 64  ASN A C   1 
ATOM   367  O O   . ASN A 1 44  ? 17.778  -2.940  -11.836 1.00 47.46  ? 64  ASN A O   1 
ATOM   368  C CB  . ASN A 1 44  ? 20.901  -3.802  -11.609 1.00 43.27  ? 64  ASN A CB  1 
ATOM   369  C CG  . ASN A 1 44  ? 20.954  -2.291  -11.529 1.00 43.33  ? 64  ASN A CG  1 
ATOM   370  O OD1 . ASN A 1 44  ? 20.924  -1.600  -12.539 1.00 50.29  ? 64  ASN A OD1 1 
ATOM   371  N ND2 . ASN A 1 44  ? 21.019  -1.770  -10.310 1.00 40.08  ? 64  ASN A ND2 1 
ATOM   372  N N   . TYR A 1 45  ? 18.362  -4.625  -13.216 1.00 49.11  ? 65  TYR A N   1 
ATOM   373  C CA  . TYR A 1 45  ? 17.372  -4.270  -14.234 1.00 52.22  ? 65  TYR A CA  1 
ATOM   374  C C   . TYR A 1 45  ? 15.939  -4.382  -13.714 1.00 42.50  ? 65  TYR A C   1 
ATOM   375  O O   . TYR A 1 45  ? 15.093  -3.526  -14.004 1.00 43.70  ? 65  TYR A O   1 
ATOM   376  C CB  . TYR A 1 45  ? 17.508  -5.157  -15.479 1.00 45.34  ? 65  TYR A CB  1 
ATOM   377  C CG  . TYR A 1 45  ? 16.537  -4.775  -16.575 1.00 55.35  ? 65  TYR A CG  1 
ATOM   378  C CD1 . TYR A 1 45  ? 16.671  -3.571  -17.258 1.00 57.18  ? 65  TYR A CD1 1 
ATOM   379  C CD2 . TYR A 1 45  ? 15.462  -5.608  -16.907 1.00 53.79  ? 65  TYR A CD2 1 
ATOM   380  C CE1 . TYR A 1 45  ? 15.760  -3.204  -18.240 1.00 68.96  ? 65  TYR A CE1 1 
ATOM   381  C CE2 . TYR A 1 45  ? 14.551  -5.254  -17.883 1.00 56.29  ? 65  TYR A CE2 1 
ATOM   382  C CZ  . TYR A 1 45  ? 14.703  -4.052  -18.543 1.00 64.26  ? 65  TYR A CZ  1 
ATOM   383  O OH  . TYR A 1 45  ? 13.793  -3.675  -19.498 1.00 66.36  ? 65  TYR A OH  1 
ATOM   384  N N   . ALA A 1 46  ? 15.666  -5.453  -12.980 1.00 36.59  ? 66  ALA A N   1 
ATOM   385  C CA  . ALA A 1 46  ? 14.327  -5.666  -12.425 1.00 44.38  ? 66  ALA A CA  1 
ATOM   386  C C   . ALA A 1 46  ? 13.855  -4.552  -11.467 1.00 44.42  ? 66  ALA A C   1 
ATOM   387  O O   . ALA A 1 46  ? 12.681  -4.182  -11.492 1.00 36.53  ? 66  ALA A O   1 
ATOM   388  C CB  . ALA A 1 46  ? 14.282  -6.992  -11.718 1.00 37.76  ? 66  ALA A CB  1 
ATOM   389  N N   . LEU A 1 47  ? 14.764  -3.997  -10.661 1.00 39.94  ? 67  LEU A N   1 
ATOM   390  C CA  . LEU A 1 47  ? 14.393  -2.960  -9.705  1.00 37.11  ? 67  LEU A CA  1 
ATOM   391  C C   . LEU A 1 47  ? 13.522  -1.879  -10.328 1.00 39.75  ? 67  LEU A C   1 
ATOM   392  O O   . LEU A 1 47  ? 12.550  -1.423  -9.718  1.00 42.37  ? 67  LEU A O   1 
ATOM   393  C CB  . LEU A 1 47  ? 15.649  -2.327  -9.069  1.00 34.34  ? 67  LEU A CB  1 
ATOM   394  C CG  . LEU A 1 47  ? 16.462  -3.267  -8.180  1.00 43.87  ? 67  LEU A CG  1 
ATOM   395  C CD1 . LEU A 1 47  ? 17.720  -2.550  -7.632  1.00 46.35  ? 67  LEU A CD1 1 
ATOM   396  C CD2 . LEU A 1 47  ? 15.575  -3.748  -7.040  1.00 35.93  ? 67  LEU A CD2 1 
ATOM   397  N N   . LYS A 1 48  ? 13.848  -1.463  -11.540 1.00 45.99  ? 68  LYS A N   1 
ATOM   398  C CA  . LYS A 1 48  ? 13.028  -0.433  -12.167 1.00 48.20  ? 68  LYS A CA  1 
ATOM   399  C C   . LYS A 1 48  ? 12.278  -0.904  -13.420 1.00 47.87  ? 68  LYS A C   1 
ATOM   400  O O   . LYS A 1 48  ? 11.866  -0.099  -14.251 1.00 37.41  ? 68  LYS A O   1 
ATOM   401  C CB  . LYS A 1 48  ? 13.882  0.799   -12.508 1.00 53.37  ? 68  LYS A CB  1 
ATOM   402  C CG  . LYS A 1 48  ? 14.136  1.728   -11.325 1.00 56.60  ? 68  LYS A CG  1 
ATOM   403  C CD  . LYS A 1 48  ? 14.527  3.124   -11.811 1.00 58.38  ? 68  LYS A CD  1 
ATOM   404  C CE  . LYS A 1 48  ? 14.793  4.050   -10.648 1.00 73.42  ? 68  LYS A CE  1 
ATOM   405  N NZ  . LYS A 1 48  ? 13.606  4.173   -9.746  1.00 79.21  ? 68  LYS A NZ  1 
ATOM   406  N N   . ASP A 1 49  ? 12.098  -2.211  -13.568 1.00 48.67  ? 69  ASP A N   1 
ATOM   407  C CA  . ASP A 1 49  ? 11.373  -2.739  -14.737 1.00 42.85  ? 69  ASP A CA  1 
ATOM   408  C C   . ASP A 1 49  ? 9.866   -2.530  -14.569 1.00 40.38  ? 69  ASP A C   1 
ATOM   409  O O   . ASP A 1 49  ? 9.153   -3.441  -14.135 1.00 39.58  ? 69  ASP A O   1 
ATOM   410  C CB  . ASP A 1 49  ? 11.649  -4.220  -14.871 1.00 38.94  ? 69  ASP A CB  1 
ATOM   411  C CG  . ASP A 1 49  ? 11.029  -4.808  -16.105 1.00 45.93  ? 69  ASP A CG  1 
ATOM   412  O OD1 . ASP A 1 49  ? 10.271  -4.105  -16.841 1.00 39.57  ? 69  ASP A OD1 1 
ATOM   413  O OD2 . ASP A 1 49  ? 11.326  -5.991  -16.315 1.00 40.88  ? 69  ASP A OD2 1 
ATOM   414  N N   . ARG A 1 50  ? 9.378   -1.339  -14.910 1.00 39.96  ? 70  ARG A N   1 
ATOM   415  C CA  . ARG A 1 50  ? 7.952   -1.045  -14.726 1.00 44.73  ? 70  ARG A CA  1 
ATOM   416  C C   . ARG A 1 50  ? 7.021   -1.988  -15.484 1.00 46.44  ? 70  ARG A C   1 
ATOM   417  O O   . ARG A 1 50  ? 5.933   -2.325  -15.010 1.00 51.14  ? 70  ARG A O   1 
ATOM   418  C CB  . ARG A 1 50  ? 7.636   0.398   -15.142 1.00 49.71  ? 70  ARG A CB  1 
ATOM   419  C CG  . ARG A 1 50  ? 8.344   1.464   -14.322 1.00 60.66  ? 70  ARG A CG  1 
ATOM   420  C CD  . ARG A 1 50  ? 8.036   2.852   -14.867 1.00 67.46  ? 70  ARG A CD  1 
ATOM   421  N NE  . ARG A 1 50  ? 6.620   3.172   -14.736 1.00 71.08  ? 70  ARG A NE  1 
ATOM   422  C CZ  . ARG A 1 50  ? 6.036   3.452   -13.578 1.00 69.17  ? 70  ARG A CZ  1 
ATOM   423  N NH1 . ARG A 1 50  ? 6.765   3.449   -12.469 1.00 69.70  ? 70  ARG A NH1 1 
ATOM   424  N NH2 . ARG A 1 50  ? 4.735   3.733   -13.531 1.00 60.34  ? 70  ARG A NH2 1 
ATOM   425  N N   . VAL A 1 51  ? 7.447   -2.423  -16.659 1.00 49.31  ? 71  VAL A N   1 
ATOM   426  C CA  . VAL A 1 51  ? 6.617   -3.319  -17.448 1.00 44.33  ? 71  VAL A CA  1 
ATOM   427  C C   . VAL A 1 51  ? 6.391   -4.601  -16.660 1.00 43.55  ? 71  VAL A C   1 
ATOM   428  O O   . VAL A 1 51  ? 5.254   -5.012  -16.480 1.00 42.86  ? 71  VAL A O   1 
ATOM   429  C CB  . VAL A 1 51  ? 7.254   -3.614  -18.849 1.00 45.49  ? 71  VAL A CB  1 
ATOM   430  C CG1 . VAL A 1 51  ? 6.369   -4.564  -19.643 1.00 34.64  ? 71  VAL A CG1 1 
ATOM   431  C CG2 . VAL A 1 51  ? 7.395   -2.279  -19.656 1.00 40.92  ? 71  VAL A CG2 1 
ATOM   432  N N   . SER A 1 52  ? 7.450   -5.227  -16.165 1.00 36.21  ? 72  SER A N   1 
ATOM   433  C CA  . SER A 1 52  ? 7.234   -6.443  -15.403 1.00 44.87  ? 72  SER A CA  1 
ATOM   434  C C   . SER A 1 52  ? 6.411   -6.196  -14.142 1.00 46.70  ? 72  SER A C   1 
ATOM   435  O O   . SER A 1 52  ? 5.481   -6.952  -13.850 1.00 44.89  ? 72  SER A O   1 
ATOM   436  C CB  . SER A 1 52  ? 8.557   -7.089  -15.010 1.00 39.10  ? 72  SER A CB  1 
ATOM   437  O OG  . SER A 1 52  ? 9.295   -7.415  -16.168 1.00 62.43  ? 72  SER A OG  1 
ATOM   438  N N   . ILE A 1 53  ? 6.736   -5.140  -13.403 1.00 38.43  ? 73  ILE A N   1 
ATOM   439  C CA  . ILE A 1 53  ? 6.011   -4.879  -12.176 1.00 37.09  ? 73  ILE A CA  1 
ATOM   440  C C   . ILE A 1 53  ? 4.525   -4.726  -12.494 1.00 40.34  ? 73  ILE A C   1 
ATOM   441  O O   . ILE A 1 53  ? 3.672   -5.277  -11.793 1.00 37.99  ? 73  ILE A O   1 
ATOM   442  C CB  . ILE A 1 53  ? 6.520   -3.601  -11.453 1.00 39.65  ? 73  ILE A CB  1 
ATOM   443  C CG1 . ILE A 1 53  ? 7.937   -3.815  -10.902 1.00 34.54  ? 73  ILE A CG1 1 
ATOM   444  C CG2 . ILE A 1 53  ? 5.544   -3.231  -10.288 1.00 29.47  ? 73  ILE A CG2 1 
ATOM   445  C CD1 . ILE A 1 53  ? 8.590   -2.463  -10.501 1.00 30.96  ? 73  ILE A CD1 1 
ATOM   446  N N   . ARG A 1 54  ? 4.203   -3.980  -13.543 1.00 38.45  ? 74  ARG A N   1 
ATOM   447  C CA  . ARG A 1 54  ? 2.793   -3.818  -13.877 1.00 38.15  ? 74  ARG A CA  1 
ATOM   448  C C   . ARG A 1 54  ? 2.183   -5.175  -14.212 1.00 40.04  ? 74  ARG A C   1 
ATOM   449  O O   . ARG A 1 54  ? 1.007   -5.403  -13.960 1.00 44.39  ? 74  ARG A O   1 
ATOM   450  C CB  . ARG A 1 54  ? 2.595   -2.866  -15.055 1.00 41.56  ? 74  ARG A CB  1 
ATOM   451  C CG  . ARG A 1 54  ? 1.124   -2.568  -15.268 1.00 50.95  ? 74  ARG A CG  1 
ATOM   452  C CD  . ARG A 1 54  ? 0.855   -1.613  -16.392 1.00 54.90  ? 74  ARG A CD  1 
ATOM   453  N NE  . ARG A 1 54  ? 0.678   -0.222  -15.973 1.00 62.88  ? 74  ARG A NE  1 
ATOM   454  C CZ  . ARG A 1 54  ? 1.680   0.626   -15.794 1.00 57.49  ? 74  ARG A CZ  1 
ATOM   455  N NH1 . ARG A 1 54  ? 2.930   0.220   -15.985 1.00 62.56  ? 74  ARG A NH1 1 
ATOM   456  N NH2 . ARG A 1 54  ? 1.441   1.886   -15.474 1.00 62.65  ? 74  ARG A NH2 1 
ATOM   457  N N   . ARG A 1 55  ? 2.979   -6.077  -14.766 1.00 37.98  ? 75  ARG A N   1 
ATOM   458  C CA  . ARG A 1 55  ? 2.457   -7.404  -15.087 1.00 45.62  ? 75  ARG A CA  1 
ATOM   459  C C   . ARG A 1 55  ? 2.112   -8.105  -13.766 1.00 48.02  ? 75  ARG A C   1 
ATOM   460  O O   . ARG A 1 55  ? 1.119   -8.825  -13.676 1.00 41.23  ? 75  ARG A O   1 
ATOM   461  C CB  . ARG A 1 55  ? 3.496   -8.213  -15.885 1.00 55.81  ? 75  ARG A CB  1 
ATOM   462  C CG  . ARG A 1 55  ? 2.966   -9.539  -16.441 1.00 60.80  ? 75  ARG A CG  1 
ATOM   463  C CD  . ARG A 1 55  ? 4.059   -10.322 -17.155 1.00 51.90  ? 75  ARG A CD  1 
ATOM   464  N NE  . ARG A 1 55  ? 4.795   -9.439  -18.046 1.00 54.89  ? 75  ARG A NE  1 
ATOM   465  C CZ  . ARG A 1 55  ? 6.061   -9.087  -17.865 1.00 65.24  ? 75  ARG A CZ  1 
ATOM   466  N NH1 . ARG A 1 55  ? 6.748   -9.553  -16.825 1.00 65.73  ? 75  ARG A NH1 1 
ATOM   467  N NH2 . ARG A 1 55  ? 6.628   -8.249  -18.716 1.00 67.52  ? 75  ARG A NH2 1 
ATOM   468  N N   . TYR A 1 56  ? 2.930   -7.903  -12.728 1.00 40.76  ? 76  TYR A N   1 
ATOM   469  C CA  . TYR A 1 56  ? 2.612   -8.521  -11.443 1.00 40.24  ? 76  TYR A CA  1 
ATOM   470  C C   . TYR A 1 56  ? 1.341   -7.909  -10.874 1.00 34.11  ? 76  TYR A C   1 
ATOM   471  O O   . TYR A 1 56  ? 0.536   -8.603  -10.262 1.00 43.67  ? 76  TYR A O   1 
ATOM   472  C CB  . TYR A 1 56  ? 3.776   -8.386  -10.441 1.00 45.73  ? 76  TYR A CB  1 
ATOM   473  C CG  . TYR A 1 56  ? 4.823   -9.458  -10.613 1.00 41.74  ? 76  TYR A CG  1 
ATOM   474  C CD1 . TYR A 1 56  ? 5.511   -9.589  -11.816 1.00 43.82  ? 76  TYR A CD1 1 
ATOM   475  C CD2 . TYR A 1 56  ? 5.091   -10.364 -9.597  1.00 43.99  ? 76  TYR A CD2 1 
ATOM   476  C CE1 . TYR A 1 56  ? 6.437   -10.595 -12.000 1.00 48.38  ? 76  TYR A CE1 1 
ATOM   477  C CE2 . TYR A 1 56  ? 6.024   -11.385 -9.775  1.00 45.49  ? 76  TYR A CE2 1 
ATOM   478  C CZ  . TYR A 1 56  ? 6.690   -11.483 -10.978 1.00 43.63  ? 76  TYR A CZ  1 
ATOM   479  O OH  . TYR A 1 56  ? 7.639   -12.453 -11.155 1.00 52.36  ? 76  TYR A OH  1 
ATOM   480  N N   . VAL A 1 57  ? 1.149   -6.616  -11.063 1.00 35.79  ? 77  VAL A N   1 
ATOM   481  C CA  . VAL A 1 57  ? -0.087  -6.000  -10.560 1.00 39.42  ? 77  VAL A CA  1 
ATOM   482  C C   . VAL A 1 57  ? -1.297  -6.670  -11.229 1.00 39.78  ? 77  VAL A C   1 
ATOM   483  O O   . VAL A 1 57  ? -2.230  -7.084  -10.550 1.00 41.96  ? 77  VAL A O   1 
ATOM   484  C CB  . VAL A 1 57  ? -0.106  -4.477  -10.839 1.00 39.59  ? 77  VAL A CB  1 
ATOM   485  C CG1 . VAL A 1 57  ? -1.511  -3.884  -10.514 1.00 31.88  ? 77  VAL A CG1 1 
ATOM   486  C CG2 . VAL A 1 57  ? 1.002   -3.783  -9.968  1.00 34.75  ? 77  VAL A CG2 1 
ATOM   487  N N   . ARG A 1 58  ? -1.264  -6.783  -12.560 1.00 36.37  ? 78  ARG A N   1 
ATOM   488  C CA  . ARG A 1 58  ? -2.356  -7.404  -13.327 1.00 40.30  ? 78  ARG A CA  1 
ATOM   489  C C   . ARG A 1 58  ? -2.680  -8.788  -12.830 1.00 39.43  ? 78  ARG A C   1 
ATOM   490  O O   . ARG A 1 58  ? -3.832  -9.090  -12.599 1.00 43.13  ? 78  ARG A O   1 
ATOM   491  C CB  . ARG A 1 58  ? -2.012  -7.503  -14.804 1.00 38.78  ? 78  ARG A CB  1 
ATOM   492  C CG  . ARG A 1 58  ? -2.142  -6.223  -15.576 1.00 52.58  ? 78  ARG A CG  1 
ATOM   493  C CD  . ARG A 1 58  ? -2.073  -6.554  -17.069 1.00 64.32  ? 78  ARG A CD  1 
ATOM   494  N NE  . ARG A 1 58  ? -1.864  -5.370  -17.900 1.00 81.92  ? 78  ARG A NE  1 
ATOM   495  C CZ  . ARG A 1 58  ? -0.675  -4.838  -18.179 1.00 83.49  ? 78  ARG A CZ  1 
ATOM   496  N NH1 . ARG A 1 58  ? 0.437   -5.384  -17.698 1.00 69.03  ? 78  ARG A NH1 1 
ATOM   497  N NH2 . ARG A 1 58  ? -0.602  -3.749  -18.937 1.00 77.76  ? 78  ARG A NH2 1 
ATOM   498  N N   . LYS A 1 59  ? -1.652  -9.624  -12.675 1.00 42.53  ? 79  LYS A N   1 
ATOM   499  C CA  . LYS A 1 59  ? -1.838  -10.973 -12.166 1.00 43.05  ? 79  LYS A CA  1 
ATOM   500  C C   . LYS A 1 59  ? -2.574  -10.967 -10.834 1.00 45.30  ? 79  LYS A C   1 
ATOM   501  O O   . LYS A 1 59  ? -3.438  -11.813 -10.590 1.00 44.09  ? 79  LYS A O   1 
ATOM   502  C CB  . LYS A 1 59  ? -0.484  -11.664 -11.999 1.00 50.11  ? 79  LYS A CB  1 
ATOM   503  C CG  . LYS A 1 59  ? -0.568  -13.126 -11.580 1.00 57.00  ? 79  LYS A CG  1 
ATOM   504  C CD  . LYS A 1 59  ? 0.816   -13.755 -11.587 1.00 72.94  ? 79  LYS A CD  1 
ATOM   505  C CE  . LYS A 1 59  ? 0.798   -15.211 -11.173 1.00 73.23  ? 79  LYS A CE  1 
ATOM   506  N NZ  . LYS A 1 59  ? 2.143   -15.830 -11.412 1.00 76.02  ? 79  LYS A NZ  1 
ATOM   507  N N   . ASN A 1 60  ? -2.246  -10.010 -9.965  1.00 41.26  ? 80  ASN A N   1 
ATOM   508  C CA  . ASN A 1 60  ? -2.908  -9.961  -8.657  1.00 37.42  ? 80  ASN A CA  1 
ATOM   509  C C   . ASN A 1 60  ? -4.326  -9.438  -8.767  1.00 40.45  ? 80  ASN A C   1 
ATOM   510  O O   . ASN A 1 60  ? -5.182  -9.849  -7.996  1.00 36.62  ? 80  ASN A O   1 
ATOM   511  C CB  . ASN A 1 60  ? -2.076  -9.159  -7.640  1.00 37.01  ? 80  ASN A CB  1 
ATOM   512  C CG  . ASN A 1 60  ? -1.002  -10.022 -6.988  1.00 45.85  ? 80  ASN A CG  1 
ATOM   513  O OD1 . ASN A 1 60  ? -1.240  -10.647 -5.963  1.00 39.85  ? 80  ASN A OD1 1 
ATOM   514  N ND2 . ASN A 1 60  ? 0.166   -10.093 -7.610  1.00 34.78  ? 80  ASN A ND2 1 
ATOM   515  N N   . GLN A 1 61  ? -4.568  -8.534  -9.719  1.00 37.68  ? 81  GLN A N   1 
ATOM   516  C CA  . GLN A 1 61  ? -5.909  -8.040  -9.946  1.00 45.21  ? 81  GLN A CA  1 
ATOM   517  C C   . GLN A 1 61  ? -6.779  -9.252  -10.350 1.00 54.20  ? 81  GLN A C   1 
ATOM   518  O O   . GLN A 1 61  ? -7.966  -9.374  -9.995  1.00 45.75  ? 81  GLN A O   1 
ATOM   519  C CB  . GLN A 1 61  ? -5.901  -7.048  -11.086 1.00 46.57  ? 81  GLN A CB  1 
ATOM   520  C CG  . GLN A 1 61  ? -5.425  -5.701  -10.700 1.00 41.46  ? 81  GLN A CG  1 
ATOM   521  C CD  . GLN A 1 61  ? -5.468  -4.750  -11.855 1.00 45.06  ? 81  GLN A CD  1 
ATOM   522  O OE1 . GLN A 1 61  ? -4.739  -4.912  -12.820 1.00 56.55  ? 81  GLN A OE1 1 
ATOM   523  N NE2 . GLN A 1 61  ? -6.327  -3.752  -11.767 1.00 51.25  ? 81  GLN A NE2 1 
ATOM   524  N N   . ASN A 1 62  ? -6.170  -10.149 -11.107 1.00 44.68  ? 82  ASN A N   1 
ATOM   525  C CA  . ASN A 1 62  ? -6.866  -11.350 -11.542 1.00 45.95  ? 82  ASN A CA  1 
ATOM   526  C C   . ASN A 1 62  ? -7.073  -12.254 -10.324 1.00 50.79  ? 82  ASN A C   1 
ATOM   527  O O   . ASN A 1 62  ? -8.180  -12.733 -10.089 1.00 58.93  ? 82  ASN A O   1 
ATOM   528  C CB  . ASN A 1 62  ? -6.041  -12.065 -12.606 1.00 51.82  ? 82  ASN A CB  1 
ATOM   529  C CG  . ASN A 1 62  ? -6.843  -13.109 -13.351 1.00 62.72  ? 82  ASN A CG  1 
ATOM   530  O OD1 . ASN A 1 62  ? -6.991  -13.036 -14.571 1.00 63.86  ? 82  ASN A OD1 1 
ATOM   531  N ND2 . ASN A 1 62  ? -7.371  -14.081 -12.624 1.00 56.01  ? 82  ASN A ND2 1 
ATOM   532  N N   . ARG A 1 63  ? -6.023  -12.468 -9.534  1.00 51.37  ? 83  ARG A N   1 
ATOM   533  C CA  . ARG A 1 63  ? -6.143  -13.308 -8.337  1.00 52.31  ? 83  ARG A CA  1 
ATOM   534  C C   . ARG A 1 63  ? -7.203  -12.823 -7.346  1.00 53.67  ? 83  ARG A C   1 
ATOM   535  O O   . ARG A 1 63  ? -7.883  -13.625 -6.713  1.00 50.37  ? 83  ARG A O   1 
ATOM   536  C CB  . ARG A 1 63  ? -4.798  -13.417 -7.600  1.00 61.04  ? 83  ARG A CB  1 
ATOM   537  C CG  . ARG A 1 63  ? -4.886  -14.216 -6.298  1.00 59.86  ? 83  ARG A CG  1 
ATOM   538  C CD  . ARG A 1 63  ? -3.595  -14.213 -5.474  1.00 66.27  ? 83  ARG A CD  1 
ATOM   539  N NE  . ARG A 1 63  ? -3.823  -14.807 -4.151  1.00 74.52  ? 83  ARG A NE  1 
ATOM   540  C CZ  . ARG A 1 63  ? -2.931  -14.856 -3.158  1.00 77.46  ? 83  ARG A CZ  1 
ATOM   541  N NH1 . ARG A 1 63  ? -1.711  -14.350 -3.311  1.00 71.15  ? 83  ARG A NH1 1 
ATOM   542  N NH2 . ARG A 1 63  ? -3.271  -15.399 -1.992  1.00 66.46  ? 83  ARG A NH2 1 
ATOM   543  N N   . TYR A 1 64  ? -7.331  -11.516 -7.169  1.00 43.71  ? 84  TYR A N   1 
ATOM   544  C CA  . TYR A 1 64  ? -8.343  -11.027 -6.243  1.00 45.18  ? 84  TYR A CA  1 
ATOM   545  C C   . TYR A 1 64  ? -9.601  -10.616 -6.984  1.00 50.24  ? 84  TYR A C   1 
ATOM   546  O O   . TYR A 1 64  ? -10.444 -9.934  -6.424  1.00 44.41  ? 84  TYR A O   1 
ATOM   547  C CB  . TYR A 1 64  ? -7.834  -9.850  -5.401  1.00 41.05  ? 84  TYR A CB  1 
ATOM   548  C CG  . TYR A 1 64  ? -6.770  -10.288 -4.436  1.00 44.44  ? 84  TYR A CG  1 
ATOM   549  C CD1 . TYR A 1 64  ? -5.429  -10.348 -4.829  1.00 45.64  ? 84  TYR A CD1 1 
ATOM   550  C CD2 . TYR A 1 64  ? -7.110  -10.752 -3.157  1.00 43.38  ? 84  TYR A CD2 1 
ATOM   551  C CE1 . TYR A 1 64  ? -4.448  -10.873 -3.975  1.00 57.20  ? 84  TYR A CE1 1 
ATOM   552  C CE2 . TYR A 1 64  ? -6.140  -11.273 -2.297  1.00 44.75  ? 84  TYR A CE2 1 
ATOM   553  C CZ  . TYR A 1 64  ? -4.812  -11.335 -2.717  1.00 47.81  ? 84  TYR A CZ  1 
ATOM   554  O OH  . TYR A 1 64  ? -3.857  -11.901 -1.918  1.00 53.81  ? 84  TYR A OH  1 
ATOM   555  N N   . ASN A 1 65  ? -9.710  -11.022 -8.250  1.00 41.34  ? 85  ASN A N   1 
ATOM   556  C CA  . ASN A 1 65  ? -10.888 -10.717 -9.059  1.00 49.70  ? 85  ASN A CA  1 
ATOM   557  C C   . ASN A 1 65  ? -11.340 -9.279  -8.913  1.00 47.89  ? 85  ASN A C   1 
ATOM   558  O O   . ASN A 1 65  ? -12.509 -9.016  -8.648  1.00 44.41  ? 85  ASN A O   1 
ATOM   559  C CB  . ASN A 1 65  ? -12.057 -11.620 -8.661  1.00 54.42  ? 85  ASN A CB  1 
ATOM   560  C CG  . ASN A 1 65  ? -11.674 -13.064 -8.623  1.00 77.62  ? 85  ASN A CG  1 
ATOM   561  O OD1 . ASN A 1 65  ? -11.298 -13.647 -9.643  1.00 89.85  ? 85  ASN A OD1 1 
ATOM   562  N ND2 . ASN A 1 65  ? -11.756 -13.663 -7.440  1.00 85.19  ? 85  ASN A ND2 1 
ATOM   563  N N   . TYR A 1 66  ? -10.431 -8.338  -9.084  1.00 51.36  ? 86  TYR A N   1 
ATOM   564  C CA  . TYR A 1 66  ? -10.822 -6.951  -8.952  1.00 42.69  ? 86  TYR A CA  1 
ATOM   565  C C   . TYR A 1 66  ? -10.163 -6.187  -10.075 1.00 51.92  ? 86  TYR A C   1 
ATOM   566  O O   . TYR A 1 66  ? -8.954  -5.921  -10.032 1.00 54.76  ? 86  TYR A O   1 
ATOM   567  C CB  . TYR A 1 66  ? -10.382 -6.413  -7.589  1.00 41.16  ? 86  TYR A CB  1 
ATOM   568  C CG  . TYR A 1 66  ? -11.005 -5.071  -7.269  1.00 35.42  ? 86  TYR A CG  1 
ATOM   569  C CD1 . TYR A 1 66  ? -12.354 -4.966  -6.881  1.00 40.42  ? 86  TYR A CD1 1 
ATOM   570  C CD2 . TYR A 1 66  ? -10.281 -3.903  -7.436  1.00 33.93  ? 86  TYR A CD2 1 
ATOM   571  C CE1 . TYR A 1 66  ? -12.955 -3.705  -6.673  1.00 46.16  ? 86  TYR A CE1 1 
ATOM   572  C CE2 . TYR A 1 66  ? -10.867 -2.646  -7.240  1.00 42.62  ? 86  TYR A CE2 1 
ATOM   573  C CZ  . TYR A 1 66  ? -12.204 -2.550  -6.860  1.00 40.35  ? 86  TYR A CZ  1 
ATOM   574  O OH  . TYR A 1 66  ? -12.749 -1.292  -6.679  1.00 45.60  ? 86  TYR A OH  1 
ATOM   575  N N   . PHE A 1 67  ? -10.955 -5.827  -11.079 1.00 49.69  ? 87  PHE A N   1 
ATOM   576  C CA  . PHE A 1 67  ? -10.435 -5.123  -12.245 1.00 44.45  ? 87  PHE A CA  1 
ATOM   577  C C   . PHE A 1 67  ? -10.864 -3.670  -12.360 1.00 45.44  ? 87  PHE A C   1 
ATOM   578  O O   . PHE A 1 67  ? -10.700 -3.051  -13.408 1.00 60.41  ? 87  PHE A O   1 
ATOM   579  C CB  . PHE A 1 67  ? -10.809 -5.899  -13.516 1.00 40.62  ? 87  PHE A CB  1 
ATOM   580  C CG  . PHE A 1 67  ? -10.369 -7.339  -13.481 1.00 44.39  ? 87  PHE A CG  1 
ATOM   581  C CD1 . PHE A 1 67  ? -11.168 -8.314  -12.902 1.00 50.33  ? 87  PHE A CD1 1 
ATOM   582  C CD2 . PHE A 1 67  ? -9.111  -7.701  -13.955 1.00 49.11  ? 87  PHE A CD2 1 
ATOM   583  C CE1 . PHE A 1 67  ? -10.716 -9.638  -12.791 1.00 59.33  ? 87  PHE A CE1 1 
ATOM   584  C CE2 . PHE A 1 67  ? -8.650  -9.010  -13.846 1.00 44.10  ? 87  PHE A CE2 1 
ATOM   585  C CZ  . PHE A 1 67  ? -9.452  -9.983  -13.263 1.00 55.90  ? 87  PHE A CZ  1 
ATOM   586  N N   . LEU A 1 68  ? -11.382 -3.116  -11.271 1.00 50.20  ? 88  LEU A N   1 
ATOM   587  C CA  . LEU A 1 68  ? -11.838 -1.734  -11.251 1.00 43.26  ? 88  LEU A CA  1 
ATOM   588  C C   . LEU A 1 68  ? -10.761 -0.718  -10.887 1.00 44.76  ? 88  LEU A C   1 
ATOM   589  O O   . LEU A 1 68  ? -10.977 0.165   -10.060 1.00 44.74  ? 88  LEU A O   1 
ATOM   590  C CB  . LEU A 1 68  ? -13.014 -1.620  -10.285 1.00 43.38  ? 88  LEU A CB  1 
ATOM   591  C CG  . LEU A 1 68  ? -14.452 -1.770  -10.826 1.00 57.40  ? 88  LEU A CG  1 
ATOM   592  C CD1 . LEU A 1 68  ? -14.515 -2.394  -12.238 1.00 38.13  ? 88  LEU A CD1 1 
ATOM   593  C CD2 . LEU A 1 68  ? -15.242 -2.566  -9.824  1.00 45.49  ? 88  LEU A CD2 1 
ATOM   594  N N   . ILE A 1 69  ? -9.603  -0.808  -11.519 1.00 42.12  ? 89  ILE A N   1 
ATOM   595  C CA  . ILE A 1 69  ? -8.545  0.144   -11.202 1.00 41.53  ? 89  ILE A CA  1 
ATOM   596  C C   . ILE A 1 69  ? -8.198  1.036   -12.394 1.00 44.00  ? 89  ILE A C   1 
ATOM   597  O O   . ILE A 1 69  ? -7.661  0.552   -13.388 1.00 48.16  ? 89  ILE A O   1 
ATOM   598  C CB  . ILE A 1 69  ? -7.280  -0.603  -10.681 1.00 47.84  ? 89  ILE A CB  1 
ATOM   599  C CG1 . ILE A 1 69  ? -7.625  -1.365  -9.383  1.00 39.20  ? 89  ILE A CG1 1 
ATOM   600  C CG2 . ILE A 1 69  ? -6.157  0.395   -10.397 1.00 50.26  ? 89  ILE A CG2 1 
ATOM   601  C CD1 . ILE A 1 69  ? -6.499  -2.189  -8.790  1.00 37.98  ? 89  ILE A CD1 1 
ATOM   602  N N   . GLU A 1 70  ? -8.511  2.335   -12.296 1.00 45.45  ? 90  GLU A N   1 
ATOM   603  C CA  . GLU A 1 70  ? -8.215  3.293   -13.379 1.00 50.92  ? 90  GLU A CA  1 
ATOM   604  C C   . GLU A 1 70  ? -6.713  3.304   -13.683 1.00 55.98  ? 90  GLU A C   1 
ATOM   605  O O   . GLU A 1 70  ? -5.896  3.037   -12.805 1.00 50.97  ? 90  GLU A O   1 
ATOM   606  C CB  . GLU A 1 70  ? -8.634  4.725   -12.999 1.00 56.59  ? 90  GLU A CB  1 
ATOM   607  C CG  . GLU A 1 70  ? -10.143 4.984   -12.907 1.00 82.28  ? 90  GLU A CG  1 
ATOM   608  C CD  . GLU A 1 70  ? -10.667 5.047   -11.462 1.00 101.90 ? 90  GLU A CD  1 
ATOM   609  O OE1 . GLU A 1 70  ? -10.070 5.778   -10.635 1.00 103.64 ? 90  GLU A OE1 1 
ATOM   610  O OE2 . GLU A 1 70  ? -11.678 4.374   -11.147 1.00 109.57 ? 90  GLU A OE2 1 
ATOM   611  N N   . GLU A 1 71  ? -6.356  3.637   -14.922 1.00 51.04  ? 91  GLU A N   1 
ATOM   612  C CA  . GLU A 1 71  ? -4.967  3.671   -15.346 1.00 43.11  ? 91  GLU A CA  1 
ATOM   613  C C   . GLU A 1 71  ? -4.062  4.527   -14.447 1.00 40.92  ? 91  GLU A C   1 
ATOM   614  O O   . GLU A 1 71  ? -2.973  4.111   -14.074 1.00 45.44  ? 91  GLU A O   1 
ATOM   615  C CB  . GLU A 1 71  ? -4.887  4.182   -16.791 1.00 57.49  ? 91  GLU A CB  1 
ATOM   616  C CG  . GLU A 1 71  ? -3.502  4.126   -17.410 1.00 47.57  ? 91  GLU A CG  1 
ATOM   617  C CD  . GLU A 1 71  ? -3.405  4.902   -18.728 1.00 64.40  ? 91  GLU A CD  1 
ATOM   618  O OE1 . GLU A 1 71  ? -2.362  4.805   -19.403 1.00 60.05  ? 91  GLU A OE1 1 
ATOM   619  O OE2 . GLU A 1 71  ? -4.366  5.616   -19.086 1.00 61.55  ? 91  GLU A OE2 1 
ATOM   620  N N   . ARG A 1 72  ? -4.498  5.727   -14.105 1.00 44.06  ? 92  ARG A N   1 
ATOM   621  C CA  . ARG A 1 72  ? -3.675  6.583   -13.274 1.00 39.16  ? 92  ARG A CA  1 
ATOM   622  C C   . ARG A 1 72  ? -3.377  5.889   -11.922 1.00 38.42  ? 92  ARG A C   1 
ATOM   623  O O   . ARG A 1 72  ? -2.267  5.946   -11.432 1.00 46.44  ? 92  ARG A O   1 
ATOM   624  C CB  . ARG A 1 72  ? -4.394  7.893   -13.002 1.00 45.01  ? 92  ARG A CB  1 
ATOM   625  C CG  . ARG A 1 72  ? -3.498  8.916   -12.306 1.00 64.96  ? 92  ARG A CG  1 
ATOM   626  C CD  . ARG A 1 72  ? -4.295  10.117  -11.853 1.00 71.73  ? 92  ARG A CD  1 
ATOM   627  N NE  . ARG A 1 72  ? -5.238  9.760   -10.800 1.00 79.03  ? 92  ARG A NE  1 
ATOM   628  C CZ  . ARG A 1 72  ? -4.920  9.653   -9.517  1.00 80.39  ? 92  ARG A CZ  1 
ATOM   629  N NH1 . ARG A 1 72  ? -3.674  9.884   -9.125  1.00 75.30  ? 92  ARG A NH1 1 
ATOM   630  N NH2 . ARG A 1 72  ? -5.847  9.303   -8.631  1.00 81.36  ? 92  ARG A NH2 1 
ATOM   631  N N   . VAL A 1 73  ? -4.395  5.266   -11.335 1.00 39.22  ? 93  VAL A N   1 
ATOM   632  C CA  . VAL A 1 73  ? -4.278  4.545   -10.070 1.00 42.44  ? 93  VAL A CA  1 
ATOM   633  C C   . VAL A 1 73  ? -3.278  3.418   -10.263 1.00 39.28  ? 93  VAL A C   1 
ATOM   634  O O   . VAL A 1 73  ? -2.389  3.208   -9.444  1.00 40.28  ? 93  VAL A O   1 
ATOM   635  C CB  . VAL A 1 73  ? -5.614  3.916   -9.646  1.00 48.89  ? 93  VAL A CB  1 
ATOM   636  C CG1 . VAL A 1 73  ? -5.409  3.073   -8.400  1.00 44.99  ? 93  VAL A CG1 1 
ATOM   637  C CG2 . VAL A 1 73  ? -6.643  4.995   -9.396  1.00 44.33  ? 93  VAL A CG2 1 
ATOM   638  N N   . GLN A 1 74  ? -3.441  2.678   -11.348 1.00 35.63  ? 94  GLN A N   1 
ATOM   639  C CA  . GLN A 1 74  ? -2.527  1.597   -11.594 1.00 40.16  ? 94  GLN A CA  1 
ATOM   640  C C   . GLN A 1 74  ? -1.093  2.120   -11.718 1.00 42.14  ? 94  GLN A C   1 
ATOM   641  O O   . GLN A 1 74  ? -0.170  1.488   -11.201 1.00 40.01  ? 94  GLN A O   1 
ATOM   642  C CB  . GLN A 1 74  ? -2.901  0.830   -12.856 1.00 43.86  ? 94  GLN A CB  1 
ATOM   643  C CG  . GLN A 1 74  ? -2.508  -0.640  -12.739 1.00 39.02  ? 94  GLN A CG  1 
ATOM   644  C CD  . GLN A 1 74  ? -2.613  -1.376  -14.046 1.00 54.33  ? 94  GLN A CD  1 
ATOM   645  O OE1 . GLN A 1 74  ? -2.057  -0.946  -15.063 1.00 52.74  ? 94  GLN A OE1 1 
ATOM   646  N NE2 . GLN A 1 74  ? -3.312  -2.504  -14.032 1.00 41.74  ? 94  GLN A NE2 1 
ATOM   647  N N   . ASP A 1 75  ? -0.901  3.267   -12.381 1.00 39.89  ? 95  ASP A N   1 
ATOM   648  C CA  . ASP A 1 75  ? 0.447   3.837   -12.555 1.00 40.48  ? 95  ASP A CA  1 
ATOM   649  C C   . ASP A 1 75  ? 1.099   4.096   -11.197 1.00 44.16  ? 95  ASP A C   1 
ATOM   650  O O   . ASP A 1 75  ? 2.296   3.831   -11.014 1.00 43.65  ? 95  ASP A O   1 
ATOM   651  C CB  . ASP A 1 75  ? 0.436   5.178   -13.319 1.00 46.90  ? 95  ASP A CB  1 
ATOM   652  C CG  . ASP A 1 75  ? 0.070   5.037   -14.802 1.00 55.38  ? 95  ASP A CG  1 
ATOM   653  O OD1 . ASP A 1 75  ? 0.264   3.950   -15.383 1.00 47.66  ? 95  ASP A OD1 1 
ATOM   654  O OD2 . ASP A 1 75  ? -0.397  6.039   -15.385 1.00 51.43  ? 95  ASP A OD2 1 
ATOM   655  N N   . ASN A 1 76  ? 0.332   4.655   -10.255 1.00 39.90  ? 96  ASN A N   1 
ATOM   656  C CA  . ASN A 1 76  ? 0.903   4.908   -8.929  1.00 41.30  ? 96  ASN A CA  1 
ATOM   657  C C   . ASN A 1 76  ? 1.133   3.636   -8.132  1.00 42.92  ? 96  ASN A C   1 
ATOM   658  O O   . ASN A 1 76  ? 2.025   3.608   -7.275  1.00 34.47  ? 96  ASN A O   1 
ATOM   659  C CB  . ASN A 1 76  ? 0.047   5.865   -8.109  1.00 32.57  ? 96  ASN A CB  1 
ATOM   660  C CG  . ASN A 1 76  ? 0.155   7.307   -8.604  1.00 47.70  ? 96  ASN A CG  1 
ATOM   661  O OD1 . ASN A 1 76  ? 1.070   7.644   -9.348  1.00 43.07  ? 96  ASN A OD1 1 
ATOM   662  N ND2 . ASN A 1 76  ? -0.771  8.158   -8.172  1.00 39.79  ? 96  ASN A ND2 1 
ATOM   663  N N   . ILE A 1 77  ? 0.340   2.596   -8.384  1.00 33.66  ? 97  ILE A N   1 
ATOM   664  C CA  . ILE A 1 77  ? 0.566   1.333   -7.661  1.00 43.48  ? 97  ILE A CA  1 
ATOM   665  C C   . ILE A 1 77  ? 1.954   0.856   -8.079  1.00 41.48  ? 97  ILE A C   1 
ATOM   666  O O   . ILE A 1 77  ? 2.783   0.516   -7.230  1.00 43.50  ? 97  ILE A O   1 
ATOM   667  C CB  . ILE A 1 77  ? -0.482  0.213   -8.015  1.00 31.51  ? 97  ILE A CB  1 
ATOM   668  C CG1 . ILE A 1 77  ? -1.826  0.537   -7.372  1.00 33.80  ? 97  ILE A CG1 1 
ATOM   669  C CG2 . ILE A 1 77  ? -0.006  -1.163  -7.471  1.00 31.55  ? 97  ILE A CG2 1 
ATOM   670  C CD1 . ILE A 1 77  ? -2.914  -0.496  -7.703  1.00 31.15  ? 97  ILE A CD1 1 
ATOM   671  N N   . VAL A 1 78  ? 2.208   0.863   -9.389  1.00 36.47  ? 98  VAL A N   1 
ATOM   672  C CA  . VAL A 1 78  ? 3.503   0.442   -9.928  1.00 38.90  ? 98  VAL A CA  1 
ATOM   673  C C   . VAL A 1 78  ? 4.624   1.311   -9.346  1.00 43.60  ? 98  VAL A C   1 
ATOM   674  O O   . VAL A 1 78  ? 5.668   0.792   -8.924  1.00 32.67  ? 98  VAL A O   1 
ATOM   675  C CB  . VAL A 1 78  ? 3.549   0.540   -11.466 1.00 43.07  ? 98  VAL A CB  1 
ATOM   676  C CG1 . VAL A 1 78  ? 4.973   0.204   -11.965 1.00 39.66  ? 98  VAL A CG1 1 
ATOM   677  C CG2 . VAL A 1 78  ? 2.539   -0.436  -12.078 1.00 42.59  ? 98  VAL A CG2 1 
ATOM   678  N N   . ASN A 1 79  ? 4.406   2.626   -9.322  1.00 36.64  ? 99  ASN A N   1 
ATOM   679  C CA  . ASN A 1 79  ? 5.414   3.522   -8.767  1.00 44.91  ? 99  ASN A CA  1 
ATOM   680  C C   . ASN A 1 79  ? 5.727   3.170   -7.322  1.00 44.60  ? 99  ASN A C   1 
ATOM   681  O O   . ASN A 1 79  ? 6.892   3.010   -6.956  1.00 43.54  ? 99  ASN A O   1 
ATOM   682  C CB  . ASN A 1 79  ? 4.965   4.992   -8.809  1.00 35.59  ? 99  ASN A CB  1 
ATOM   683  C CG  . ASN A 1 79  ? 4.885   5.541   -10.213 1.00 47.92  ? 99  ASN A CG  1 
ATOM   684  O OD1 . ASN A 1 79  ? 5.591   5.085   -11.095 1.00 47.81  ? 99  ASN A OD1 1 
ATOM   685  N ND2 . ASN A 1 79  ? 4.032   6.538   -10.423 1.00 43.13  ? 99  ASN A ND2 1 
ATOM   686  N N   . ARG A 1 80  ? 4.682   3.052   -6.504  1.00 37.59  ? 100 ARG A N   1 
ATOM   687  C CA  . ARG A 1 80  ? 4.876   2.741   -5.084  1.00 33.51  ? 100 ARG A CA  1 
ATOM   688  C C   . ARG A 1 80  ? 5.614   1.419   -4.911  1.00 35.55  ? 100 ARG A C   1 
ATOM   689  O O   . ARG A 1 80  ? 6.482   1.292   -4.050  1.00 37.75  ? 100 ARG A O   1 
ATOM   690  C CB  . ARG A 1 80  ? 3.528   2.707   -4.331  1.00 27.12  ? 100 ARG A CB  1 
ATOM   691  C CG  . ARG A 1 80  ? 2.968   4.118   -3.980  1.00 24.34  ? 100 ARG A CG  1 
ATOM   692  C CD  . ARG A 1 80  ? 1.783   3.976   -3.022  1.00 26.31  ? 100 ARG A CD  1 
ATOM   693  N NE  . ARG A 1 80  ? 0.689   3.204   -3.622  1.00 28.42  ? 100 ARG A NE  1 
ATOM   694  C CZ  . ARG A 1 80  ? -0.283  3.738   -4.348  1.00 35.96  ? 100 ARG A CZ  1 
ATOM   695  N NH1 . ARG A 1 80  ? -0.288  5.053   -4.556  1.00 31.29  ? 100 ARG A NH1 1 
ATOM   696  N NH2 . ARG A 1 80  ? -1.261  2.969   -4.835  1.00 30.42  ? 100 ARG A NH2 1 
ATOM   697  N N   . ILE A 1 81  ? 5.283   0.436   -5.736  1.00 31.63  ? 101 ILE A N   1 
ATOM   698  C CA  . ILE A 1 81  ? 5.938   -0.853  -5.617  1.00 29.68  ? 101 ILE A CA  1 
ATOM   699  C C   . ILE A 1 81  ? 7.439   -0.698  -5.930  1.00 35.92  ? 101 ILE A C   1 
ATOM   700  O O   . ILE A 1 81  ? 8.291   -1.142  -5.158  1.00 34.46  ? 101 ILE A O   1 
ATOM   701  C CB  . ILE A 1 81  ? 5.287   -1.900  -6.563  1.00 32.49  ? 101 ILE A CB  1 
ATOM   702  C CG1 . ILE A 1 81  ? 3.924   -2.369  -5.994  1.00 27.14  ? 101 ILE A CG1 1 
ATOM   703  C CG2 . ILE A 1 81  ? 6.228   -3.073  -6.743  1.00 31.28  ? 101 ILE A CG2 1 
ATOM   704  C CD1 . ILE A 1 81  ? 3.103   -3.322  -6.972  1.00 23.01  ? 101 ILE A CD1 1 
ATOM   705  N N   . SER A 1 82  ? 7.759   -0.058  -7.051  1.00 34.78  ? 102 SER A N   1 
ATOM   706  C CA  . SER A 1 82  ? 9.162   0.128   -7.398  1.00 45.95  ? 102 SER A CA  1 
ATOM   707  C C   . SER A 1 82  ? 9.868   0.883   -6.268  1.00 41.23  ? 102 SER A C   1 
ATOM   708  O O   . SER A 1 82  ? 10.982  0.535   -5.891  1.00 36.83  ? 102 SER A O   1 
ATOM   709  C CB  . SER A 1 82  ? 9.310   0.890   -8.719  1.00 43.11  ? 102 SER A CB  1 
ATOM   710  O OG  . SER A 1 82  ? 10.682  0.917   -9.080  1.00 57.61  ? 102 SER A OG  1 
ATOM   711  N N   . ASP A 1 83  ? 9.226   1.897   -5.702  1.00 36.44  ? 103 ASP A N   1 
ATOM   712  C CA  . ASP A 1 83  ? 9.893   2.602   -4.620  1.00 40.92  ? 103 ASP A CA  1 
ATOM   713  C C   . ASP A 1 83  ? 10.172  1.708   -3.418  1.00 41.26  ? 103 ASP A C   1 
ATOM   714  O O   . ASP A 1 83  ? 11.197  1.858   -2.760  1.00 38.07  ? 103 ASP A O   1 
ATOM   715  C CB  . ASP A 1 83  ? 9.098   3.840   -4.211  1.00 51.02  ? 103 ASP A CB  1 
ATOM   716  C CG  . ASP A 1 83  ? 9.108   4.917   -5.304  1.00 62.30  ? 103 ASP A CG  1 
ATOM   717  O OD1 . ASP A 1 83  ? 9.937   4.809   -6.245  1.00 65.60  ? 103 ASP A OD1 1 
ATOM   718  O OD2 . ASP A 1 83  ? 8.304   5.868   -5.224  1.00 53.12  ? 103 ASP A OD2 1 
ATOM   719  N N   . ARG A 1 84  ? 9.275   0.767   -3.137  1.00 33.76  ? 104 ARG A N   1 
ATOM   720  C CA  . ARG A 1 84  ? 9.476   -0.137  -2.010  1.00 33.61  ? 104 ARG A CA  1 
ATOM   721  C C   . ARG A 1 84  ? 10.650  -1.048  -2.314  1.00 35.22  ? 104 ARG A C   1 
ATOM   722  O O   . ARG A 1 84  ? 11.400  -1.394  -1.407  1.00 35.22  ? 104 ARG A O   1 
ATOM   723  C CB  . ARG A 1 84  ? 8.221   -0.980  -1.714  1.00 37.72  ? 104 ARG A CB  1 
ATOM   724  C CG  . ARG A 1 84  ? 7.055   -0.198  -1.076  1.00 37.40  ? 104 ARG A CG  1 
ATOM   725  C CD  . ARG A 1 84  ? 5.896   -1.145  -0.696  1.00 33.60  ? 104 ARG A CD  1 
ATOM   726  N NE  . ARG A 1 84  ? 4.724   -0.358  -0.334  1.00 36.43  ? 104 ARG A NE  1 
ATOM   727  C CZ  . ARG A 1 84  ? 3.739   -0.042  -1.166  1.00 30.00  ? 104 ARG A CZ  1 
ATOM   728  N NH1 . ARG A 1 84  ? 3.756   -0.461  -2.428  1.00 28.94  ? 104 ARG A NH1 1 
ATOM   729  N NH2 . ARG A 1 84  ? 2.753   0.725   -0.732  1.00 32.55  ? 104 ARG A NH2 1 
ATOM   730  N N   . LEU A 1 85  ? 10.806  -1.445  -3.582  1.00 34.15  ? 105 LEU A N   1 
ATOM   731  C CA  . LEU A 1 85  ? 11.923  -2.321  -3.960  1.00 37.31  ? 105 LEU A CA  1 
ATOM   732  C C   . LEU A 1 85  ? 13.251  -1.623  -3.613  1.00 37.19  ? 105 LEU A C   1 
ATOM   733  O O   . LEU A 1 85  ? 14.138  -2.209  -2.983  1.00 40.83  ? 105 LEU A O   1 
ATOM   734  C CB  . LEU A 1 85  ? 11.889  -2.619  -5.459  1.00 39.66  ? 105 LEU A CB  1 
ATOM   735  C CG  . LEU A 1 85  ? 10.590  -3.253  -5.985  1.00 37.17  ? 105 LEU A CG  1 
ATOM   736  C CD1 . LEU A 1 85  ? 10.753  -3.575  -7.451  1.00 36.56  ? 105 LEU A CD1 1 
ATOM   737  C CD2 . LEU A 1 85  ? 10.241  -4.491  -5.211  1.00 35.60  ? 105 LEU A CD2 1 
ATOM   738  N N   . ILE A 1 86  ? 13.366  -0.366  -4.024  1.00 38.77  ? 106 ILE A N   1 
ATOM   739  C CA  . ILE A 1 86  ? 14.570  0.425   -3.768  1.00 44.16  ? 106 ILE A CA  1 
ATOM   740  C C   . ILE A 1 86  ? 14.743  0.735   -2.270  1.00 43.49  ? 106 ILE A C   1 
ATOM   741  O O   . ILE A 1 86  ? 15.855  0.749   -1.766  1.00 45.86  ? 106 ILE A O   1 
ATOM   742  C CB  . ILE A 1 86  ? 14.541  1.716   -4.615  1.00 39.89  ? 106 ILE A CB  1 
ATOM   743  C CG1 . ILE A 1 86  ? 14.786  1.331   -6.083  1.00 36.56  ? 106 ILE A CG1 1 
ATOM   744  C CG2 . ILE A 1 86  ? 15.567  2.715   -4.120  1.00 37.56  ? 106 ILE A CG2 1 
ATOM   745  C CD1 . ILE A 1 86  ? 14.669  2.475   -7.044  1.00 50.43  ? 106 ILE A CD1 1 
ATOM   746  N N   . SER A 1 87  ? 13.643  0.930   -1.548  1.00 40.60  ? 107 SER A N   1 
ATOM   747  C CA  . SER A 1 87  ? 13.730  1.216   -0.123  1.00 38.80  ? 107 SER A CA  1 
ATOM   748  C C   . SER A 1 87  ? 14.116  -0.003  0.730   1.00 47.86  ? 107 SER A C   1 
ATOM   749  O O   . SER A 1 87  ? 14.843  0.125   1.722   1.00 43.89  ? 107 SER A O   1 
ATOM   750  C CB  . SER A 1 87  ? 12.385  1.765   0.368   1.00 37.61  ? 107 SER A CB  1 
ATOM   751  O OG  . SER A 1 87  ? 12.421  2.080   1.751   1.00 35.32  ? 107 SER A OG  1 
ATOM   752  N N   . TYR A 1 88  ? 13.633  -1.185  0.345   1.00 38.60  ? 108 TYR A N   1 
ATOM   753  C CA  . TYR A 1 88  ? 13.874  -2.409  1.120   1.00 43.41  ? 108 TYR A CA  1 
ATOM   754  C C   . TYR A 1 88  ? 14.885  -3.414  0.548   1.00 45.24  ? 108 TYR A C   1 
ATOM   755  O O   . TYR A 1 88  ? 15.381  -4.280  1.280   1.00 48.78  ? 108 TYR A O   1 
ATOM   756  C CB  . TYR A 1 88  ? 12.548  -3.186  1.297   1.00 34.77  ? 108 TYR A CB  1 
ATOM   757  C CG  . TYR A 1 88  ? 11.398  -2.404  1.883   1.00 33.83  ? 108 TYR A CG  1 
ATOM   758  C CD1 . TYR A 1 88  ? 10.068  -2.743  1.574   1.00 36.50  ? 108 TYR A CD1 1 
ATOM   759  C CD2 . TYR A 1 88  ? 11.621  -1.367  2.800   1.00 35.07  ? 108 TYR A CD2 1 
ATOM   760  C CE1 . TYR A 1 88  ? 8.999   -2.082  2.161   1.00 35.19  ? 108 TYR A CE1 1 
ATOM   761  C CE2 . TYR A 1 88  ? 10.549  -0.696  3.401   1.00 36.41  ? 108 TYR A CE2 1 
ATOM   762  C CZ  . TYR A 1 88  ? 9.242   -1.060  3.073   1.00 37.27  ? 108 TYR A CZ  1 
ATOM   763  O OH  . TYR A 1 88  ? 8.190   -0.385  3.647   1.00 35.95  ? 108 TYR A OH  1 
ATOM   764  N N   . CYS A 1 89  ? 15.180  -3.333  -0.742  1.00 44.62  ? 109 CYS A N   1 
ATOM   765  C CA  . CYS A 1 89  ? 16.066  -4.346  -1.333  1.00 49.45  ? 109 CYS A CA  1 
ATOM   766  C C   . CYS A 1 89  ? 17.352  -3.852  -1.966  1.00 48.52  ? 109 CYS A C   1 
ATOM   767  O O   . CYS A 1 89  ? 18.064  -4.629  -2.596  1.00 54.01  ? 109 CYS A O   1 
ATOM   768  C CB  . CYS A 1 89  ? 15.286  -5.127  -2.398  1.00 43.01  ? 109 CYS A CB  1 
ATOM   769  S SG  . CYS A 1 89  ? 13.717  -5.863  -1.816  1.00 51.74  ? 109 CYS A SG  1 
ATOM   770  N N   . THR A 1 90  ? 17.650  -2.577  -1.786  1.00 57.11  ? 110 THR A N   1 
ATOM   771  C CA  . THR A 1 90  ? 18.806  -1.951  -2.411  1.00 55.30  ? 110 THR A CA  1 
ATOM   772  C C   . THR A 1 90  ? 20.090  -1.901  -1.588  1.00 62.32  ? 110 THR A C   1 
ATOM   773  O O   . THR A 1 90  ? 21.003  -1.129  -1.885  1.00 67.76  ? 110 THR A O   1 
ATOM   774  C CB  . THR A 1 90  ? 18.370  -0.551  -2.897  1.00 54.96  ? 110 THR A CB  1 
ATOM   775  O OG1 . THR A 1 90  ? 18.832  -0.353  -4.231  1.00 81.20  ? 110 THR A OG1 1 
ATOM   776  C CG2 . THR A 1 90  ? 18.854  0.556   -1.994  1.00 53.66  ? 110 THR A CG2 1 
ATOM   777  N N   . ASP A 1 91  ? 20.173  -2.755  -0.575  1.00 72.36  ? 111 ASP A N   1 
ATOM   778  C CA  . ASP A 1 91  ? 21.361  -2.834  0.273   1.00 79.67  ? 111 ASP A CA  1 
ATOM   779  C C   . ASP A 1 91  ? 21.602  -4.286  0.644   1.00 80.65  ? 111 ASP A C   1 
ATOM   780  O O   . ASP A 1 91  ? 22.199  -5.051  -0.111  1.00 85.80  ? 111 ASP A O   1 
ATOM   781  C CB  . ASP A 1 91  ? 21.172  -2.031  1.564   1.00 87.79  ? 111 ASP A CB  1 
ATOM   782  C CG  . ASP A 1 91  ? 20.876  -0.571  1.306   1.00 93.98  ? 111 ASP A CG  1 
ATOM   783  O OD1 . ASP A 1 91  ? 21.654  0.065   0.555   1.00 91.37  ? 111 ASP A OD1 1 
ATOM   784  O OD2 . ASP A 1 91  ? 19.869  -0.067  1.858   1.00 97.26  ? 111 ASP A OD2 1 
ATOM   785  N N   . LYS A 1 92  ? 21.123  -4.642  1.829   1.00 83.09  ? 112 LYS A N   1 
ATOM   786  C CA  . LYS A 1 92  ? 21.239  -5.987  2.362   1.00 81.86  ? 112 LYS A CA  1 
ATOM   787  C C   . LYS A 1 92  ? 21.064  -7.051  1.288   1.00 81.46  ? 112 LYS A C   1 
ATOM   788  O O   . LYS A 1 92  ? 20.499  -6.805  0.222   1.00 80.03  ? 112 LYS A O   1 
ATOM   789  C CB  . LYS A 1 92  ? 20.194  -6.185  3.460   1.00 88.70  ? 112 LYS A CB  1 
ATOM   790  C CG  . LYS A 1 92  ? 20.202  -5.091  4.527   1.00 91.73  ? 112 LYS A CG  1 
ATOM   791  C CD  . LYS A 1 92  ? 19.276  -5.451  5.673   1.00 99.09  ? 112 LYS A CD  1 
ATOM   792  C CE  . LYS A 1 92  ? 19.343  -4.445  6.813   1.00 101.52 ? 112 LYS A CE  1 
ATOM   793  N NZ  . LYS A 1 92  ? 18.377  -4.791  7.908   1.00 99.47  ? 112 LYS A NZ  1 
ATOM   794  N N   . GLU A 1 93  ? 21.560  -8.241  1.581   1.00 78.54  ? 113 GLU A N   1 
ATOM   795  C CA  . GLU A 1 93  ? 21.466  -9.350  0.649   1.00 77.68  ? 113 GLU A CA  1 
ATOM   796  C C   . GLU A 1 93  ? 20.018  -9.815  0.637   1.00 73.63  ? 113 GLU A C   1 
ATOM   797  O O   . GLU A 1 93  ? 19.489  -10.240 1.666   1.00 70.82  ? 113 GLU A O   1 
ATOM   798  C CB  . GLU A 1 93  ? 22.391  -10.475 1.117   1.00 82.78  ? 113 GLU A CB  1 
ATOM   799  C CG  . GLU A 1 93  ? 22.542  -11.644 0.159   1.00 97.55  ? 113 GLU A CG  1 
ATOM   800  C CD  . GLU A 1 93  ? 23.655  -12.595 0.587   1.00 102.09 ? 113 GLU A CD  1 
ATOM   801  O OE1 . GLU A 1 93  ? 24.826  -12.161 0.610   1.00 106.23 ? 113 GLU A OE1 1 
ATOM   802  O OE2 . GLU A 1 93  ? 23.363  -13.772 0.905   1.00 106.55 ? 113 GLU A OE2 1 
ATOM   803  N N   . VAL A 1 94  ? 19.363  -9.713  -0.513  1.00 66.04  ? 114 VAL A N   1 
ATOM   804  C CA  . VAL A 1 94  ? 17.980  -10.138 -0.593  1.00 59.72  ? 114 VAL A CA  1 
ATOM   805  C C   . VAL A 1 94  ? 17.895  -11.645 -0.452  1.00 62.47  ? 114 VAL A C   1 
ATOM   806  O O   . VAL A 1 94  ? 17.749  -12.383 -1.428  1.00 66.98  ? 114 VAL A O   1 
ATOM   807  C CB  . VAL A 1 94  ? 17.317  -9.719  -1.915  1.00 59.69  ? 114 VAL A CB  1 
ATOM   808  C CG1 . VAL A 1 94  ? 15.839  -10.162 -1.906  1.00 49.23  ? 114 VAL A CG1 1 
ATOM   809  C CG2 . VAL A 1 94  ? 17.424  -8.210  -2.090  1.00 56.28  ? 114 VAL A CG2 1 
ATOM   810  N N   . THR A 1 95  ? 17.970  -12.102 0.785   1.00 67.79  ? 115 THR A N   1 
ATOM   811  C CA  . THR A 1 95  ? 17.904  -13.522 1.062   1.00 67.22  ? 115 THR A CA  1 
ATOM   812  C C   . THR A 1 95  ? 16.491  -13.985 1.376   1.00 70.78  ? 115 THR A C   1 
ATOM   813  O O   . THR A 1 95  ? 15.549  -13.191 1.454   1.00 73.38  ? 115 THR A O   1 
ATOM   814  C CB  . THR A 1 95  ? 18.799  -13.882 2.239   1.00 68.52  ? 115 THR A CB  1 
ATOM   815  O OG1 . THR A 1 95  ? 18.238  -13.347 3.444   1.00 66.84  ? 115 THR A OG1 1 
ATOM   816  C CG2 . THR A 1 95  ? 20.192  -13.299 2.028   1.00 63.09  ? 115 THR A CG2 1 
ATOM   817  N N   . GLU A 1 96  ? 16.360  -15.290 1.566   1.00 66.50  ? 116 GLU A N   1 
ATOM   818  C CA  . GLU A 1 96  ? 15.086  -15.906 1.864   1.00 68.86  ? 116 GLU A CA  1 
ATOM   819  C C   . GLU A 1 96  ? 14.541  -15.454 3.210   1.00 70.89  ? 116 GLU A C   1 
ATOM   820  O O   . GLU A 1 96  ? 13.349  -15.190 3.333   1.00 67.49  ? 116 GLU A O   1 
ATOM   821  C CB  . GLU A 1 96  ? 15.252  -17.417 1.827   1.00 76.00  ? 116 GLU A CB  1 
ATOM   822  C CG  . GLU A 1 96  ? 14.038  -18.201 2.213   1.00 87.32  ? 116 GLU A CG  1 
ATOM   823  C CD  . GLU A 1 96  ? 14.230  -19.666 1.919   1.00 100.14 ? 116 GLU A CD  1 
ATOM   824  O OE1 . GLU A 1 96  ? 14.252  -20.015 0.718   1.00 103.24 ? 116 GLU A OE1 1 
ATOM   825  O OE2 . GLU A 1 96  ? 14.375  -20.459 2.877   1.00 103.60 ? 116 GLU A OE2 1 
ATOM   826  N N   . ASP A 1 97  ? 15.409  -15.374 4.218   1.00 67.58  ? 117 ASP A N   1 
ATOM   827  C CA  . ASP A 1 97  ? 14.987  -14.924 5.547   1.00 68.43  ? 117 ASP A CA  1 
ATOM   828  C C   . ASP A 1 97  ? 14.690  -13.429 5.524   1.00 65.74  ? 117 ASP A C   1 
ATOM   829  O O   . ASP A 1 97  ? 13.870  -12.936 6.298   1.00 65.75  ? 117 ASP A O   1 
ATOM   830  C CB  . ASP A 1 97  ? 16.070  -15.170 6.607   1.00 71.32  ? 117 ASP A CB  1 
ATOM   831  C CG  . ASP A 1 97  ? 16.034  -16.576 7.167   1.00 81.09  ? 117 ASP A CG  1 
ATOM   832  O OD1 . ASP A 1 97  ? 14.946  -17.187 7.145   1.00 82.73  ? 117 ASP A OD1 1 
ATOM   833  O OD2 . ASP A 1 97  ? 17.087  -17.063 7.643   1.00 86.37  ? 117 ASP A OD2 1 
ATOM   834  N N   . TYR A 1 98  ? 15.378  -12.708 4.648   1.00 56.20  ? 118 TYR A N   1 
ATOM   835  C CA  . TYR A 1 98  ? 15.183  -11.273 4.566   1.00 59.54  ? 118 TYR A CA  1 
ATOM   836  C C   . TYR A 1 98  ? 13.801  -10.929 4.020   1.00 62.97  ? 118 TYR A C   1 
ATOM   837  O O   . TYR A 1 98  ? 13.083  -10.120 4.623   1.00 50.81  ? 118 TYR A O   1 
ATOM   838  C CB  . TYR A 1 98  ? 16.262  -10.634 3.694   1.00 54.88  ? 118 TYR A CB  1 
ATOM   839  C CG  . TYR A 1 98  ? 16.223  -9.124  3.694   1.00 54.32  ? 118 TYR A CG  1 
ATOM   840  C CD1 . TYR A 1 98  ? 16.431  -8.399  4.869   1.00 60.54  ? 118 TYR A CD1 1 
ATOM   841  C CD2 . TYR A 1 98  ? 15.961  -8.419  2.525   1.00 51.22  ? 118 TYR A CD2 1 
ATOM   842  C CE1 . TYR A 1 98  ? 16.372  -7.016  4.872   1.00 61.75  ? 118 TYR A CE1 1 
ATOM   843  C CE2 . TYR A 1 98  ? 15.905  -7.033  2.516   1.00 49.19  ? 118 TYR A CE2 1 
ATOM   844  C CZ  . TYR A 1 98  ? 16.109  -6.337  3.691   1.00 56.71  ? 118 TYR A CZ  1 
ATOM   845  O OH  . TYR A 1 98  ? 16.065  -4.959  3.690   1.00 55.51  ? 118 TYR A OH  1 
ATOM   846  N N   . ILE A 1 99  ? 13.420  -11.546 2.897   1.00 63.66  ? 119 ILE A N   1 
ATOM   847  C CA  . ILE A 1 99  ? 12.120  -11.252 2.307   1.00 61.47  ? 119 ILE A CA  1 
ATOM   848  C C   . ILE A 1 99  ? 10.994  -11.679 3.237   1.00 65.14  ? 119 ILE A C   1 
ATOM   849  O O   . ILE A 1 99  ? 9.909   -11.091 3.211   1.00 64.24  ? 119 ILE A O   1 
ATOM   850  C CB  . ILE A 1 99  ? 11.932  -11.894 0.901   1.00 65.40  ? 119 ILE A CB  1 
ATOM   851  C CG1 . ILE A 1 99  ? 11.853  -13.420 0.991   1.00 55.73  ? 119 ILE A CG1 1 
ATOM   852  C CG2 . ILE A 1 99  ? 13.053  -11.443 -0.011  1.00 65.34  ? 119 ILE A CG2 1 
ATOM   853  C CD1 . ILE A 1 99  ? 11.708  -14.092 -0.354  1.00 52.21  ? 119 ILE A CD1 1 
ATOM   854  N N   . LYS A 1 100 ? 11.244  -12.690 4.067   1.00 60.82  ? 120 LYS A N   1 
ATOM   855  C CA  . LYS A 1 100 ? 10.227  -13.121 5.026   1.00 56.42  ? 120 LYS A CA  1 
ATOM   856  C C   . LYS A 1 100 ? 10.016  -11.946 5.999   1.00 54.40  ? 120 LYS A C   1 
ATOM   857  O O   . LYS A 1 100 ? 8.885   -11.654 6.413   1.00 53.92  ? 120 LYS A O   1 
ATOM   858  C CB  . LYS A 1 100 ? 10.689  -14.363 5.790   1.00 65.44  ? 120 LYS A CB  1 
ATOM   859  C CG  . LYS A 1 100 ? 9.939   -15.645 5.442   1.00 74.40  ? 120 LYS A CG  1 
ATOM   860  C CD  . LYS A 1 100 ? 8.483   -15.604 5.918   1.00 80.66  ? 120 LYS A CD  1 
ATOM   861  C CE  . LYS A 1 100 ? 7.726   -16.892 5.589   1.00 79.87  ? 120 LYS A CE  1 
ATOM   862  N NZ  . LYS A 1 100 ? 7.540   -17.151 4.120   1.00 74.93  ? 120 LYS A NZ  1 
ATOM   863  N N   . LYS A 1 101 ? 11.112  -11.270 6.342   1.00 44.46  ? 121 LYS A N   1 
ATOM   864  C CA  . LYS A 1 101 ? 11.054  -10.113 7.220   1.00 47.00  ? 121 LYS A CA  1 
ATOM   865  C C   . LYS A 1 101 ? 10.437  -8.897  6.492   1.00 45.53  ? 121 LYS A C   1 
ATOM   866  O O   . LYS A 1 101 ? 9.772   -8.094  7.133   1.00 44.22  ? 121 LYS A O   1 
ATOM   867  C CB  . LYS A 1 101 ? 12.445  -9.730  7.729   1.00 47.42  ? 121 LYS A CB  1 
ATOM   868  C CG  . LYS A 1 101 ? 12.410  -8.690  8.859   1.00 65.42  ? 121 LYS A CG  1 
ATOM   869  C CD  . LYS A 1 101 ? 13.802  -8.186  9.262   1.00 78.90  ? 121 LYS A CD  1 
ATOM   870  C CE  . LYS A 1 101 ? 14.474  -7.331  8.169   1.00 86.57  ? 121 LYS A CE  1 
ATOM   871  N NZ  . LYS A 1 101 ? 15.822  -6.787  8.578   1.00 71.83  ? 121 LYS A NZ  1 
ATOM   872  N N   . ILE A 1 102 ? 10.651  -8.756  5.179   1.00 43.66  ? 122 ILE A N   1 
ATOM   873  C CA  . ILE A 1 102 ? 10.081  -7.620  4.436   1.00 46.02  ? 122 ILE A CA  1 
ATOM   874  C C   . ILE A 1 102 ? 8.576   -7.806  4.344   1.00 38.21  ? 122 ILE A C   1 
ATOM   875  O O   . ILE A 1 102 ? 7.823   -6.833  4.246   1.00 46.11  ? 122 ILE A O   1 
ATOM   876  C CB  . ILE A 1 102 ? 10.701  -7.455  3.019   1.00 46.41  ? 122 ILE A CB  1 
ATOM   877  C CG1 . ILE A 1 102 ? 12.172  -7.065  3.155   1.00 53.90  ? 122 ILE A CG1 1 
ATOM   878  C CG2 . ILE A 1 102 ? 9.971   -6.312  2.207   1.00 39.99  ? 122 ILE A CG2 1 
ATOM   879  C CD1 . ILE A 1 102 ? 12.418  -5.764  3.933   1.00 48.86  ? 122 ILE A CD1 1 
ATOM   880  N N   . ASP A 1 103 ? 8.116   -9.047  4.392   1.00 42.57  ? 123 ASP A N   1 
ATOM   881  C CA  . ASP A 1 103 ? 6.682   -9.242  4.370   1.00 40.48  ? 123 ASP A CA  1 
ATOM   882  C C   . ASP A 1 103 ? 6.052   -8.541  5.598   1.00 48.23  ? 123 ASP A C   1 
ATOM   883  O O   . ASP A 1 103 ? 4.918   -8.080  5.522   1.00 40.10  ? 123 ASP A O   1 
ATOM   884  C CB  . ASP A 1 103 ? 6.322   -10.742 4.335   1.00 42.92  ? 123 ASP A CB  1 
ATOM   885  C CG  . ASP A 1 103 ? 6.187   -11.292 2.888   1.00 52.51  ? 123 ASP A CG  1 
ATOM   886  O OD1 . ASP A 1 103 ? 6.325   -10.514 1.918   1.00 47.52  ? 123 ASP A OD1 1 
ATOM   887  O OD2 . ASP A 1 103 ? 5.937   -12.509 2.718   1.00 55.71  ? 123 ASP A OD2 1 
ATOM   888  N N   . ASP A 1 104 ? 6.784   -8.432  6.714   1.00 46.12  ? 124 ASP A N   1 
ATOM   889  C CA  . ASP A 1 104 ? 6.240   -7.773  7.906   1.00 45.05  ? 124 ASP A CA  1 
ATOM   890  C C   . ASP A 1 104 ? 6.180   -6.254  7.717   1.00 44.80  ? 124 ASP A C   1 
ATOM   891  O O   . ASP A 1 104 ? 5.275   -5.581  8.229   1.00 43.55  ? 124 ASP A O   1 
ATOM   892  C CB  . ASP A 1 104 ? 7.060   -8.104  9.167   1.00 55.05  ? 124 ASP A CB  1 
ATOM   893  C CG  . ASP A 1 104 ? 6.945   -9.574  9.581   1.00 62.35  ? 124 ASP A CG  1 
ATOM   894  O OD1 . ASP A 1 104 ? 5.863   -10.176 9.405   1.00 47.02  ? 124 ASP A OD1 1 
ATOM   895  O OD2 . ASP A 1 104 ? 7.942   -10.125 10.099  1.00 58.60  ? 124 ASP A OD2 1 
ATOM   896  N N   . TYR A 1 105 ? 7.150   -5.717  6.991   1.00 36.56  ? 125 TYR A N   1 
ATOM   897  C CA  . TYR A 1 105 ? 7.151   -4.286  6.715   1.00 40.62  ? 125 TYR A CA  1 
ATOM   898  C C   . TYR A 1 105 ? 5.926   -3.978  5.829   1.00 41.68  ? 125 TYR A C   1 
ATOM   899  O O   . TYR A 1 105 ? 5.267   -2.945  5.995   1.00 38.00  ? 125 TYR A O   1 
ATOM   900  C CB  . TYR A 1 105 ? 8.419   -3.893  5.956   1.00 31.27  ? 125 TYR A CB  1 
ATOM   901  C CG  . TYR A 1 105 ? 9.679   -3.828  6.787   1.00 43.56  ? 125 TYR A CG  1 
ATOM   902  C CD1 . TYR A 1 105 ? 10.062  -4.885  7.625   1.00 41.59  ? 125 TYR A CD1 1 
ATOM   903  C CD2 . TYR A 1 105 ? 10.530  -2.746  6.668   1.00 40.33  ? 125 TYR A CD2 1 
ATOM   904  C CE1 . TYR A 1 105 ? 11.268  -4.852  8.305   1.00 53.63  ? 125 TYR A CE1 1 
ATOM   905  C CE2 . TYR A 1 105 ? 11.735  -2.698  7.336   1.00 54.88  ? 125 TYR A CE2 1 
ATOM   906  C CZ  . TYR A 1 105 ? 12.102  -3.747  8.152   1.00 53.76  ? 125 TYR A CZ  1 
ATOM   907  O OH  . TYR A 1 105 ? 13.299  -3.661  8.811   1.00 49.23  ? 125 TYR A OH  1 
ATOM   908  N N   . LEU A 1 106 ? 5.631   -4.883  4.891   1.00 37.56  ? 126 LEU A N   1 
ATOM   909  C CA  . LEU A 1 106 ? 4.513   -4.702  3.979   1.00 34.22  ? 126 LEU A CA  1 
ATOM   910  C C   . LEU A 1 106 ? 3.234   -4.726  4.791   1.00 36.77  ? 126 LEU A C   1 
ATOM   911  O O   . LEU A 1 106 ? 2.331   -3.922  4.583   1.00 34.51  ? 126 LEU A O   1 
ATOM   912  C CB  . LEU A 1 106 ? 4.487   -5.820  2.909   1.00 31.70  ? 126 LEU A CB  1 
ATOM   913  C CG  . LEU A 1 106 ? 5.644   -5.804  1.878   1.00 36.09  ? 126 LEU A CG  1 
ATOM   914  C CD1 . LEU A 1 106 ? 5.472   -6.930  0.875   1.00 33.29  ? 126 LEU A CD1 1 
ATOM   915  C CD2 . LEU A 1 106 ? 5.712   -4.458  1.139   1.00 34.11  ? 126 LEU A CD2 1 
ATOM   916  N N   . TRP A 1 107 ? 3.176   -5.657  5.731   1.00 37.95  ? 127 TRP A N   1 
ATOM   917  C CA  . TRP A 1 107 ? 2.017   -5.831  6.598   1.00 37.91  ? 127 TRP A CA  1 
ATOM   918  C C   . TRP A 1 107 ? 1.741   -4.553  7.372   1.00 33.79  ? 127 TRP A C   1 
ATOM   919  O O   . TRP A 1 107 ? 0.593   -4.100  7.457   1.00 40.76  ? 127 TRP A O   1 
ATOM   920  C CB  . TRP A 1 107 ? 2.290   -6.968  7.588   1.00 38.62  ? 127 TRP A CB  1 
ATOM   921  C CG  . TRP A 1 107 ? 1.149   -7.400  8.420   1.00 32.08  ? 127 TRP A CG  1 
ATOM   922  C CD1 . TRP A 1 107 ? 0.304   -8.444  8.164   1.00 39.53  ? 127 TRP A CD1 1 
ATOM   923  C CD2 . TRP A 1 107 ? 0.697   -6.811  9.670   1.00 29.46  ? 127 TRP A CD2 1 
ATOM   924  N NE1 . TRP A 1 107 ? -0.639  -8.547  9.168   1.00 32.58  ? 127 TRP A NE1 1 
ATOM   925  C CE2 . TRP A 1 107 ? -0.421  -7.568  10.098  1.00 37.83  ? 127 TRP A CE2 1 
ATOM   926  C CE3 . TRP A 1 107 ? 1.134   -5.741  10.453  1.00 39.31  ? 127 TRP A CE3 1 
ATOM   927  C CZ2 . TRP A 1 107 ? -1.123  -7.261  11.281  1.00 41.54  ? 127 TRP A CZ2 1 
ATOM   928  C CZ3 . TRP A 1 107 ? 0.444   -5.437  11.625  1.00 47.35  ? 127 TRP A CZ3 1 
ATOM   929  C CH2 . TRP A 1 107 ? -0.674  -6.200  12.032  1.00 43.62  ? 127 TRP A CH2 1 
ATOM   930  N N   . VAL A 1 108 ? 2.800   -3.990  7.943   1.00 31.30  ? 128 VAL A N   1 
ATOM   931  C CA  . VAL A 1 108 ? 2.683   -2.782  8.726   1.00 30.67  ? 128 VAL A CA  1 
ATOM   932  C C   . VAL A 1 108 ? 2.089   -1.641  7.902   1.00 36.66  ? 128 VAL A C   1 
ATOM   933  O O   . VAL A 1 108 ? 1.140   -0.990  8.323   1.00 34.40  ? 128 VAL A O   1 
ATOM   934  C CB  . VAL A 1 108 ? 4.048   -2.375  9.287   1.00 41.93  ? 128 VAL A CB  1 
ATOM   935  C CG1 . VAL A 1 108 ? 3.991   -0.901  9.809   1.00 29.81  ? 128 VAL A CG1 1 
ATOM   936  C CG2 . VAL A 1 108 ? 4.442   -3.378  10.442  1.00 36.44  ? 128 VAL A CG2 1 
ATOM   937  N N   . GLU A 1 109 ? 2.634   -1.432  6.715   1.00 31.67  ? 129 GLU A N   1 
ATOM   938  C CA  . GLU A 1 109 ? 2.163   -0.372  5.843   1.00 33.33  ? 129 GLU A CA  1 
ATOM   939  C C   . GLU A 1 109 ? 0.700   -0.634  5.452   1.00 33.63  ? 129 GLU A C   1 
ATOM   940  O O   . GLU A 1 109 ? -0.143  0.280   5.520   1.00 31.88  ? 129 GLU A O   1 
ATOM   941  C CB  . GLU A 1 109 ? 3.060   -0.269  4.594   1.00 26.82  ? 129 GLU A CB  1 
ATOM   942  C CG  . GLU A 1 109 ? 2.714   0.925   3.698   1.00 26.74  ? 129 GLU A CG  1 
ATOM   943  C CD  . GLU A 1 109 ? 3.649   1.085   2.506   1.00 35.76  ? 129 GLU A CD  1 
ATOM   944  O OE1 . GLU A 1 109 ? 3.345   1.929   1.643   1.00 28.91  ? 129 GLU A OE1 1 
ATOM   945  O OE2 . GLU A 1 109 ? 4.683   0.384   2.417   1.00 33.56  ? 129 GLU A OE2 1 
ATOM   946  N N   . GLN A 1 110 ? 0.377   -1.873  5.089   1.00 33.12  ? 130 GLN A N   1 
ATOM   947  C CA  . GLN A 1 110 ? -1.001  -2.162  4.691   1.00 35.04  ? 130 GLN A CA  1 
ATOM   948  C C   . GLN A 1 110 ? -1.984  -1.940  5.859   1.00 35.35  ? 130 GLN A C   1 
ATOM   949  O O   . GLN A 1 110 ? -3.064  -1.338  5.695   1.00 33.00  ? 130 GLN A O   1 
ATOM   950  C CB  . GLN A 1 110 ? -1.127  -3.573  4.104   1.00 33.74  ? 130 GLN A CB  1 
ATOM   951  C CG  . GLN A 1 110 ? -2.522  -3.839  3.585   1.00 38.46  ? 130 GLN A CG  1 
ATOM   952  C CD  . GLN A 1 110 ? -2.645  -5.129  2.819   1.00 36.10  ? 130 GLN A CD  1 
ATOM   953  O OE1 . GLN A 1 110 ? -1.759  -5.969  2.847   1.00 36.67  ? 130 GLN A OE1 1 
ATOM   954  N NE2 . GLN A 1 110 ? -3.759  -5.291  2.127   1.00 32.13  ? 130 GLN A NE2 1 
ATOM   955  N N   . ARG A 1 111 ? -1.590  -2.372  7.052   1.00 32.53  ? 131 ARG A N   1 
ATOM   956  C CA  . ARG A 1 111 ? -2.419  -2.135  8.224   1.00 38.14  ? 131 ARG A CA  1 
ATOM   957  C C   . ARG A 1 111 ? -2.617  -0.627  8.555   1.00 36.38  ? 131 ARG A C   1 
ATOM   958  O O   . ARG A 1 111 ? -3.702  -0.212  8.965   1.00 31.63  ? 131 ARG A O   1 
ATOM   959  C CB  . ARG A 1 111 ? -1.798  -2.789  9.442   1.00 38.60  ? 131 ARG A CB  1 
ATOM   960  C CG  . ARG A 1 111 ? -2.547  -2.534  10.703  1.00 54.21  ? 131 ARG A CG  1 
ATOM   961  C CD  . ARG A 1 111 ? -3.966  -3.109  10.653  1.00 68.54  ? 131 ARG A CD  1 
ATOM   962  N NE  . ARG A 1 111 ? -4.459  -3.402  12.000  1.00 82.20  ? 131 ARG A NE  1 
ATOM   963  C CZ  . ARG A 1 111 ? -4.558  -4.627  12.524  1.00 76.59  ? 131 ARG A CZ  1 
ATOM   964  N NH1 . ARG A 1 111 ? -4.207  -5.688  11.816  1.00 68.24  ? 131 ARG A NH1 1 
ATOM   965  N NH2 . ARG A 1 111 ? -5.017  -4.787  13.761  1.00 78.65  ? 131 ARG A NH2 1 
ATOM   966  N N   . VAL A 1 112 ? -1.574  0.184   8.426   1.00 30.08  ? 132 VAL A N   1 
ATOM   967  C CA  . VAL A 1 112 ? -1.748  1.597   8.741   1.00 28.58  ? 132 VAL A CA  1 
ATOM   968  C C   . VAL A 1 112 ? -2.712  2.212   7.711   1.00 33.40  ? 132 VAL A C   1 
ATOM   969  O O   . VAL A 1 112 ? -3.626  2.960   8.091   1.00 36.51  ? 132 VAL A O   1 
ATOM   970  C CB  . VAL A 1 112 ? -0.417  2.350   8.786   1.00 33.32  ? 132 VAL A CB  1 
ATOM   971  C CG1 . VAL A 1 112 ? -0.663  3.854   8.912   1.00 30.75  ? 132 VAL A CG1 1 
ATOM   972  C CG2 . VAL A 1 112 ? 0.368   1.881   9.992   1.00 37.57  ? 132 VAL A CG2 1 
ATOM   973  N N   . ILE A 1 113 ? -2.547  1.840   6.435   1.00 34.24  ? 133 ILE A N   1 
ATOM   974  C CA  . ILE A 1 113 ? -3.449  2.308   5.369   1.00 38.21  ? 133 ILE A CA  1 
ATOM   975  C C   . ILE A 1 113 ? -4.899  2.016   5.758   1.00 40.27  ? 133 ILE A C   1 
ATOM   976  O O   . ILE A 1 113 ? -5.754  2.911   5.735   1.00 32.82  ? 133 ILE A O   1 
ATOM   977  C CB  . ILE A 1 113 ? -3.166  1.619   3.993   1.00 28.08  ? 133 ILE A CB  1 
ATOM   978  C CG1 . ILE A 1 113 ? -1.872  2.177   3.397   1.00 28.39  ? 133 ILE A CG1 1 
ATOM   979  C CG2 . ILE A 1 113 ? -4.329  1.842   3.040   1.00 31.13  ? 133 ILE A CG2 1 
ATOM   980  C CD1 . ILE A 1 113 ? -1.437  1.519   2.096   1.00 32.54  ? 133 ILE A CD1 1 
ATOM   981  N N   . GLU A 1 114 ? -5.178  0.771   6.156   1.00 35.95  ? 134 GLU A N   1 
ATOM   982  C CA  . GLU A 1 114 ? -6.546  0.416   6.525   1.00 32.03  ? 134 GLU A CA  1 
ATOM   983  C C   . GLU A 1 114 ? -7.102  1.202   7.688   1.00 30.95  ? 134 GLU A C   1 
ATOM   984  O O   . GLU A 1 114 ? -8.214  1.720   7.621   1.00 38.43  ? 134 GLU A O   1 
ATOM   985  C CB  . GLU A 1 114 ? -6.670  -1.083  6.790   1.00 30.94  ? 134 GLU A CB  1 
ATOM   986  C CG  . GLU A 1 114 ? -6.489  -1.828  5.503   1.00 30.93  ? 134 GLU A CG  1 
ATOM   987  C CD  . GLU A 1 114 ? -6.700  -3.311  5.655   1.00 40.38  ? 134 GLU A CD  1 
ATOM   988  O OE1 . GLU A 1 114 ? -6.742  -3.817  6.790   1.00 37.09  ? 134 GLU A OE1 1 
ATOM   989  O OE2 . GLU A 1 114 ? -6.807  -3.967  4.616   1.00 34.72  ? 134 GLU A OE2 1 
ATOM   990  N N   . GLU A 1 115 ? -6.322  1.308   8.740   1.00 31.47  ? 135 GLU A N   1 
ATOM   991  C CA  . GLU A 1 115 ? -6.723  2.018   9.943   1.00 38.56  ? 135 GLU A CA  1 
ATOM   992  C C   . GLU A 1 115 ? -7.032  3.493   9.600   1.00 51.83  ? 135 GLU A C   1 
ATOM   993  O O   . GLU A 1 115 ? -8.046  4.069   10.022  1.00 48.13  ? 135 GLU A O   1 
ATOM   994  C CB  . GLU A 1 115 ? -5.562  1.932   10.925  1.00 50.14  ? 135 GLU A CB  1 
ATOM   995  C CG  . GLU A 1 115 ? -5.872  2.229   12.347  1.00 63.98  ? 135 GLU A CG  1 
ATOM   996  C CD  . GLU A 1 115 ? -6.669  1.135   12.995  1.00 60.01  ? 135 GLU A CD  1 
ATOM   997  O OE1 . GLU A 1 115 ? -6.519  -0.061  12.602  1.00 48.69  ? 135 GLU A OE1 1 
ATOM   998  O OE2 . GLU A 1 115 ? -7.434  1.499   13.907  1.00 68.69  ? 135 GLU A OE2 1 
ATOM   999  N N   . VAL A 1 116 ? -6.139  4.127   8.852   1.00 43.81  ? 136 VAL A N   1 
ATOM   1000 C CA  . VAL A 1 116 ? -6.375  5.506   8.502   1.00 35.17  ? 136 VAL A CA  1 
ATOM   1001 C C   . VAL A 1 116 ? -7.636  5.612   7.638   1.00 39.94  ? 136 VAL A C   1 
ATOM   1002 O O   . VAL A 1 116 ? -8.396  6.574   7.777   1.00 36.80  ? 136 VAL A O   1 
ATOM   1003 C CB  . VAL A 1 116 ? -5.177  6.129   7.752   1.00 39.05  ? 136 VAL A CB  1 
ATOM   1004 C CG1 . VAL A 1 116 ? -5.527  7.531   7.284   1.00 32.85  ? 136 VAL A CG1 1 
ATOM   1005 C CG2 . VAL A 1 116 ? -3.973  6.181   8.660   1.00 32.66  ? 136 VAL A CG2 1 
ATOM   1006 N N   . SER A 1 117 ? -7.880  4.619   6.776   1.00 36.79  ? 137 SER A N   1 
ATOM   1007 C CA  . SER A 1 117 ? -9.047  4.678   5.906   1.00 38.74  ? 137 SER A CA  1 
ATOM   1008 C C   . SER A 1 117 ? -10.335 4.632   6.725   1.00 52.77  ? 137 SER A C   1 
ATOM   1009 O O   . SER A 1 117 ? -11.355 5.197   6.300   1.00 36.08  ? 137 SER A O   1 
ATOM   1010 C CB  . SER A 1 117 ? -9.036  3.556   4.847   1.00 35.77  ? 137 SER A CB  1 
ATOM   1011 O OG  . SER A 1 117 ? -9.501  2.325   5.356   1.00 39.01  ? 137 SER A OG  1 
ATOM   1012 N N   . ILE A 1 118 ? -10.293 3.972   7.887   1.00 41.87  ? 138 ILE A N   1 
ATOM   1013 C CA  . ILE A 1 118 ? -11.477 3.906   8.757   1.00 44.02  ? 138 ILE A CA  1 
ATOM   1014 C C   . ILE A 1 118 ? -11.784 5.280   9.331   1.00 35.99  ? 138 ILE A C   1 
ATOM   1015 O O   . ILE A 1 118 ? -12.935 5.684   9.389   1.00 34.98  ? 138 ILE A O   1 
ATOM   1016 C CB  . ILE A 1 118 ? -11.294 2.958   9.969   1.00 44.96  ? 138 ILE A CB  1 
ATOM   1017 C CG1 . ILE A 1 118 ? -11.099 1.513   9.498   1.00 52.20  ? 138 ILE A CG1 1 
ATOM   1018 C CG2 . ILE A 1 118 ? -12.525 3.076   10.899  1.00 44.84  ? 138 ILE A CG2 1 
ATOM   1019 C CD1 . ILE A 1 118 ? -12.210 1.006   8.584   1.00 59.01  ? 138 ILE A CD1 1 
ATOM   1020 N N   . ASN A 1 119 ? -10.752 5.992   9.769   1.00 38.06  ? 139 ASN A N   1 
ATOM   1021 C CA  . ASN A 1 119 ? -10.943 7.331   10.323  1.00 43.19  ? 139 ASN A CA  1 
ATOM   1022 C C   . ASN A 1 119 ? -11.477 8.252   9.211   1.00 46.69  ? 139 ASN A C   1 
ATOM   1023 O O   . ASN A 1 119 ? -12.332 9.085   9.459   1.00 47.64  ? 139 ASN A O   1 
ATOM   1024 C CB  . ASN A 1 119 ? -9.624  7.881   10.894  1.00 41.16  ? 139 ASN A CB  1 
ATOM   1025 C CG  . ASN A 1 119 ? -9.216  7.200   12.216  1.00 48.13  ? 139 ASN A CG  1 
ATOM   1026 O OD1 . ASN A 1 119 ? -9.522  7.683   13.300  1.00 51.35  ? 139 ASN A OD1 1 
ATOM   1027 N ND2 . ASN A 1 119 ? -8.542  6.073   12.115  1.00 55.95  ? 139 ASN A ND2 1 
ATOM   1028 N N   . VAL A 1 120 ? -10.978 8.081   7.990   1.00 42.95  ? 140 VAL A N   1 
ATOM   1029 C CA  . VAL A 1 120 ? -11.447 8.880   6.856   1.00 50.65  ? 140 VAL A CA  1 
ATOM   1030 C C   . VAL A 1 120 ? -12.962 8.672   6.598   1.00 51.59  ? 140 VAL A C   1 
ATOM   1031 O O   . VAL A 1 120 ? -13.728 9.630   6.538   1.00 45.67  ? 140 VAL A O   1 
ATOM   1032 C CB  . VAL A 1 120 ? -10.639 8.543   5.570   1.00 44.68  ? 140 VAL A CB  1 
ATOM   1033 C CG1 . VAL A 1 120 ? -11.295 9.176   4.344   1.00 42.81  ? 140 VAL A CG1 1 
ATOM   1034 C CG2 . VAL A 1 120 ? -9.187  9.064   5.722   1.00 33.19  ? 140 VAL A CG2 1 
ATOM   1035 N N   . ASP A 1 121 ? -13.389 7.423   6.472   1.00 51.36  ? 141 ASP A N   1 
ATOM   1036 C CA  . ASP A 1 121 ? -14.800 7.107   6.239   1.00 52.93  ? 141 ASP A CA  1 
ATOM   1037 C C   . ASP A 1 121 ? -15.746 7.715   7.284   1.00 58.14  ? 141 ASP A C   1 
ATOM   1038 O O   . ASP A 1 121 ? -16.877 8.099   6.964   1.00 52.73  ? 141 ASP A O   1 
ATOM   1039 C CB  . ASP A 1 121 ? -15.042 5.591   6.257   1.00 48.48  ? 141 ASP A CB  1 
ATOM   1040 C CG  . ASP A 1 121 ? -14.375 4.864   5.114   1.00 52.44  ? 141 ASP A CG  1 
ATOM   1041 O OD1 . ASP A 1 121 ? -13.980 5.508   4.112   1.00 47.97  ? 141 ASP A OD1 1 
ATOM   1042 O OD2 . ASP A 1 121 ? -14.258 3.623   5.226   1.00 52.73  ? 141 ASP A OD2 1 
ATOM   1043 N N   . HIS A 1 122 ? -15.294 7.772   8.532   1.00 52.98  ? 142 HIS A N   1 
ATOM   1044 C CA  . HIS A 1 122 ? -16.125 8.294   9.604   1.00 59.95  ? 142 HIS A CA  1 
ATOM   1045 C C   . HIS A 1 122 ? -16.164 9.804   9.698   1.00 58.10  ? 142 HIS A C   1 
ATOM   1046 O O   . HIS A 1 122 ? -16.998 10.330  10.419  1.00 56.22  ? 142 HIS A O   1 
ATOM   1047 C CB  . HIS A 1 122 ? -15.689 7.728   10.954  1.00 59.67  ? 142 HIS A CB  1 
ATOM   1048 C CG  . HIS A 1 122 ? -15.810 6.235   11.057  1.00 85.53  ? 142 HIS A CG  1 
ATOM   1049 N ND1 . HIS A 1 122 ? -15.450 5.538   12.192  1.00 90.36  ? 142 HIS A ND1 1 
ATOM   1050 C CD2 . HIS A 1 122 ? -16.226 5.308   10.160  1.00 86.25  ? 142 HIS A CD2 1 
ATOM   1051 C CE1 . HIS A 1 122 ? -15.637 4.244   11.988  1.00 92.41  ? 142 HIS A CE1 1 
ATOM   1052 N NE2 . HIS A 1 122 ? -16.105 4.079   10.763  1.00 94.11  ? 142 HIS A NE2 1 
ATOM   1053 N N   . ALA A 1 123 ? -15.267 10.503  9.003   1.00 48.23  ? 143 ALA A N   1 
ATOM   1054 C CA  . ALA A 1 123 ? -15.273 11.967  9.053   1.00 51.98  ? 143 ALA A CA  1 
ATOM   1055 C C   . ALA A 1 123 ? -16.405 12.478  8.151   1.00 53.61  ? 143 ALA A C   1 
ATOM   1056 O O   . ALA A 1 123 ? -16.704 11.890  7.111   1.00 52.05  ? 143 ALA A O   1 
ATOM   1057 C CB  . ALA A 1 123 ? -13.939 12.528  8.611   1.00 55.18  ? 143 ALA A CB  1 
ATOM   1058 N N   . ARG A 1 124 ? -17.035 13.565  8.569   1.00 58.81  ? 144 ARG A N   1 
ATOM   1059 C CA  . ARG A 1 124 ? -18.169 14.141  7.851   1.00 64.90  ? 144 ARG A CA  1 
ATOM   1060 C C   . ARG A 1 124 ? -17.822 14.916  6.584   1.00 57.58  ? 144 ARG A C   1 
ATOM   1061 O O   . ARG A 1 124 ? -18.289 14.593  5.501   1.00 62.95  ? 144 ARG A O   1 
ATOM   1062 C CB  . ARG A 1 124 ? -18.935 15.062  8.805   1.00 71.34  ? 144 ARG A CB  1 
ATOM   1063 C CG  . ARG A 1 124 ? -20.322 15.479  8.348   1.00 83.05  ? 144 ARG A CG  1 
ATOM   1064 C CD  . ARG A 1 124 ? -20.964 16.379  9.404   1.00 96.26  ? 144 ARG A CD  1 
ATOM   1065 N NE  . ARG A 1 124 ? -22.415 16.467  9.243   1.00 109.51 ? 144 ARG A NE  1 
ATOM   1066 C CZ  . ARG A 1 124 ? -23.239 17.024  10.130  1.00 112.19 ? 144 ARG A CZ  1 
ATOM   1067 N NH1 . ARG A 1 124 ? -22.755 17.552  11.250  1.00 109.92 ? 144 ARG A NH1 1 
ATOM   1068 N NH2 . ARG A 1 124 ? -24.549 17.039  9.903   1.00 106.97 ? 144 ARG A NH2 1 
ATOM   1069 N N   . GLU A 1 125 ? -17.009 15.951  6.737   1.00 58.23  ? 145 GLU A N   1 
ATOM   1070 C CA  . GLU A 1 125 ? -16.615 16.813  5.627   1.00 61.46  ? 145 GLU A CA  1 
ATOM   1071 C C   . GLU A 1 125 ? -15.501 16.215  4.771   1.00 63.37  ? 145 GLU A C   1 
ATOM   1072 O O   . GLU A 1 125 ? -14.598 15.558  5.287   1.00 57.30  ? 145 GLU A O   1 
ATOM   1073 C CB  . GLU A 1 125 ? -16.128 18.158  6.175   1.00 62.57  ? 145 GLU A CB  1 
ATOM   1074 C CG  . GLU A 1 125 ? -16.966 18.761  7.307   1.00 75.32  ? 145 GLU A CG  1 
ATOM   1075 C CD  . GLU A 1 125 ? -18.296 19.325  6.834   1.00 86.72  ? 145 GLU A CD  1 
ATOM   1076 O OE1 . GLU A 1 125 ? -18.312 20.036  5.800   1.00 85.40  ? 145 GLU A OE1 1 
ATOM   1077 O OE2 . GLU A 1 125 ? -19.320 19.070  7.508   1.00 91.28  ? 145 GLU A OE2 1 
ATOM   1078 N N   . VAL A 1 126 ? -15.555 16.463  3.466   1.00 60.37  ? 146 VAL A N   1 
ATOM   1079 C CA  . VAL A 1 126 ? -14.530 15.964  2.557   1.00 59.52  ? 146 VAL A CA  1 
ATOM   1080 C C   . VAL A 1 126 ? -13.197 16.614  2.912   1.00 61.57  ? 146 VAL A C   1 
ATOM   1081 O O   . VAL A 1 126 ? -12.132 16.033  2.695   1.00 54.43  ? 146 VAL A O   1 
ATOM   1082 C CB  . VAL A 1 126 ? -14.882 16.287  1.087   1.00 54.92  ? 146 VAL A CB  1 
ATOM   1083 C CG1 . VAL A 1 126 ? -13.726 15.979  0.176   1.00 47.78  ? 146 VAL A CG1 1 
ATOM   1084 C CG2 . VAL A 1 126 ? -16.070 15.469  0.662   1.00 60.06  ? 146 VAL A CG2 1 
ATOM   1085 N N   . LYS A 1 127 ? -13.264 17.820  3.474   1.00 56.26  ? 147 LYS A N   1 
ATOM   1086 C CA  . LYS A 1 127 ? -12.066 18.547  3.854   1.00 53.31  ? 147 LYS A CA  1 
ATOM   1087 C C   . LYS A 1 127 ? -11.349 17.851  5.000   1.00 49.22  ? 147 LYS A C   1 
ATOM   1088 O O   . LYS A 1 127 ? -10.129 17.810  5.029   1.00 45.13  ? 147 LYS A O   1 
ATOM   1089 C CB  . LYS A 1 127 ? -12.402 19.969  4.297   1.00 57.09  ? 147 LYS A CB  1 
ATOM   1090 C CG  . LYS A 1 127 ? -11.176 20.793  4.603   1.00 61.74  ? 147 LYS A CG  1 
ATOM   1091 C CD  . LYS A 1 127 ? -11.556 22.109  5.235   1.00 74.25  ? 147 LYS A CD  1 
ATOM   1092 C CE  . LYS A 1 127 ? -10.320 22.903  5.583   1.00 79.97  ? 147 LYS A CE  1 
ATOM   1093 N NZ  . LYS A 1 127 ? -10.656 24.096  6.407   1.00 86.56  ? 147 LYS A NZ  1 
ATOM   1094 N N   . GLU A 1 128 ? -12.125 17.347  5.953   1.00 53.78  ? 148 GLU A N   1 
ATOM   1095 C CA  . GLU A 1 128 ? -11.575 16.652  7.107   1.00 52.25  ? 148 GLU A CA  1 
ATOM   1096 C C   . GLU A 1 128 ? -11.038 15.281  6.623   1.00 47.80  ? 148 GLU A C   1 
ATOM   1097 O O   . GLU A 1 128 ? -9.986  14.833  7.070   1.00 43.29  ? 148 GLU A O   1 
ATOM   1098 C CB  . GLU A 1 128 ? -12.672 16.522  8.177   1.00 48.64  ? 148 GLU A CB  1 
ATOM   1099 C CG  . GLU A 1 128 ? -12.306 15.719  9.437   1.00 49.53  ? 148 GLU A CG  1 
ATOM   1100 C CD  . GLU A 1 128 ? -11.125 16.286  10.200  1.00 52.43  ? 148 GLU A CD  1 
ATOM   1101 O OE1 . GLU A 1 128 ? -10.508 17.274  9.732   1.00 51.52  ? 148 GLU A OE1 1 
ATOM   1102 O OE2 . GLU A 1 128 ? -10.802 15.728  11.276  1.00 51.20  ? 148 GLU A OE2 1 
ATOM   1103 N N   . LYS A 1 129 ? -11.736 14.646  5.685   1.00 38.89  ? 149 LYS A N   1 
ATOM   1104 C CA  . LYS A 1 129 ? -11.284 13.373  5.150   1.00 44.98  ? 149 LYS A CA  1 
ATOM   1105 C C   . LYS A 1 129 ? -9.892  13.567  4.543   1.00 49.87  ? 149 LYS A C   1 
ATOM   1106 O O   . LYS A 1 129 ? -8.989  12.750  4.739   1.00 50.24  ? 149 LYS A O   1 
ATOM   1107 C CB  . LYS A 1 129 ? -12.242 12.853  4.077   1.00 37.59  ? 149 LYS A CB  1 
ATOM   1108 C CG  . LYS A 1 129 ? -13.592 12.459  4.597   1.00 37.28  ? 149 LYS A CG  1 
ATOM   1109 C CD  . LYS A 1 129 ? -14.376 11.829  3.487   1.00 38.90  ? 149 LYS A CD  1 
ATOM   1110 C CE  . LYS A 1 129 ? -15.822 11.561  3.913   1.00 49.14  ? 149 LYS A CE  1 
ATOM   1111 N NZ  . LYS A 1 129 ? -15.948 10.592  5.047   1.00 48.65  ? 149 LYS A NZ  1 
ATOM   1112 N N   . LYS A 1 130 ? -9.710  14.669  3.825   1.00 48.38  ? 150 LYS A N   1 
ATOM   1113 C CA  . LYS A 1 130 ? -8.422  14.939  3.205   1.00 39.42  ? 150 LYS A CA  1 
ATOM   1114 C C   . LYS A 1 130 ? -7.359  15.220  4.266   1.00 40.89  ? 150 LYS A C   1 
ATOM   1115 O O   . LYS A 1 130 ? -6.228  14.703  4.173   1.00 40.06  ? 150 LYS A O   1 
ATOM   1116 C CB  . LYS A 1 130 ? -8.527  16.106  2.207   1.00 46.26  ? 150 LYS A CB  1 
ATOM   1117 C CG  . LYS A 1 130 ? -7.188  16.546  1.617   1.00 50.55  ? 150 LYS A CG  1 
ATOM   1118 C CD  . LYS A 1 130 ? -7.345  17.651  0.561   1.00 55.42  ? 150 LYS A CD  1 
ATOM   1119 C CE  . LYS A 1 130 ? -5.997  17.942  -0.135  1.00 69.93  ? 150 LYS A CE  1 
ATOM   1120 N NZ  . LYS A 1 130 ? -6.114  18.710  -1.420  1.00 69.24  ? 150 LYS A NZ  1 
ATOM   1121 N N   . ARG A 1 131 ? -7.702  16.029  5.269   1.00 34.04  ? 151 ARG A N   1 
ATOM   1122 C CA  . ARG A 1 131 ? -6.750  16.317  6.327   1.00 36.60  ? 151 ARG A CA  1 
ATOM   1123 C C   . ARG A 1 131 ? -6.278  14.974  6.965   1.00 43.88  ? 151 ARG A C   1 
ATOM   1124 O O   . ARG A 1 131 ? -5.071  14.751  7.194   1.00 40.40  ? 151 ARG A O   1 
ATOM   1125 C CB  . ARG A 1 131 ? -7.384  17.158  7.410   1.00 37.65  ? 151 ARG A CB  1 
ATOM   1126 C CG  . ARG A 1 131 ? -6.381  17.541  8.483   1.00 46.70  ? 151 ARG A CG  1 
ATOM   1127 C CD  . ARG A 1 131 ? -7.082  18.117  9.702   1.00 49.40  ? 151 ARG A CD  1 
ATOM   1128 N NE  . ARG A 1 131 ? -7.777  17.100  10.493  1.00 53.09  ? 151 ARG A NE  1 
ATOM   1129 C CZ  . ARG A 1 131 ? -7.166  16.127  11.178  1.00 45.72  ? 151 ARG A CZ  1 
ATOM   1130 N NH1 . ARG A 1 131 ? -5.835  16.027  11.185  1.00 42.62  ? 151 ARG A NH1 1 
ATOM   1131 N NH2 . ARG A 1 131 ? -7.888  15.240  11.844  1.00 48.41  ? 151 ARG A NH2 1 
ATOM   1132 N N   . ILE A 1 132 ? -7.229  14.079  7.231   1.00 42.38  ? 152 ILE A N   1 
ATOM   1133 C CA  . ILE A 1 132 ? -6.897  12.795  7.848   1.00 48.56  ? 152 ILE A CA  1 
ATOM   1134 C C   . ILE A 1 132 ? -5.936  11.993  6.968   1.00 37.74  ? 152 ILE A C   1 
ATOM   1135 O O   . ILE A 1 132 ? -4.942  11.486  7.466   1.00 36.00  ? 152 ILE A O   1 
ATOM   1136 C CB  . ILE A 1 132 ? -8.182  11.975  8.181   1.00 43.74  ? 152 ILE A CB  1 
ATOM   1137 C CG1 . ILE A 1 132 ? -8.959  12.687  9.288   1.00 36.58  ? 152 ILE A CG1 1 
ATOM   1138 C CG2 . ILE A 1 132 ? -7.812  10.560  8.704   1.00 42.17  ? 152 ILE A CG2 1 
ATOM   1139 C CD1 . ILE A 1 132 ? -10.378 12.144  9.516   1.00 37.27  ? 152 ILE A CD1 1 
ATOM   1140 N N   . MET A 1 133 ? -6.206  11.931  5.663   1.00 40.27  ? 153 MET A N   1 
ATOM   1141 C CA  . MET A 1 133 ? -5.344  11.201  4.731   1.00 42.27  ? 153 MET A CA  1 
ATOM   1142 C C   . MET A 1 133 ? -3.892  11.678  4.804   1.00 39.20  ? 153 MET A C   1 
ATOM   1143 O O   . MET A 1 133 ? -2.943  10.895  4.615   1.00 33.65  ? 153 MET A O   1 
ATOM   1144 C CB  . MET A 1 133 ? -5.837  11.375  3.299   1.00 34.68  ? 153 MET A CB  1 
ATOM   1145 C CG  . MET A 1 133 ? -7.160  10.714  3.021   1.00 42.32  ? 153 MET A CG  1 
ATOM   1146 S SD  . MET A 1 133 ? -7.624  10.906  1.290   1.00 40.37  ? 153 MET A SD  1 
ATOM   1147 C CE  . MET A 1 133 ? -9.061  9.882   1.212   1.00 37.69  ? 153 MET A CE  1 
ATOM   1148 N N   . ASN A 1 134 ? -3.730  12.961  5.111   1.00 35.97  ? 154 ASN A N   1 
ATOM   1149 C CA  . ASN A 1 134 ? -2.413  13.580  5.189   1.00 35.13  ? 154 ASN A CA  1 
ATOM   1150 C C   . ASN A 1 134 ? -1.910  13.727  6.621   1.00 38.15  ? 154 ASN A C   1 
ATOM   1151 O O   . ASN A 1 134 ? -0.831  14.264  6.829   1.00 37.45  ? 154 ASN A O   1 
ATOM   1152 C CB  . ASN A 1 134 ? -2.445  14.991  4.522   1.00 38.40  ? 154 ASN A CB  1 
ATOM   1153 C CG  . ASN A 1 134 ? -2.673  14.931  3.001   1.00 48.03  ? 154 ASN A CG  1 
ATOM   1154 O OD1 . ASN A 1 134 ? -1.914  14.305  2.293   1.00 45.28  ? 154 ASN A OD1 1 
ATOM   1155 N ND2 . ASN A 1 134 ? -3.718  15.602  2.509   1.00 51.25  ? 154 ASN A ND2 1 
ATOM   1156 N N   . ASP A 1 135 ? -2.668  13.250  7.614   1.00 35.72  ? 155 ASP A N   1 
ATOM   1157 C CA  . ASP A 1 135 ? -2.241  13.435  8.998   1.00 34.36  ? 155 ASP A CA  1 
ATOM   1158 C C   . ASP A 1 135 ? -1.000  12.614  9.381   1.00 41.25  ? 155 ASP A C   1 
ATOM   1159 O O   . ASP A 1 135 ? -1.111  11.483  9.867   1.00 35.52  ? 155 ASP A O   1 
ATOM   1160 C CB  . ASP A 1 135 ? -3.405  13.113  9.960   1.00 42.95  ? 155 ASP A CB  1 
ATOM   1161 C CG  . ASP A 1 135 ? -3.175  13.676  11.372  1.00 39.23  ? 155 ASP A CG  1 
ATOM   1162 O OD1 . ASP A 1 135 ? -2.005  13.805  11.780  1.00 43.64  ? 155 ASP A OD1 1 
ATOM   1163 O OD2 . ASP A 1 135 ? -4.167  13.979  12.064  1.00 40.72  ? 155 ASP A OD2 1 
ATOM   1164 N N   . LYS A 1 136 ? 0.177   13.208  9.211   1.00 39.30  ? 156 LYS A N   1 
ATOM   1165 C CA  . LYS A 1 136 ? 1.422   12.523  9.517   1.00 40.25  ? 156 LYS A CA  1 
ATOM   1166 C C   . LYS A 1 136 ? 1.527   12.127  10.987  1.00 47.37  ? 156 LYS A C   1 
ATOM   1167 O O   . LYS A 1 136 ? 2.220   11.153  11.331  1.00 36.79  ? 156 LYS A O   1 
ATOM   1168 C CB  . LYS A 1 136 ? 2.631   13.394  9.149   1.00 51.46  ? 156 LYS A CB  1 
ATOM   1169 C CG  . LYS A 1 136 ? 2.654   13.975  7.743   1.00 69.07  ? 156 LYS A CG  1 
ATOM   1170 C CD  . LYS A 1 136 ? 3.702   15.110  7.680   1.00 79.49  ? 156 LYS A CD  1 
ATOM   1171 C CE  . LYS A 1 136 ? 3.590   16.000  6.439   1.00 79.79  ? 156 LYS A CE  1 
ATOM   1172 N NZ  . LYS A 1 136 ? 4.262   15.420  5.238   1.00 80.99  ? 156 LYS A NZ  1 
ATOM   1173 N N   . LYS A 1 137 ? 0.853   12.881  11.851  1.00 40.54  ? 157 LYS A N   1 
ATOM   1174 C CA  . LYS A 1 137 ? 0.888   12.591  13.276  1.00 44.38  ? 157 LYS A CA  1 
ATOM   1175 C C   . LYS A 1 137 ? 0.154   11.284  13.559  1.00 42.23  ? 157 LYS A C   1 
ATOM   1176 O O   . LYS A 1 137 ? 0.645   10.427  14.298  1.00 39.59  ? 157 LYS A O   1 
ATOM   1177 C CB  . LYS A 1 137 ? 0.239   13.722  14.064  1.00 48.44  ? 157 LYS A CB  1 
ATOM   1178 C CG  . LYS A 1 137 ? 0.320   13.545  15.555  1.00 58.54  ? 157 LYS A CG  1 
ATOM   1179 C CD  . LYS A 1 137 ? 0.243   14.897  16.272  1.00 70.61  ? 157 LYS A CD  1 
ATOM   1180 C CE  . LYS A 1 137 ? 0.746   14.801  17.708  1.00 71.20  ? 157 LYS A CE  1 
ATOM   1181 N NZ  . LYS A 1 137 ? -0.112  13.928  18.554  1.00 89.91  ? 157 LYS A NZ  1 
ATOM   1182 N N   . LEU A 1 138 ? -1.030  11.155  12.981  1.00 34.00  ? 158 LEU A N   1 
ATOM   1183 C CA  . LEU A 1 138 ? -1.836  9.948   13.151  1.00 37.39  ? 158 LEU A CA  1 
ATOM   1184 C C   . LEU A 1 138 ? -1.058  8.779   12.538  1.00 40.21  ? 158 LEU A C   1 
ATOM   1185 O O   . LEU A 1 138 ? -0.963  7.713   13.123  1.00 35.79  ? 158 LEU A O   1 
ATOM   1186 C CB  . LEU A 1 138 ? -3.187  10.111  12.447  1.00 34.28  ? 158 LEU A CB  1 
ATOM   1187 C CG  . LEU A 1 138 ? -4.085  8.873   12.355  1.00 41.54  ? 158 LEU A CG  1 
ATOM   1188 C CD1 . LEU A 1 138 ? -4.546  8.447   13.750  1.00 38.47  ? 158 LEU A CD1 1 
ATOM   1189 C CD2 . LEU A 1 138 ? -5.286  9.181   11.486  1.00 36.71  ? 158 LEU A CD2 1 
ATOM   1190 N N   . ILE A 1 139 ? -0.464  8.991   11.371  1.00 41.48  ? 159 ILE A N   1 
ATOM   1191 C CA  . ILE A 1 139 ? 0.289   7.915   10.747  1.00 40.05  ? 159 ILE A CA  1 
ATOM   1192 C C   . ILE A 1 139 ? 1.461   7.450   11.622  1.00 39.95  ? 159 ILE A C   1 
ATOM   1193 O O   . ILE A 1 139 ? 1.678   6.240   11.794  1.00 38.10  ? 159 ILE A O   1 
ATOM   1194 C CB  . ILE A 1 139 ? 0.773   8.321   9.343   1.00 39.10  ? 159 ILE A CB  1 
ATOM   1195 C CG1 . ILE A 1 139 ? -0.451  8.464   8.413   1.00 38.92  ? 159 ILE A CG1 1 
ATOM   1196 C CG2 . ILE A 1 139 ? 1.734   7.258   8.779   1.00 35.09  ? 159 ILE A CG2 1 
ATOM   1197 C CD1 . ILE A 1 139 ? -0.130  9.169   7.096   1.00 41.01  ? 159 ILE A CD1 1 
ATOM   1198 N N   . ARG A 1 140 ? 2.188   8.398   12.195  1.00 34.03  ? 160 ARG A N   1 
ATOM   1199 C CA  . ARG A 1 140 ? 3.330   8.061   13.030  1.00 43.33  ? 160 ARG A CA  1 
ATOM   1200 C C   . ARG A 1 140 ? 2.886   7.223   14.219  1.00 47.53  ? 160 ARG A C   1 
ATOM   1201 O O   . ARG A 1 140 ? 3.536   6.249   14.562  1.00 43.61  ? 160 ARG A O   1 
ATOM   1202 C CB  . ARG A 1 140 ? 4.035   9.323   13.537  1.00 44.17  ? 160 ARG A CB  1 
ATOM   1203 C CG  . ARG A 1 140 ? 5.302   9.042   14.399  1.00 38.78  ? 160 ARG A CG  1 
ATOM   1204 C CD  . ARG A 1 140 ? 6.432   8.352   13.609  1.00 49.18  ? 160 ARG A CD  1 
ATOM   1205 N NE  . ARG A 1 140 ? 6.600   6.955   14.010  1.00 45.08  ? 160 ARG A NE  1 
ATOM   1206 C CZ  . ARG A 1 140 ? 7.546   6.142   13.543  1.00 45.72  ? 160 ARG A CZ  1 
ATOM   1207 N NH1 . ARG A 1 140 ? 8.433   6.576   12.655  1.00 49.28  ? 160 ARG A NH1 1 
ATOM   1208 N NH2 . ARG A 1 140 ? 7.592   4.876   13.946  1.00 53.45  ? 160 ARG A NH2 1 
ATOM   1209 N N   . MET A 1 141 ? 1.775   7.600   14.845  1.00 44.12  ? 161 MET A N   1 
ATOM   1210 C CA  . MET A 1 141 ? 1.285   6.836   15.981  1.00 39.68  ? 161 MET A CA  1 
ATOM   1211 C C   . MET A 1 141 ? 0.807   5.461   15.580  1.00 38.03  ? 161 MET A C   1 
ATOM   1212 O O   . MET A 1 141 ? 1.120   4.476   16.257  1.00 35.25  ? 161 MET A O   1 
ATOM   1213 C CB  . MET A 1 141 ? 0.189   7.609   16.720  1.00 39.03  ? 161 MET A CB  1 
ATOM   1214 C CG  . MET A 1 141 ? 0.770   8.743   17.548  1.00 44.13  ? 161 MET A CG  1 
ATOM   1215 S SD  . MET A 1 141 ? -0.471  9.560   18.569  1.00 57.07  ? 161 MET A SD  1 
ATOM   1216 C CE  . MET A 1 141 ? -1.037  10.735  17.452  1.00 44.75  ? 161 MET A CE  1 
ATOM   1217 N N   . LEU A 1 142 ? 0.041   5.361   14.499  1.00 37.90  ? 162 LEU A N   1 
ATOM   1218 C CA  . LEU A 1 142 ? -0.384  4.034   14.069  1.00 41.06  ? 162 LEU A CA  1 
ATOM   1219 C C   . LEU A 1 142 ? 0.850   3.166   13.738  1.00 44.04  ? 162 LEU A C   1 
ATOM   1220 O O   . LEU A 1 142 ? 0.865   1.955   14.038  1.00 42.14  ? 162 LEU A O   1 
ATOM   1221 C CB  . LEU A 1 142 ? -1.334  4.118   12.873  1.00 35.97  ? 162 LEU A CB  1 
ATOM   1222 C CG  . LEU A 1 142 ? -2.732  4.678   13.171  1.00 43.10  ? 162 LEU A CG  1 
ATOM   1223 C CD1 . LEU A 1 142 ? -3.462  4.923   11.853  1.00 41.36  ? 162 LEU A CD1 1 
ATOM   1224 C CD2 . LEU A 1 142 ? -3.544  3.697   14.043  1.00 32.17  ? 162 LEU A CD2 1 
ATOM   1225 N N   . PHE A 1 143 ? 1.887   3.787   13.164  1.00 38.49  ? 163 PHE A N   1 
ATOM   1226 C CA  . PHE A 1 143 ? 3.126   3.088   12.822  1.00 44.85  ? 163 PHE A CA  1 
ATOM   1227 C C   . PHE A 1 143 ? 3.844   2.553   14.064  1.00 47.91  ? 163 PHE A C   1 
ATOM   1228 O O   . PHE A 1 143 ? 4.369   1.434   14.052  1.00 46.06  ? 163 PHE A O   1 
ATOM   1229 C CB  . PHE A 1 143 ? 4.112   4.000   12.062  1.00 41.95  ? 163 PHE A CB  1 
ATOM   1230 C CG  . PHE A 1 143 ? 4.466   3.493   10.693  1.00 37.15  ? 163 PHE A CG  1 
ATOM   1231 C CD1 . PHE A 1 143 ? 3.674   3.826   9.588   1.00 36.53  ? 163 PHE A CD1 1 
ATOM   1232 C CD2 . PHE A 1 143 ? 5.570   2.664   10.507  1.00 42.63  ? 163 PHE A CD2 1 
ATOM   1233 C CE1 . PHE A 1 143 ? 3.987   3.325   8.329   1.00 44.65  ? 163 PHE A CE1 1 
ATOM   1234 C CE2 . PHE A 1 143 ? 5.892   2.164   9.239   1.00 37.25  ? 163 PHE A CE2 1 
ATOM   1235 C CZ  . PHE A 1 143 ? 5.100   2.496   8.159   1.00 42.38  ? 163 PHE A CZ  1 
ATOM   1236 N N   . ASP A 1 144 ? 3.919   3.359   15.117  1.00 42.89  ? 164 ASP A N   1 
ATOM   1237 C CA  . ASP A 1 144 ? 4.562   2.899   16.347  1.00 41.12  ? 164 ASP A CA  1 
ATOM   1238 C C   . ASP A 1 144 ? 3.901   1.633   16.862  1.00 49.37  ? 164 ASP A C   1 
ATOM   1239 O O   . ASP A 1 144 ? 4.566   0.682   17.286  1.00 46.33  ? 164 ASP A O   1 
ATOM   1240 C CB  . ASP A 1 144 ? 4.485   3.966   17.427  1.00 37.89  ? 164 ASP A CB  1 
ATOM   1241 C CG  . ASP A 1 144 ? 5.329   5.161   17.086  1.00 51.31  ? 164 ASP A CG  1 
ATOM   1242 O OD1 . ASP A 1 144 ? 6.194   5.009   16.199  1.00 48.60  ? 164 ASP A OD1 1 
ATOM   1243 O OD2 . ASP A 1 144 ? 5.138   6.236   17.691  1.00 53.66  ? 164 ASP A OD2 1 
ATOM   1244 N N   . THR A 1 145 ? 2.580   1.615   16.812  1.00 44.91  ? 165 THR A N   1 
ATOM   1245 C CA  . THR A 1 145 ? 1.841   0.460   17.297  1.00 45.18  ? 165 THR A CA  1 
ATOM   1246 C C   . THR A 1 145 ? 2.058   -0.809  16.481  1.00 46.77  ? 165 THR A C   1 
ATOM   1247 O O   . THR A 1 145 ? 2.310   -1.887  17.034  1.00 37.85  ? 165 THR A O   1 
ATOM   1248 C CB  . THR A 1 145 ? 0.331   0.762   17.361  1.00 37.58  ? 165 THR A CB  1 
ATOM   1249 O OG1 . THR A 1 145 ? 0.133   1.931   18.156  1.00 39.17  ? 165 THR A OG1 1 
ATOM   1250 C CG2 . THR A 1 145 ? -0.404  -0.384  18.030  1.00 40.79  ? 165 THR A CG2 1 
ATOM   1251 N N   . TYR A 1 146 ? 1.988   -0.697  15.163  1.00 41.34  ? 166 TYR A N   1 
ATOM   1252 C CA  . TYR A 1 146 ? 2.148   -1.888  14.349  1.00 44.16  ? 166 TYR A CA  1 
ATOM   1253 C C   . TYR A 1 146 ? 3.575   -2.386  14.161  1.00 41.00  ? 166 TYR A C   1 
ATOM   1254 O O   . TYR A 1 146 ? 3.767   -3.583  13.975  1.00 47.69  ? 166 TYR A O   1 
ATOM   1255 C CB  . TYR A 1 146 ? 1.413   -1.718  13.035  1.00 29.09  ? 166 TYR A CB  1 
ATOM   1256 C CG  . TYR A 1 146 ? -0.066  -1.630  13.256  1.00 50.12  ? 166 TYR A CG  1 
ATOM   1257 C CD1 . TYR A 1 146 ? -0.754  -0.449  13.000  1.00 47.53  ? 166 TYR A CD1 1 
ATOM   1258 C CD2 . TYR A 1 146 ? -0.787  -2.728  13.743  1.00 59.95  ? 166 TYR A CD2 1 
ATOM   1259 C CE1 . TYR A 1 146 ? -2.120  -0.355  13.216  1.00 51.43  ? 166 TYR A CE1 1 
ATOM   1260 C CE2 . TYR A 1 146 ? -2.160  -2.647  13.971  1.00 70.75  ? 166 TYR A CE2 1 
ATOM   1261 C CZ  . TYR A 1 146 ? -2.826  -1.451  13.701  1.00 73.28  ? 166 TYR A CZ  1 
ATOM   1262 O OH  . TYR A 1 146 ? -4.196  -1.359  13.896  1.00 81.55  ? 166 TYR A OH  1 
ATOM   1263 N N   . GLU A 1 147 ? 4.553   -1.490  14.219  1.00 37.61  ? 167 GLU A N   1 
ATOM   1264 C CA  . GLU A 1 147 ? 5.960   -1.868  14.151  1.00 44.39  ? 167 GLU A CA  1 
ATOM   1265 C C   . GLU A 1 147 ? 6.191   -2.754  15.389  1.00 53.98  ? 167 GLU A C   1 
ATOM   1266 O O   . GLU A 1 147 ? 6.783   -3.822  15.301  1.00 47.67  ? 167 GLU A O   1 
ATOM   1267 C CB  . GLU A 1 147 ? 6.878   -0.660  14.331  1.00 32.94  ? 167 GLU A CB  1 
ATOM   1268 C CG  . GLU A 1 147 ? 7.261   0.081   13.080  1.00 55.66  ? 167 GLU A CG  1 
ATOM   1269 C CD  . GLU A 1 147 ? 8.261   1.185   13.373  1.00 48.69  ? 167 GLU A CD  1 
ATOM   1270 O OE1 . GLU A 1 147 ? 8.043   1.937   14.348  1.00 62.88  ? 167 GLU A OE1 1 
ATOM   1271 O OE2 . GLU A 1 147 ? 9.260   1.315   12.623  1.00 57.45  ? 167 GLU A OE2 1 
ATOM   1272 N N   . TYR A 1 148 ? 5.744   -2.256  16.546  1.00 47.37  ? 168 TYR A N   1 
ATOM   1273 C CA  . TYR A 1 148 ? 5.876   -2.944  17.839  1.00 37.91  ? 168 TYR A CA  1 
ATOM   1274 C C   . TYR A 1 148 ? 5.220   -4.313  17.788  1.00 38.30  ? 168 TYR A C   1 
ATOM   1275 O O   . TYR A 1 148 ? 5.834   -5.331  18.115  1.00 40.98  ? 168 TYR A O   1 
ATOM   1276 C CB  . TYR A 1 148 ? 5.248   -2.115  18.965  1.00 37.75  ? 168 TYR A CB  1 
ATOM   1277 C CG  . TYR A 1 148 ? 5.189   -2.855  20.290  1.00 44.52  ? 168 TYR A CG  1 
ATOM   1278 C CD1 . TYR A 1 148 ? 6.352   -3.148  20.989  1.00 41.93  ? 168 TYR A CD1 1 
ATOM   1279 C CD2 . TYR A 1 148 ? 3.973   -3.349  20.788  1.00 46.40  ? 168 TYR A CD2 1 
ATOM   1280 C CE1 . TYR A 1 148 ? 6.322   -3.927  22.155  1.00 39.78  ? 168 TYR A CE1 1 
ATOM   1281 C CE2 . TYR A 1 148 ? 3.923   -4.128  21.948  1.00 42.04  ? 168 TYR A CE2 1 
ATOM   1282 C CZ  . TYR A 1 148 ? 5.114   -4.409  22.621  1.00 37.33  ? 168 TYR A CZ  1 
ATOM   1283 O OH  . TYR A 1 148 ? 5.092   -5.161  23.762  1.00 45.94  ? 168 TYR A OH  1 
ATOM   1284 N N   . VAL A 1 149 ? 3.970   -4.337  17.345  1.00 34.40  ? 169 VAL A N   1 
ATOM   1285 C CA  . VAL A 1 149 ? 3.215   -5.571  17.251  1.00 38.05  ? 169 VAL A CA  1 
ATOM   1286 C C   . VAL A 1 149 ? 3.832   -6.620  16.335  1.00 47.78  ? 169 VAL A C   1 
ATOM   1287 O O   . VAL A 1 149 ? 3.801   -7.814  16.624  1.00 42.36  ? 169 VAL A O   1 
ATOM   1288 C CB  . VAL A 1 149 ? 1.794   -5.278  16.763  1.00 44.55  ? 169 VAL A CB  1 
ATOM   1289 C CG1 . VAL A 1 149 ? 1.181   -6.510  16.152  1.00 44.19  ? 169 VAL A CG1 1 
ATOM   1290 C CG2 . VAL A 1 149 ? 0.950   -4.785  17.930  1.00 50.05  ? 169 VAL A CG2 1 
ATOM   1291 N N   . LYS A 1 150 ? 4.416   -6.175  15.235  1.00 46.20  ? 170 LYS A N   1 
ATOM   1292 C CA  . LYS A 1 150 ? 4.973   -7.102  14.259  1.00 50.46  ? 170 LYS A CA  1 
ATOM   1293 C C   . LYS A 1 150 ? 6.480   -7.295  14.465  1.00 53.65  ? 170 LYS A C   1 
ATOM   1294 O O   . LYS A 1 150 ? 7.146   -8.016  13.719  1.00 54.14  ? 170 LYS A O   1 
ATOM   1295 C CB  . LYS A 1 150 ? 4.670   -6.560  12.852  1.00 45.75  ? 170 LYS A CB  1 
ATOM   1296 C CG  . LYS A 1 150 ? 4.296   -7.595  11.808  1.00 48.32  ? 170 LYS A CG  1 
ATOM   1297 C CD  . LYS A 1 150 ? 3.014   -8.339  12.137  1.00 47.43  ? 170 LYS A CD  1 
ATOM   1298 C CE  . LYS A 1 150 ? 2.865   -9.492  11.163  1.00 42.15  ? 170 LYS A CE  1 
ATOM   1299 N NZ  . LYS A 1 150 ? 1.929   -10.548 11.604  1.00 44.18  ? 170 LYS A NZ  1 
ATOM   1300 N N   . ASP A 1 151 ? 6.998   -6.649  15.500  1.00 47.99  ? 171 ASP A N   1 
ATOM   1301 C CA  . ASP A 1 151 ? 8.410   -6.707  15.827  1.00 59.24  ? 171 ASP A CA  1 
ATOM   1302 C C   . ASP A 1 151 ? 9.312   -6.318  14.650  1.00 54.13  ? 171 ASP A C   1 
ATOM   1303 O O   . ASP A 1 151 ? 10.125  -7.100  14.191  1.00 63.71  ? 171 ASP A O   1 
ATOM   1304 C CB  . ASP A 1 151 ? 8.770   -8.110  16.346  1.00 64.49  ? 171 ASP A CB  1 
ATOM   1305 C CG  . ASP A 1 151 ? 10.184  -8.187  16.889  1.00 75.07  ? 171 ASP A CG  1 
ATOM   1306 O OD1 . ASP A 1 151 ? 10.614  -7.240  17.583  1.00 67.34  ? 171 ASP A OD1 1 
ATOM   1307 O OD2 . ASP A 1 151 ? 10.863  -9.206  16.627  1.00 86.00  ? 171 ASP A OD2 1 
ATOM   1308 N N   . VAL A 1 152 ? 9.161   -5.103  14.150  1.00 48.64  ? 172 VAL A N   1 
ATOM   1309 C CA  . VAL A 1 152 ? 10.016  -4.641  13.069  1.00 44.70  ? 172 VAL A CA  1 
ATOM   1310 C C   . VAL A 1 152 ? 10.338  -3.199  13.383  1.00 45.72  ? 172 VAL A C   1 
ATOM   1311 O O   . VAL A 1 152 ? 9.648   -2.583  14.192  1.00 49.80  ? 172 VAL A O   1 
ATOM   1312 C CB  . VAL A 1 152 ? 9.319   -4.689  11.667  1.00 55.02  ? 172 VAL A CB  1 
ATOM   1313 C CG1 . VAL A 1 152 ? 9.098   -6.110  11.225  1.00 44.58  ? 172 VAL A CG1 1 
ATOM   1314 C CG2 . VAL A 1 152 ? 7.994   -3.965  11.707  1.00 49.74  ? 172 VAL A CG2 1 
ATOM   1315 N N   . LYS A 1 153 ? 11.392  -2.666  12.771  1.00 41.71  ? 173 LYS A N   1 
ATOM   1316 C CA  . LYS A 1 153 ? 11.743  -1.273  12.961  1.00 41.11  ? 173 LYS A CA  1 
ATOM   1317 C C   . LYS A 1 153 ? 12.193  -0.673  11.629  1.00 47.96  ? 173 LYS A C   1 
ATOM   1318 O O   . LYS A 1 153 ? 13.205  -1.078  11.059  1.00 49.12  ? 173 LYS A O   1 
ATOM   1319 C CB  . LYS A 1 153 ? 12.866  -1.113  13.994  1.00 55.45  ? 173 LYS A CB  1 
ATOM   1320 C CG  . LYS A 1 153 ? 12.745  0.169   14.839  1.00 60.77  ? 173 LYS A CG  1 
ATOM   1321 C CD  . LYS A 1 153 ? 12.271  1.372   14.022  1.00 76.49  ? 173 LYS A CD  1 
ATOM   1322 C CE  . LYS A 1 153 ? 12.032  2.615   14.882  1.00 80.26  ? 173 LYS A CE  1 
ATOM   1323 N NZ  . LYS A 1 153 ? 13.302  3.320   15.219  1.00 78.19  ? 173 LYS A NZ  1 
ATOM   1324 N N   . PHE A 1 154 ? 11.422  0.286   11.129  1.00 43.43  ? 174 PHE A N   1 
ATOM   1325 C CA  . PHE A 1 154 ? 11.734  0.949   9.875   1.00 42.95  ? 174 PHE A CA  1 
ATOM   1326 C C   . PHE A 1 154 ? 12.825  1.950   10.182  1.00 49.25  ? 174 PHE A C   1 
ATOM   1327 O O   . PHE A 1 154 ? 12.856  2.478   11.283  1.00 43.06  ? 174 PHE A O   1 
ATOM   1328 C CB  . PHE A 1 154 ? 10.516  1.734   9.368   1.00 38.58  ? 174 PHE A CB  1 
ATOM   1329 C CG  . PHE A 1 154 ? 9.461   0.884   8.686   1.00 39.02  ? 174 PHE A CG  1 
ATOM   1330 C CD1 . PHE A 1 154 ? 8.842   -0.167  9.357   1.00 41.54  ? 174 PHE A CD1 1 
ATOM   1331 C CD2 . PHE A 1 154 ? 9.084   1.155   7.367   1.00 41.86  ? 174 PHE A CD2 1 
ATOM   1332 C CE1 . PHE A 1 154 ? 7.866   -0.944  8.725   1.00 37.24  ? 174 PHE A CE1 1 
ATOM   1333 C CE2 . PHE A 1 154 ? 8.117   0.393   6.728   1.00 34.24  ? 174 PHE A CE2 1 
ATOM   1334 C CZ  . PHE A 1 154 ? 7.506   -0.658  7.409   1.00 41.76  ? 174 PHE A CZ  1 
ATOM   1335 N N   . THR A 1 155 ? 13.717  2.220   9.230   1.00 44.25  ? 175 THR A N   1 
ATOM   1336 C CA  . THR A 1 155 ? 14.725  3.244   9.472   1.00 48.07  ? 175 THR A CA  1 
ATOM   1337 C C   . THR A 1 155 ? 13.949  4.539   9.260   1.00 46.21  ? 175 THR A C   1 
ATOM   1338 O O   . THR A 1 155 ? 12.848  4.517   8.698   1.00 47.41  ? 175 THR A O   1 
ATOM   1339 C CB  . THR A 1 155 ? 15.866  3.185   8.467   1.00 45.18  ? 175 THR A CB  1 
ATOM   1340 O OG1 . THR A 1 155 ? 15.341  3.356   7.151   1.00 52.43  ? 175 THR A OG1 1 
ATOM   1341 C CG2 . THR A 1 155 ? 16.585  1.875   8.557   1.00 38.09  ? 175 THR A CG2 1 
ATOM   1342 N N   . ASP A 1 156 ? 14.506  5.665   9.684   1.00 49.57  ? 176 ASP A N   1 
ATOM   1343 C CA  . ASP A 1 156 ? 13.809  6.941   9.533   1.00 44.85  ? 176 ASP A CA  1 
ATOM   1344 C C   . ASP A 1 156 ? 13.479  7.236   8.079   1.00 46.37  ? 176 ASP A C   1 
ATOM   1345 O O   . ASP A 1 156 ? 12.457  7.859   7.790   1.00 45.04  ? 176 ASP A O   1 
ATOM   1346 C CB  . ASP A 1 156 ? 14.635  8.100   10.114  1.00 51.48  ? 176 ASP A CB  1 
ATOM   1347 C CG  . ASP A 1 156 ? 14.973  7.897   11.583  1.00 69.94  ? 176 ASP A CG  1 
ATOM   1348 O OD1 . ASP A 1 156 ? 14.055  7.586   12.372  1.00 68.20  ? 176 ASP A OD1 1 
ATOM   1349 O OD2 . ASP A 1 156 ? 16.159  8.049   11.951  1.00 72.45  ? 176 ASP A OD2 1 
ATOM   1350 N N   . ASP A 1 157 ? 14.341  6.808   7.161   1.00 51.47  ? 177 ASP A N   1 
ATOM   1351 C CA  . ASP A 1 157 ? 14.082  7.068   5.752   1.00 54.47  ? 177 ASP A CA  1 
ATOM   1352 C C   . ASP A 1 157 ? 12.939  6.195   5.275   1.00 44.40  ? 177 ASP A C   1 
ATOM   1353 O O   . ASP A 1 157 ? 12.025  6.680   4.605   1.00 43.76  ? 177 ASP A O   1 
ATOM   1354 C CB  . ASP A 1 157 ? 15.322  6.805   4.900   1.00 61.10  ? 177 ASP A CB  1 
ATOM   1355 C CG  . ASP A 1 157 ? 16.366  7.889   5.050   1.00 76.71  ? 177 ASP A CG  1 
ATOM   1356 O OD1 . ASP A 1 157 ? 15.975  9.064   5.230   1.00 72.69  ? 177 ASP A OD1 1 
ATOM   1357 O OD2 . ASP A 1 157 ? 17.571  7.566   4.972   1.00 75.60  ? 177 ASP A OD2 1 
ATOM   1358 N N   . GLN A 1 158 ? 13.006  4.909   5.615   1.00 39.64  ? 178 GLN A N   1 
ATOM   1359 C CA  . GLN A 1 158 ? 11.962  3.985   5.226   1.00 39.48  ? 178 GLN A CA  1 
ATOM   1360 C C   . GLN A 1 158 ? 10.609  4.446   5.774   1.00 44.04  ? 178 GLN A C   1 
ATOM   1361 O O   . GLN A 1 158 ? 9.611   4.329   5.089   1.00 41.47  ? 178 GLN A O   1 
ATOM   1362 C CB  . GLN A 1 158 ? 12.293  2.597   5.744   1.00 36.39  ? 178 GLN A CB  1 
ATOM   1363 C CG  . GLN A 1 158 ? 13.642  2.150   5.246   1.00 34.21  ? 178 GLN A CG  1 
ATOM   1364 C CD  . GLN A 1 158 ? 13.977  0.751   5.672   1.00 39.06  ? 178 GLN A CD  1 
ATOM   1365 O OE1 . GLN A 1 158 ? 13.656  0.323   6.782   1.00 42.96  ? 178 GLN A OE1 1 
ATOM   1366 N NE2 . GLN A 1 158 ? 14.636  0.029   4.793   1.00 39.68  ? 178 GLN A NE2 1 
ATOM   1367 N N   . TYR A 1 159 ? 10.595  4.977   7.002   1.00 44.93  ? 179 TYR A N   1 
ATOM   1368 C CA  . TYR A 1 159 ? 9.363   5.470   7.615   1.00 40.64  ? 179 TYR A CA  1 
ATOM   1369 C C   . TYR A 1 159 ? 8.833   6.697   6.884   1.00 40.73  ? 179 TYR A C   1 
ATOM   1370 O O   . TYR A 1 159 ? 7.655   6.773   6.535   1.00 39.57  ? 179 TYR A O   1 
ATOM   1371 C CB  . TYR A 1 159 ? 9.573   5.871   9.080   1.00 43.60  ? 179 TYR A CB  1 
ATOM   1372 C CG  . TYR A 1 159 ? 8.372   6.619   9.610   1.00 34.03  ? 179 TYR A CG  1 
ATOM   1373 C CD1 . TYR A 1 159 ? 7.177   5.944   9.877   1.00 36.63  ? 179 TYR A CD1 1 
ATOM   1374 C CD2 . TYR A 1 159 ? 8.365   8.009   9.659   1.00 43.83  ? 179 TYR A CD2 1 
ATOM   1375 C CE1 . TYR A 1 159 ? 6.013   6.623   10.151  1.00 39.98  ? 179 TYR A CE1 1 
ATOM   1376 C CE2 . TYR A 1 159 ? 7.206   8.700   9.933   1.00 43.64  ? 179 TYR A CE2 1 
ATOM   1377 C CZ  . TYR A 1 159 ? 6.022   7.999   10.171  1.00 47.22  ? 179 TYR A CZ  1 
ATOM   1378 O OH  . TYR A 1 159 ? 4.834   8.670   10.363  1.00 50.43  ? 179 TYR A OH  1 
ATOM   1379 N N   . LYS A 1 160 ? 9.699   7.671   6.661   1.00 37.81  ? 180 LYS A N   1 
ATOM   1380 C CA  . LYS A 1 160 ? 9.260   8.870   5.971   1.00 42.36  ? 180 LYS A CA  1 
ATOM   1381 C C   . LYS A 1 160 ? 8.717   8.546   4.562   1.00 39.57  ? 180 LYS A C   1 
ATOM   1382 O O   . LYS A 1 160 ? 7.697   9.101   4.115   1.00 37.88  ? 180 LYS A O   1 
ATOM   1383 C CB  . LYS A 1 160 ? 10.426  9.848   5.905   1.00 50.39  ? 180 LYS A CB  1 
ATOM   1384 C CG  . LYS A 1 160 ? 10.186  11.102  5.114   1.00 51.06  ? 180 LYS A CG  1 
ATOM   1385 C CD  . LYS A 1 160 ? 11.342  12.090  5.330   1.00 69.83  ? 180 LYS A CD  1 
ATOM   1386 C CE  . LYS A 1 160 ? 11.120  13.423  4.594   1.00 71.84  ? 180 LYS A CE  1 
ATOM   1387 N NZ  . LYS A 1 160 ? 11.195  13.284  3.102   1.00 77.31  ? 180 LYS A NZ  1 
ATOM   1388 N N   . ASP A 1 161 ? 9.388   7.654   3.845   1.00 36.54  ? 181 ASP A N   1 
ATOM   1389 C CA  . ASP A 1 161 ? 8.897   7.311   2.511   1.00 39.77  ? 181 ASP A CA  1 
ATOM   1390 C C   . ASP A 1 161 ? 7.553   6.587   2.622   1.00 42.23  ? 181 ASP A C   1 
ATOM   1391 O O   . ASP A 1 161 ? 6.629   6.862   1.848   1.00 33.07  ? 181 ASP A O   1 
ATOM   1392 C CB  . ASP A 1 161 ? 9.900   6.431   1.758   1.00 30.13  ? 181 ASP A CB  1 
ATOM   1393 C CG  . ASP A 1 161 ? 11.182  7.188   1.386   1.00 47.90  ? 181 ASP A CG  1 
ATOM   1394 O OD1 . ASP A 1 161 ? 11.147  8.435   1.235   1.00 41.67  ? 181 ASP A OD1 1 
ATOM   1395 O OD2 . ASP A 1 161 ? 12.228  6.524   1.228   1.00 43.71  ? 181 ASP A OD2 1 
ATOM   1396 N N   . ALA A 1 162 ? 7.432   5.692   3.601   1.00 33.64  ? 182 ALA A N   1 
ATOM   1397 C CA  . ALA A 1 162 ? 6.188   4.960   3.777   1.00 33.49  ? 182 ALA A CA  1 
ATOM   1398 C C   . ALA A 1 162 ? 5.015   5.901   4.081   1.00 38.23  ? 182 ALA A C   1 
ATOM   1399 O O   . ALA A 1 162 ? 3.926   5.730   3.527   1.00 35.09  ? 182 ALA A O   1 
ATOM   1400 C CB  . ALA A 1 162 ? 6.324   3.951   4.879   1.00 30.02  ? 182 ALA A CB  1 
ATOM   1401 N N   . ALA A 1 163 ? 5.222   6.889   4.944   1.00 36.67  ? 183 ALA A N   1 
ATOM   1402 C CA  . ALA A 1 163 ? 4.129   7.797   5.294   1.00 40.15  ? 183 ALA A CA  1 
ATOM   1403 C C   . ALA A 1 163 ? 3.642   8.518   4.039   1.00 37.80  ? 183 ALA A C   1 
ATOM   1404 O O   . ALA A 1 163 ? 2.451   8.744   3.876   1.00 36.26  ? 183 ALA A O   1 
ATOM   1405 C CB  . ALA A 1 163 ? 4.590   8.809   6.362   1.00 34.16  ? 183 ALA A CB  1 
ATOM   1406 N N   . ALA A 1 164 ? 4.568   8.875   3.150   1.00 42.59  ? 184 ALA A N   1 
ATOM   1407 C CA  . ALA A 1 164 ? 4.193   9.551   1.910   1.00 41.49  ? 184 ALA A CA  1 
ATOM   1408 C C   . ALA A 1 164 ? 3.361   8.610   1.014   1.00 36.34  ? 184 ALA A C   1 
ATOM   1409 O O   . ALA A 1 164 ? 2.376   9.027   0.412   1.00 33.74  ? 184 ALA A O   1 
ATOM   1410 C CB  . ALA A 1 164 ? 5.449   10.025  1.167   1.00 38.87  ? 184 ALA A CB  1 
ATOM   1411 N N   . ARG A 1 165 ? 3.746   7.341   0.939   1.00 37.17  ? 185 ARG A N   1 
ATOM   1412 C CA  . ARG A 1 165 ? 3.007   6.386   0.120   1.00 35.96  ? 185 ARG A CA  1 
ATOM   1413 C C   . ARG A 1 165 ? 1.598   6.195   0.629   1.00 34.29  ? 185 ARG A C   1 
ATOM   1414 O O   . ARG A 1 165 ? 0.643   6.084   -0.138  1.00 35.62  ? 185 ARG A O   1 
ATOM   1415 C CB  . ARG A 1 165 ? 3.671   5.025   0.149   1.00 29.95  ? 185 ARG A CB  1 
ATOM   1416 C CG  . ARG A 1 165 ? 4.855   4.873   -0.808  1.00 37.12  ? 185 ARG A CG  1 
ATOM   1417 C CD  . ARG A 1 165 ? 5.383   3.440   -0.683  1.00 31.72  ? 185 ARG A CD  1 
ATOM   1418 N NE  . ARG A 1 165 ? 6.757   3.562   -0.308  1.00 57.92  ? 185 ARG A NE  1 
ATOM   1419 C CZ  . ARG A 1 165 ? 7.301   3.000   0.743   1.00 33.93  ? 185 ARG A CZ  1 
ATOM   1420 N NH1 . ARG A 1 165 ? 6.595   2.241   1.562   1.00 43.95  ? 185 ARG A NH1 1 
ATOM   1421 N NH2 . ARG A 1 165 ? 8.570   3.207   0.963   1.00 47.11  ? 185 ARG A NH2 1 
ATOM   1422 N N   . ILE A 1 166 ? 1.495   6.123   1.943   1.00 32.17  ? 186 ILE A N   1 
ATOM   1423 C CA  . ILE A 1 166 ? 0.233   5.909   2.612   1.00 34.37  ? 186 ILE A CA  1 
ATOM   1424 C C   . ILE A 1 166 ? -0.755  7.034   2.250   1.00 35.34  ? 186 ILE A C   1 
ATOM   1425 O O   . ILE A 1 166 ? -1.907  6.776   1.842   1.00 32.40  ? 186 ILE A O   1 
ATOM   1426 C CB  . ILE A 1 166 ? 0.507   5.854   4.109   1.00 33.47  ? 186 ILE A CB  1 
ATOM   1427 C CG1 . ILE A 1 166 ? 1.129   4.491   4.433   1.00 33.14  ? 186 ILE A CG1 1 
ATOM   1428 C CG2 . ILE A 1 166 ? -0.767  6.145   4.928   1.00 34.20  ? 186 ILE A CG2 1 
ATOM   1429 C CD1 . ILE A 1 166 ? 1.555   4.378   5.898   1.00 31.91  ? 186 ILE A CD1 1 
ATOM   1430 N N   . SER A 1 167 ? -0.299  8.271   2.388   1.00 30.92  ? 187 SER A N   1 
ATOM   1431 C CA  . SER A 1 167 ? -1.150  9.415   2.066   1.00 39.02  ? 187 SER A CA  1 
ATOM   1432 C C   . SER A 1 167 ? -1.495  9.338   0.577   1.00 40.18  ? 187 SER A C   1 
ATOM   1433 O O   . SER A 1 167 ? -2.660  9.508   0.195   1.00 35.67  ? 187 SER A O   1 
ATOM   1434 C CB  . SER A 1 167 ? -0.444  10.736  2.402   1.00 31.97  ? 187 SER A CB  1 
ATOM   1435 O OG  . SER A 1 167 ? -0.373  10.912  3.803   1.00 36.83  ? 187 SER A OG  1 
ATOM   1436 N N   . GLN A 1 168 ? -0.503  9.017   -0.253  1.00 34.04  ? 188 GLN A N   1 
ATOM   1437 C CA  . GLN A 1 168 ? -0.749  8.905   -1.689  1.00 38.72  ? 188 GLN A CA  1 
ATOM   1438 C C   . GLN A 1 168 ? -1.746  7.825   -2.004  1.00 37.41  ? 188 GLN A C   1 
ATOM   1439 O O   . GLN A 1 168 ? -2.656  8.024   -2.812  1.00 33.50  ? 188 GLN A O   1 
ATOM   1440 C CB  . GLN A 1 168 ? 0.524   8.596   -2.478  1.00 34.31  ? 188 GLN A CB  1 
ATOM   1441 C CG  . GLN A 1 168 ? 0.229   8.595   -3.969  1.00 34.46  ? 188 GLN A CG  1 
ATOM   1442 C CD  . GLN A 1 168 ? 1.403   8.214   -4.797  1.00 45.09  ? 188 GLN A CD  1 
ATOM   1443 O OE1 . GLN A 1 168 ? 1.767   7.045   -4.881  1.00 41.48  ? 188 GLN A OE1 1 
ATOM   1444 N NE2 . GLN A 1 168 ? 2.034   9.210   -5.408  1.00 44.29  ? 188 GLN A NE2 1 
ATOM   1445 N N   . PHE A 1 169 ? -1.559  6.660   -1.388  1.00 33.14  ? 189 PHE A N   1 
ATOM   1446 C CA  . PHE A 1 169 ? -2.457  5.535   -1.608  1.00 32.87  ? 189 PHE A CA  1 
ATOM   1447 C C   . PHE A 1 169 ? -3.914  5.909   -1.251  1.00 31.60  ? 189 PHE A C   1 
ATOM   1448 O O   . PHE A 1 169 ? -4.842  5.613   -1.991  1.00 33.45  ? 189 PHE A O   1 
ATOM   1449 C CB  . PHE A 1 169 ? -2.014  4.332   -0.753  1.00 28.11  ? 189 PHE A CB  1 
ATOM   1450 C CG  . PHE A 1 169 ? -2.904  3.119   -0.901  1.00 31.27  ? 189 PHE A CG  1 
ATOM   1451 C CD1 . PHE A 1 169 ? -2.502  2.035   -1.689  1.00 32.82  ? 189 PHE A CD1 1 
ATOM   1452 C CD2 . PHE A 1 169 ? -4.139  3.064   -0.254  1.00 28.02  ? 189 PHE A CD2 1 
ATOM   1453 C CE1 . PHE A 1 169 ? -3.315  0.891   -1.840  1.00 33.35  ? 189 PHE A CE1 1 
ATOM   1454 C CE2 . PHE A 1 169 ? -4.967  1.938   -0.389  1.00 26.65  ? 189 PHE A CE2 1 
ATOM   1455 C CZ  . PHE A 1 169 ? -4.546  0.840   -1.193  1.00 28.21  ? 189 PHE A CZ  1 
ATOM   1456 N N   . LEU A 1 170 ? -4.118  6.537   -0.105  1.00 32.79  ? 190 LEU A N   1 
ATOM   1457 C CA  . LEU A 1 170 ? -5.469  6.893   0.303   1.00 34.18  ? 190 LEU A CA  1 
ATOM   1458 C C   . LEU A 1 170 ? -6.135  7.850   -0.714  1.00 38.52  ? 190 LEU A C   1 
ATOM   1459 O O   . LEU A 1 170 ? -7.254  7.611   -1.175  1.00 32.83  ? 190 LEU A O   1 
ATOM   1460 C CB  . LEU A 1 170 ? -5.424  7.513   1.702   1.00 30.78  ? 190 LEU A CB  1 
ATOM   1461 C CG  . LEU A 1 170 ? -5.077  6.459   2.767   1.00 36.19  ? 190 LEU A CG  1 
ATOM   1462 C CD1 . LEU A 1 170 ? -4.706  7.138   4.041   1.00 34.40  ? 190 LEU A CD1 1 
ATOM   1463 C CD2 . LEU A 1 170 ? -6.233  5.508   2.995   1.00 36.65  ? 190 LEU A CD2 1 
ATOM   1464 N N   . ILE A 1 171 ? -5.439  8.915   -1.089  1.00 36.41  ? 191 ILE A N   1 
ATOM   1465 C CA  . ILE A 1 171 ? -6.003  9.863   -2.048  1.00 38.62  ? 191 ILE A CA  1 
ATOM   1466 C C   . ILE A 1 171 ? -6.390  9.164   -3.351  1.00 38.08  ? 191 ILE A C   1 
ATOM   1467 O O   . ILE A 1 171 ? -7.463  9.376   -3.867  1.00 43.32  ? 191 ILE A O   1 
ATOM   1468 C CB  . ILE A 1 171 ? -5.014  11.026  -2.316  1.00 41.10  ? 191 ILE A CB  1 
ATOM   1469 C CG1 . ILE A 1 171 ? -4.897  11.882  -1.057  1.00 38.74  ? 191 ILE A CG1 1 
ATOM   1470 C CG2 . ILE A 1 171 ? -5.529  11.897  -3.475  1.00 43.85  ? 191 ILE A CG2 1 
ATOM   1471 C CD1 . ILE A 1 171 ? -3.681  12.788  -1.032  1.00 47.35  ? 191 ILE A CD1 1 
ATOM   1472 N N   . ASP A 1 172 ? -5.520  8.300   -3.856  1.00 36.55  ? 192 ASP A N   1 
ATOM   1473 C CA  . ASP A 1 172 ? -5.782  7.566   -5.077  1.00 38.55  ? 192 ASP A CA  1 
ATOM   1474 C C   . ASP A 1 172 ? -6.859  6.521   -4.994  1.00 39.85  ? 192 ASP A C   1 
ATOM   1475 O O   . ASP A 1 172 ? -7.563  6.285   -5.969  1.00 44.98  ? 192 ASP A O   1 
ATOM   1476 C CB  . ASP A 1 172 ? -4.550  6.786   -5.539  1.00 35.75  ? 192 ASP A CB  1 
ATOM   1477 C CG  . ASP A 1 172 ? -3.535  7.650   -6.159  1.00 46.87  ? 192 ASP A CG  1 
ATOM   1478 O OD1 . ASP A 1 172 ? -3.832  8.853   -6.324  1.00 48.44  ? 192 ASP A OD1 1 
ATOM   1479 O OD2 . ASP A 1 172 ? -2.456  7.130   -6.486  1.00 39.02  ? 192 ASP A OD2 1 
ATOM   1480 N N   . VAL A 1 173 ? -6.981  5.874   -3.843  1.00 39.11  ? 193 VAL A N   1 
ATOM   1481 C CA  . VAL A 1 173 ? -7.897  4.749   -3.756  1.00 36.04  ? 193 VAL A CA  1 
ATOM   1482 C C   . VAL A 1 173 ? -9.243  4.904   -3.076  1.00 33.02  ? 193 VAL A C   1 
ATOM   1483 O O   . VAL A 1 173 ? -10.224 4.345   -3.547  1.00 39.91  ? 193 VAL A O   1 
ATOM   1484 C CB  . VAL A 1 173 ? -7.118  3.528   -3.153  1.00 38.03  ? 193 VAL A CB  1 
ATOM   1485 C CG1 . VAL A 1 173 ? -8.010  2.288   -3.094  1.00 29.53  ? 193 VAL A CG1 1 
ATOM   1486 C CG2 . VAL A 1 173 ? -5.845  3.263   -4.011  1.00 33.36  ? 193 VAL A CG2 1 
ATOM   1487 N N   . VAL A 1 174 ? -9.293  5.641   -1.976  1.00 32.35  ? 194 VAL A N   1 
ATOM   1488 C CA  . VAL A 1 174 ? -10.540 5.845   -1.253  1.00 34.49  ? 194 VAL A CA  1 
ATOM   1489 C C   . VAL A 1 174 ? -11.567 6.437   -2.212  1.00 44.85  ? 194 VAL A C   1 
ATOM   1490 O O   . VAL A 1 174 ? -11.253 7.376   -2.956  1.00 40.45  ? 194 VAL A O   1 
ATOM   1491 C CB  . VAL A 1 174 ? -10.352 6.823   -0.072  1.00 37.28  ? 194 VAL A CB  1 
ATOM   1492 C CG1 . VAL A 1 174 ? -11.707 7.100   0.603   1.00 30.10  ? 194 VAL A CG1 1 
ATOM   1493 C CG2 . VAL A 1 174 ? -9.380  6.221   0.959   1.00 33.52  ? 194 VAL A CG2 1 
ATOM   1494 N N   . ASP A 1 175 ? -12.783 5.889   -2.195  1.00 41.61  ? 195 ASP A N   1 
ATOM   1495 C CA  . ASP A 1 175 ? -13.866 6.359   -3.057  1.00 43.96  ? 195 ASP A CA  1 
ATOM   1496 C C   . ASP A 1 175 ? -15.194 6.415   -2.312  1.00 46.24  ? 195 ASP A C   1 
ATOM   1497 O O   . ASP A 1 175 ? -16.223 6.748   -2.901  1.00 50.78  ? 195 ASP A O   1 
ATOM   1498 C CB  . ASP A 1 175 ? -14.023 5.445   -4.281  1.00 45.63  ? 195 ASP A CB  1 
ATOM   1499 C CG  . ASP A 1 175 ? -14.665 4.103   -3.935  1.00 46.90  ? 195 ASP A CG  1 
ATOM   1500 O OD1 . ASP A 1 175 ? -14.975 3.315   -4.852  1.00 48.63  ? 195 ASP A OD1 1 
ATOM   1501 O OD2 . ASP A 1 175 ? -14.855 3.836   -2.739  1.00 53.60  ? 195 ASP A OD2 1 
ATOM   1502 N N   . SER A 1 176 ? -15.168 6.123   -1.016  1.00 44.59  ? 196 SER A N   1 
ATOM   1503 C CA  . SER A 1 176 ? -16.391 6.100   -0.215  1.00 45.59  ? 196 SER A CA  1 
ATOM   1504 C C   . SER A 1 176 ? -17.143 7.430   -0.103  1.00 41.37  ? 196 SER A C   1 
ATOM   1505 O O   . SER A 1 176 ? -18.338 7.439   0.118   1.00 41.76  ? 196 SER A O   1 
ATOM   1506 C CB  . SER A 1 176 ? -16.086 5.598   1.203   1.00 45.48  ? 196 SER A CB  1 
ATOM   1507 O OG  . SER A 1 176 ? -15.282 6.541   1.900   1.00 50.62  ? 196 SER A OG  1 
ATOM   1508 N N   . TYR A 1 177 ? -16.448 8.547   -0.241  1.00 38.58  ? 197 TYR A N   1 
ATOM   1509 C CA  . TYR A 1 177 ? -17.097 9.848   -0.122  1.00 42.51  ? 197 TYR A CA  1 
ATOM   1510 C C   . TYR A 1 177 ? -17.528 10.423  -1.494  1.00 47.09  ? 197 TYR A C   1 
ATOM   1511 O O   . TYR A 1 177 ? -18.116 11.494  -1.554  1.00 49.27  ? 197 TYR A O   1 
ATOM   1512 C CB  . TYR A 1 177 ? -16.137 10.815  0.542   1.00 34.79  ? 197 TYR A CB  1 
ATOM   1513 C CG  . TYR A 1 177 ? -14.930 11.080  -0.336  1.00 47.71  ? 197 TYR A CG  1 
ATOM   1514 C CD1 . TYR A 1 177 ? -14.947 12.082  -1.323  1.00 34.04  ? 197 TYR A CD1 1 
ATOM   1515 C CD2 . TYR A 1 177 ? -13.804 10.258  -0.249  1.00 41.37  ? 197 TYR A CD2 1 
ATOM   1516 C CE1 . TYR A 1 177 ? -13.851 12.239  -2.213  1.00 38.11  ? 197 TYR A CE1 1 
ATOM   1517 C CE2 . TYR A 1 177 ? -12.714 10.403  -1.120  1.00 40.67  ? 197 TYR A CE2 1 
ATOM   1518 C CZ  . TYR A 1 177 ? -12.734 11.383  -2.098  1.00 43.06  ? 197 TYR A CZ  1 
ATOM   1519 O OH  . TYR A 1 177 ? -11.637 11.461  -2.930  1.00 37.02  ? 197 TYR A OH  1 
ATOM   1520 N N   . ILE A 1 178 ? -17.231 9.710   -2.577  1.00 47.38  ? 198 ILE A N   1 
ATOM   1521 C CA  . ILE A 1 178 ? -17.537 10.162  -3.938  1.00 43.98  ? 198 ILE A CA  1 
ATOM   1522 C C   . ILE A 1 178 ? -18.987 10.008  -4.422  1.00 49.87  ? 198 ILE A C   1 
ATOM   1523 O O   . ILE A 1 178 ? -19.586 8.962   -4.254  1.00 45.23  ? 198 ILE A O   1 
ATOM   1524 C CB  . ILE A 1 178 ? -16.596 9.445   -4.970  1.00 44.83  ? 198 ILE A CB  1 
ATOM   1525 C CG1 . ILE A 1 178 ? -15.173 9.993   -4.827  1.00 43.97  ? 198 ILE A CG1 1 
ATOM   1526 C CG2 . ILE A 1 178 ? -17.107 9.638   -6.394  1.00 52.51  ? 198 ILE A CG2 1 
ATOM   1527 C CD1 . ILE A 1 178 ? -14.135 9.283   -5.663  1.00 58.86  ? 198 ILE A CD1 1 
ATOM   1528 N N   . ILE A 1 179 ? -19.550 11.068  -5.009  1.00 45.23  ? 199 ILE A N   1 
ATOM   1529 C CA  . ILE A 1 179 ? -20.909 11.002  -5.564  1.00 44.09  ? 199 ILE A CA  1 
ATOM   1530 C C   . ILE A 1 179 ? -20.741 11.389  -7.022  1.00 41.18  ? 199 ILE A C   1 
ATOM   1531 O O   . ILE A 1 179 ? -20.390 12.536  -7.303  1.00 43.03  ? 199 ILE A O   1 
ATOM   1532 C CB  . ILE A 1 179 ? -21.893 12.027  -4.961  1.00 35.85  ? 199 ILE A CB  1 
ATOM   1533 C CG1 . ILE A 1 179 ? -21.866 11.997  -3.434  1.00 49.00  ? 199 ILE A CG1 1 
ATOM   1534 C CG2 . ILE A 1 179 ? -23.322 11.691  -5.462  1.00 30.81  ? 199 ILE A CG2 1 
ATOM   1535 C CD1 . ILE A 1 179 ? -22.360 10.728  -2.845  1.00 49.91  ? 199 ILE A CD1 1 
ATOM   1536 N N   . LYS A 1 180 ? -20.950 10.448  -7.941  1.00 31.06  ? 200 LYS A N   1 
ATOM   1537 C CA  . LYS A 1 180 ? -20.773 10.765  -9.338  1.00 38.16  ? 200 LYS A CA  1 
ATOM   1538 C C   . LYS A 1 180 ? -22.068 11.327  -9.948  1.00 44.61  ? 200 LYS A C   1 
ATOM   1539 O O   . LYS A 1 180 ? -23.171 11.154  -9.404  1.00 42.40  ? 200 LYS A O   1 
ATOM   1540 C CB  . LYS A 1 180 ? -20.343 9.517   -10.113 1.00 46.54  ? 200 LYS A CB  1 
ATOM   1541 C CG  . LYS A 1 180 ? -19.005 8.942   -9.667  1.00 57.47  ? 200 LYS A CG  1 
ATOM   1542 C CD  . LYS A 1 180 ? -18.521 7.844   -10.607 1.00 63.63  ? 200 LYS A CD  1 
ATOM   1543 C CE  . LYS A 1 180 ? -17.368 7.043   -9.982  1.00 84.31  ? 200 LYS A CE  1 
ATOM   1544 N NZ  . LYS A 1 180 ? -16.204 7.887   -9.529  1.00 84.33  ? 200 LYS A NZ  1 
ATOM   1545 N N   . PRO A 1 181 ? -21.946 12.006  -11.089 1.00 43.29  ? 201 PRO A N   1 
ATOM   1546 C CA  . PRO A 1 181 ? -23.145 12.559  -11.731 1.00 45.00  ? 201 PRO A CA  1 
ATOM   1547 C C   . PRO A 1 181 ? -24.169 11.507  -12.132 1.00 51.45  ? 201 PRO A C   1 
ATOM   1548 O O   . PRO A 1 181 ? -23.831 10.369  -12.425 1.00 52.53  ? 201 PRO A O   1 
ATOM   1549 C CB  . PRO A 1 181 ? -22.590 13.323  -12.941 1.00 47.54  ? 201 PRO A CB  1 
ATOM   1550 C CG  . PRO A 1 181 ? -21.120 12.860  -13.052 1.00 45.64  ? 201 PRO A CG  1 
ATOM   1551 C CD  . PRO A 1 181 ? -20.715 12.587  -11.644 1.00 46.93  ? 201 PRO A CD  1 
ATOM   1552 N N   . ILE A 1 182 ? -25.438 11.879  -12.104 1.00 46.95  ? 202 ILE A N   1 
ATOM   1553 C CA  . ILE A 1 182 ? -26.491 10.975  -12.527 1.00 43.95  ? 202 ILE A CA  1 
ATOM   1554 C C   . ILE A 1 182 ? -26.235 10.799  -14.034 1.00 52.46  ? 202 ILE A C   1 
ATOM   1555 O O   . ILE A 1 182 ? -25.887 11.756  -14.732 1.00 45.81  ? 202 ILE A O   1 
ATOM   1556 C CB  . ILE A 1 182 ? -27.860 11.600  -12.235 1.00 48.23  ? 202 ILE A CB  1 
ATOM   1557 C CG1 . ILE A 1 182 ? -28.033 11.685  -10.723 1.00 48.88  ? 202 ILE A CG1 1 
ATOM   1558 C CG2 . ILE A 1 182 ? -28.977 10.784  -12.855 1.00 46.81  ? 202 ILE A CG2 1 
ATOM   1559 C CD1 . ILE A 1 182 ? -29.180 12.569  -10.261 1.00 44.87  ? 202 ILE A CD1 1 
ATOM   1560 N N   . PRO A 1 183 ? -26.372 9.567   -14.555 1.00 61.89  ? 203 PRO A N   1 
ATOM   1561 C CA  . PRO A 1 183 ? -26.125 9.350   -15.986 1.00 64.73  ? 203 PRO A CA  1 
ATOM   1562 C C   . PRO A 1 183 ? -27.229 9.920   -16.872 1.00 68.17  ? 203 PRO A C   1 
ATOM   1563 O O   . PRO A 1 183 ? -28.417 9.764   -16.568 1.00 68.93  ? 203 PRO A O   1 
ATOM   1564 C CB  . PRO A 1 183 ? -26.045 7.825   -16.110 1.00 70.46  ? 203 PRO A CB  1 
ATOM   1565 C CG  . PRO A 1 183 ? -26.198 7.297   -14.660 1.00 72.91  ? 203 PRO A CG  1 
ATOM   1566 C CD  . PRO A 1 183 ? -26.940 8.359   -13.939 1.00 62.72  ? 203 PRO A CD  1 
ATOM   1567 N N   . ALA A 1 184 ? -26.844 10.575  -17.963 1.00 69.58  ? 204 ALA A N   1 
ATOM   1568 C CA  . ALA A 1 184 ? -27.841 11.124  -18.874 1.00 76.74  ? 204 ALA A CA  1 
ATOM   1569 C C   . ALA A 1 184 ? -28.556 9.941   -19.518 1.00 83.02  ? 204 ALA A C   1 
ATOM   1570 O O   . ALA A 1 184 ? -28.158 8.790   -19.333 1.00 91.43  ? 204 ALA A O   1 
ATOM   1571 C CB  . ALA A 1 184 ? -27.180 11.989  -19.944 1.00 66.41  ? 204 ALA A CB  1 
ATOM   1572 N N   . LEU A 1 185 ? -29.617 10.232  -20.258 1.00 86.23  ? 205 LEU A N   1 
ATOM   1573 C CA  . LEU A 1 185 ? -30.407 9.219   -20.953 1.00 89.24  ? 205 LEU A CA  1 
ATOM   1574 C C   . LEU A 1 185 ? -29.919 9.281   -22.402 1.00 96.49  ? 205 LEU A C   1 
ATOM   1575 O O   . LEU A 1 185 ? -30.566 9.912   -23.239 1.00 100.89 ? 205 LEU A O   1 
ATOM   1576 C CB  . LEU A 1 185 ? -31.891 9.605   -20.881 1.00 81.75  ? 205 LEU A CB  1 
ATOM   1577 C CG  . LEU A 1 185 ? -33.046 8.603   -20.945 1.00 82.24  ? 205 LEU A CG  1 
ATOM   1578 C CD1 . LEU A 1 185 ? -33.069 7.708   -19.709 1.00 75.86  ? 205 LEU A CD1 1 
ATOM   1579 C CD2 . LEU A 1 185 ? -34.347 9.387   -21.042 1.00 75.82  ? 205 LEU A CD2 1 
ATOM   1580 N N   . PRO A 1 186 ? -28.765 8.638   -22.713 1.00 100.25 ? 206 PRO A N   1 
ATOM   1581 C CA  . PRO A 1 186 ? -28.166 8.615   -24.060 1.00 100.70 ? 206 PRO A CA  1 
ATOM   1582 C C   . PRO A 1 186 ? -29.150 8.328   -25.194 1.00 100.78 ? 206 PRO A C   1 
ATOM   1583 O O   . PRO A 1 186 ? -28.962 7.389   -25.972 1.00 100.65 ? 206 PRO A O   1 
ATOM   1584 C CB  . PRO A 1 186 ? -27.095 7.531   -23.941 1.00 97.74  ? 206 PRO A CB  1 
ATOM   1585 C CG  . PRO A 1 186 ? -26.666 7.643   -22.511 1.00 94.20  ? 206 PRO A CG  1 
ATOM   1586 C CD  . PRO A 1 186 ? -28.007 7.752   -21.810 1.00 100.20 ? 206 PRO A CD  1 
HETATM 1587 O O   . HOH B 2 .   ? 5.922   -1.608  3.442   1.00 35.61  ? 207 HOH A O   1 
HETATM 1588 O O   . HOH B 2 .   ? 13.424  4.513   1.918   1.00 37.48  ? 208 HOH A O   1 
HETATM 1589 O O   . HOH B 2 .   ? 10.258  3.961   12.700  1.00 48.66  ? 209 HOH A O   1 
HETATM 1590 O O   . HOH B 2 .   ? -3.072  16.223  -0.369  1.00 49.29  ? 210 HOH A O   1 
HETATM 1591 O O   . HOH B 2 .   ? -5.830  -3.198  2.222   1.00 37.37  ? 211 HOH A O   1 
HETATM 1592 O O   . HOH B 2 .   ? -9.902  9.570   -2.434  1.00 37.47  ? 212 HOH A O   1 
HETATM 1593 O O   . HOH B 2 .   ? 7.238   7.937   -0.571  1.00 49.32  ? 213 HOH A O   1 
HETATM 1594 O O   . HOH B 2 .   ? 8.196   5.675   -1.491  1.00 46.60  ? 214 HOH A O   1 
HETATM 1595 O O   . HOH B 2 .   ? -6.830  12.822  12.843  1.00 41.43  ? 215 HOH A O   1 
HETATM 1596 O O   . HOH B 2 .   ? -12.164 1.850   4.521   1.00 34.05  ? 216 HOH A O   1 
HETATM 1597 O O   . HOH B 2 .   ? -2.681  4.408   -6.630  1.00 37.54  ? 217 HOH A O   1 
HETATM 1598 O O   . HOH B 2 .   ? 8.548   -11.651 -0.820  1.00 45.68  ? 218 HOH A O   1 
HETATM 1599 O O   . HOH B 2 .   ? -13.186 4.118   0.025   1.00 39.30  ? 219 HOH A O   1 
HETATM 1600 O O   . HOH B 2 .   ? -30.982 12.662  -20.379 1.00 42.54  ? 220 HOH A O   1 
HETATM 1601 O O   . HOH B 2 .   ? -3.239  16.598  7.788   1.00 42.44  ? 221 HOH A O   1 
HETATM 1602 O O   . HOH B 2 .   ? 9.565   -9.222  12.129  1.00 58.09  ? 222 HOH A O   1 
HETATM 1603 O O   . HOH B 2 .   ? -12.352 4.166   2.730   1.00 41.35  ? 223 HOH A O   1 
HETATM 1604 O O   . HOH B 2 .   ? 2.215   11.910  4.733   1.00 48.20  ? 224 HOH A O   1 
HETATM 1605 O O   . HOH B 2 .   ? -10.031 5.628   -7.029  1.00 52.68  ? 225 HOH A O   1 
HETATM 1606 O O   . HOH B 2 .   ? 7.281   1.203   18.236  1.00 53.80  ? 226 HOH A O   1 
HETATM 1607 O O   . HOH B 2 .   ? 8.045   7.209   16.596  1.00 70.54  ? 227 HOH A O   1 
HETATM 1608 O O   . HOH B 2 .   ? -4.448  -7.424  -18.182 1.00 64.08  ? 228 HOH A O   1 
HETATM 1609 O O   . HOH B 2 .   ? 8.679   -9.819  1.094   1.00 45.17  ? 229 HOH A O   1 
HETATM 1610 O O   . HOH B 2 .   ? -9.748  3.127   -10.035 1.00 55.60  ? 230 HOH A O   1 
HETATM 1611 O O   . HOH B 2 .   ? -0.933  14.535  -0.120  1.00 45.56  ? 231 HOH A O   1 
HETATM 1612 O O   . HOH B 2 .   ? 2.176   11.628  -0.576  1.00 40.03  ? 232 HOH A O   1 
HETATM 1613 O O   . HOH B 2 .   ? -12.198 14.321  12.561  1.00 49.73  ? 233 HOH A O   1 
HETATM 1614 O O   . HOH B 2 .   ? 0.122   3.801   -18.190 1.00 53.21  ? 234 HOH A O   1 
HETATM 1615 O O   . HOH B 2 .   ? 13.077  -4.073  11.334  1.00 52.46  ? 235 HOH A O   1 
HETATM 1616 O O   . HOH B 2 .   ? 0.211   -8.281  -18.968 1.00 69.31  ? 236 HOH A O   1 
HETATM 1617 O O   . HOH B 2 .   ? 3.393   5.114   -16.014 1.00 70.82  ? 237 HOH A O   1 
HETATM 1618 O O   . HOH B 2 .   ? -6.043  -15.930 -2.707  1.00 62.97  ? 238 HOH A O   1 
HETATM 1619 O O   . HOH B 2 .   ? -19.591 12.806  4.392   1.00 71.60  ? 239 HOH A O   1 
HETATM 1620 O O   . HOH B 2 .   ? -10.897 6.476   15.313  1.00 54.68  ? 240 HOH A O   1 
HETATM 1621 O O   . HOH B 2 .   ? -8.296  25.909  6.134   1.00 77.70  ? 241 HOH A O   1 
HETATM 1622 O O   . HOH B 2 .   ? -7.321  5.009   14.670  1.00 66.74  ? 242 HOH A O   1 
HETATM 1623 O O   . HOH B 2 .   ? 21.224  -9.113  -17.530 1.00 85.71  ? 243 HOH A O   1 
HETATM 1624 O O   . HOH B 2 .   ? 9.056   -7.887  -19.518 1.00 57.25  ? 244 HOH A O   1 
HETATM 1625 O O   . HOH B 2 .   ? 17.216  3.459   5.061   1.00 51.21  ? 245 HOH A O   1 
HETATM 1626 O O   . HOH B 2 .   ? -19.488 12.215  0.693   1.00 56.81  ? 246 HOH A O   1 
HETATM 1627 O O   . HOH B 2 .   ? -11.472 -2.325  -16.402 1.00 77.47  ? 247 HOH A O   1 
HETATM 1628 O O   . HOH B 2 .   ? 6.946   -13.717 0.587   1.00 54.78  ? 248 HOH A O   1 
HETATM 1629 O O   . HOH B 2 .   ? 16.029  -3.115  6.106   1.00 58.06  ? 249 HOH A O   1 
HETATM 1630 O O   . HOH B 2 .   ? -1.423  10.536  -10.223 1.00 72.33  ? 250 HOH A O   1 
HETATM 1631 O O   . HOH B 2 .   ? 26.102  -16.590 -9.309  1.00 65.16  ? 251 HOH A O   1 
HETATM 1632 O O   . HOH B 2 .   ? -10.900 19.907  8.756   1.00 56.39  ? 252 HOH A O   1 
HETATM 1633 O O   . HOH B 2 .   ? -4.583  -12.980 0.473   1.00 63.98  ? 253 HOH A O   1 
HETATM 1634 O O   . HOH B 2 .   ? 1.292   12.069  -5.317  1.00 56.94  ? 254 HOH A O   1 
HETATM 1635 O O   . HOH B 2 .   ? 14.657  8.475   0.879   1.00 80.38  ? 255 HOH A O   1 
HETATM 1636 O O   . HOH B 2 .   ? 0.054   16.358  8.909   1.00 64.35  ? 256 HOH A O   1 
HETATM 1637 O O   . HOH B 2 .   ? -17.970 6.700   13.167  1.00 87.42  ? 257 HOH A O   1 
HETATM 1638 O O   . HOH B 2 .   ? -15.198 -1.070  -5.859  1.00 49.45  ? 258 HOH A O   1 
HETATM 1639 O O   . HOH B 2 .   ? 11.311  3.514   -8.890  1.00 52.39  ? 259 HOH A O   1 
HETATM 1640 O O   . HOH B 2 .   ? 4.510   -17.112 -10.668 1.00 66.48  ? 260 HOH A O   1 
HETATM 1641 O O   . HOH B 2 .   ? -12.891 10.837  11.653  1.00 57.50  ? 261 HOH A O   1 
HETATM 1642 O O   . HOH B 2 .   ? -21.893 17.476  14.015  1.00 94.00  ? 262 HOH A O   1 
HETATM 1643 O O   . HOH B 2 .   ? 6.877   -10.400 12.896  1.00 74.82  ? 263 HOH A O   1 
HETATM 1644 O O   . HOH B 2 .   ? -16.648 8.455   2.951   1.00 51.77  ? 264 HOH A O   1 
HETATM 1645 O O   . HOH B 2 .   ? 8.923   -12.141 -14.013 1.00 75.08  ? 265 HOH A O   1 
HETATM 1646 O O   . HOH B 2 .   ? 2.870   -14.115 -9.488  1.00 78.42  ? 266 HOH A O   1 
HETATM 1647 O O   . HOH B 2 .   ? -24.677 9.064   -8.394  1.00 54.41  ? 267 HOH A O   1 
HETATM 1648 O O   . HOH B 2 .   ? -1.934  5.245   -21.932 1.00 72.67  ? 268 HOH A O   1 
HETATM 1649 O O   . HOH B 2 .   ? -4.994  -9.319  -15.332 1.00 67.03  ? 269 HOH A O   1 
HETATM 1650 O O   . HOH B 2 .   ? -9.865  -15.974 -10.625 1.00 66.75  ? 270 HOH A O   1 
HETATM 1651 O O   . HOH B 2 .   ? -30.705 8.262   -17.001 1.00 76.78  ? 271 HOH A O   1 
HETATM 1652 O O   . HOH B 2 .   ? 20.223  -17.488 -0.217  1.00 75.00  ? 272 HOH A O   1 
HETATM 1653 O O   . HOH B 2 .   ? 16.706  -9.923  8.050   1.00 66.45  ? 273 HOH A O   1 
HETATM 1654 O O   . HOH B 2 .   ? 6.390   11.593  4.845   1.00 66.08  ? 274 HOH A O   1 
HETATM 1655 O O   . HOH B 2 .   ? -3.989  -5.005  16.119  1.00 97.34  ? 275 HOH A O   1 
HETATM 1656 O O   . HOH B 2 .   ? -8.867  -16.391 -7.545  1.00 64.38  ? 276 HOH A O   1 
HETATM 1657 O O   . HOH B 2 .   ? 15.759  -8.072  -14.865 1.00 61.46  ? 277 HOH A O   1 
HETATM 1658 O O   . HOH B 2 .   ? -16.077 0.933   -4.203  1.00 49.37  ? 278 HOH A O   1 
HETATM 1659 O O   . HOH B 2 .   ? -10.814 -10.522 7.035   1.00 90.16  ? 279 HOH A O   1 
HETATM 1660 O O   . HOH B 2 .   ? 10.319  3.337   -11.826 1.00 65.61  ? 280 HOH A O   1 
HETATM 1661 O O   . HOH B 2 .   ? -15.712 16.200  9.128   1.00 61.31  ? 281 HOH A O   1 
HETATM 1662 O O   . HOH B 2 .   ? 14.956  -23.020 1.327   1.00 73.54  ? 282 HOH A O   1 
HETATM 1663 O O   . HOH B 2 .   ? -0.402  -13.131 -5.688  1.00 62.05  ? 283 HOH A O   1 
HETATM 1664 O O   . HOH B 2 .   ? 6.192   -14.002 5.173   1.00 80.75  ? 284 HOH A O   1 
HETATM 1665 O O   . HOH B 2 .   ? -15.861 -0.597  -1.833  1.00 53.07  ? 285 HOH A O   1 
HETATM 1666 O O   . HOH B 2 .   ? -13.257 4.830   14.296  1.00 79.32  ? 286 HOH A O   1 
HETATM 1667 O O   . HOH B 2 .   ? -25.476 14.314  -14.802 1.00 57.53  ? 287 HOH A O   1 
HETATM 1668 O O   . HOH B 2 .   ? 11.505  -8.426  -14.046 1.00 64.69  ? 288 HOH A O   1 
HETATM 1669 O O   . HOH B 2 .   ? -7.664  9.231   -11.478 1.00 69.14  ? 289 HOH A O   1 
HETATM 1670 O O   . HOH B 2 .   ? -11.879 -8.459  0.308   1.00 62.77  ? 290 HOH A O   1 
HETATM 1671 O O   . HOH B 2 .   ? 25.291  -16.127 1.627   1.00 103.83 ? 291 HOH A O   1 
HETATM 1672 O O   . HOH B 2 .   ? -13.605 5.248   -13.070 1.00 91.28  ? 292 HOH A O   1 
HETATM 1673 O O   . HOH B 2 .   ? 20.642  -9.157  -2.575  1.00 73.62  ? 293 HOH A O   1 
HETATM 1674 O O   . HOH B 2 .   ? 8.037   -14.610 -9.175  1.00 76.25  ? 294 HOH A O   1 
HETATM 1675 O O   . HOH B 2 .   ? -0.198  12.392  -1.424  1.00 48.19  ? 295 HOH A O   1 
HETATM 1676 O O   . HOH B 2 .   ? 5.060   8.470   -2.282  1.00 51.08  ? 296 HOH A O   1 
HETATM 1677 O O   . HOH B 2 .   ? -11.332 7.317   -5.618  1.00 62.50  ? 297 HOH A O   1 
HETATM 1678 O O   . HOH B 2 .   ? 2.689   13.238  1.519   1.00 59.68  ? 298 HOH A O   1 
HETATM 1679 O O   . HOH B 2 .   ? 17.364  -1.372  0.805   1.00 52.91  ? 299 HOH A O   1 
HETATM 1680 O O   . HOH B 2 .   ? 16.154  4.543   2.261   1.00 56.35  ? 300 HOH A O   1 
HETATM 1681 O O   . HOH B 2 .   ? 8.534   -0.813  19.306  1.00 58.67  ? 301 HOH A O   1 
HETATM 1682 O O   . HOH B 2 .   ? -15.407 19.891  2.929   1.00 49.15  ? 302 HOH A O   1 
HETATM 1683 O O   . HOH B 2 .   ? 14.630  -1.625  8.497   1.00 50.62  ? 303 HOH A O   1 
HETATM 1684 O O   . HOH B 2 .   ? -7.866  19.311  3.943   1.00 56.35  ? 304 HOH A O   1 
HETATM 1685 O O   . HOH B 2 .   ? 9.081   10.049  -0.282  1.00 64.95  ? 305 HOH A O   1 
HETATM 1686 O O   . HOH B 2 .   ? -20.057 8.563   -1.559  1.00 61.27  ? 306 HOH A O   1 
HETATM 1687 O O   . HOH B 2 .   ? -1.781  16.523  12.157  1.00 64.69  ? 307 HOH A O   1 
HETATM 1688 O O   . HOH B 2 .   ? -18.690 7.550   4.209   1.00 62.74  ? 308 HOH A O   1 
HETATM 1689 O O   . HOH B 2 .   ? 19.509  -7.331  -18.129 1.00 65.94  ? 309 HOH A O   1 
HETATM 1690 O O   . HOH B 2 .   ? 6.184   6.271   -3.948  1.00 59.68  ? 310 HOH A O   1 
HETATM 1691 O O   . HOH B 2 .   ? -8.562  -14.286 -2.634  1.00 68.57  ? 311 HOH A O   1 
HETATM 1692 O O   . HOH B 2 .   ? -12.500 6.409   -7.780  1.00 69.98  ? 312 HOH A O   1 
HETATM 1693 O O   . HOH B 2 .   ? -7.894  -2.608  14.105  1.00 68.77  ? 313 HOH A O   1 
HETATM 1694 O O   . HOH B 2 .   ? -15.145 2.088   7.338   1.00 62.49  ? 314 HOH A O   1 
HETATM 1695 O O   . HOH B 2 .   ? -23.570 16.145  -14.830 1.00 66.00  ? 315 HOH A O   1 
HETATM 1696 O O   . HOH B 2 .   ? 13.771  -16.034 -11.517 1.00 69.34  ? 316 HOH A O   1 
HETATM 1697 O O   . HOH B 2 .   ? -13.629 -9.508  -6.080  1.00 74.71  ? 317 HOH A O   1 
HETATM 1698 O O   . HOH B 2 .   ? -29.621 5.819   -18.557 1.00 77.71  ? 318 HOH A O   1 
HETATM 1699 O O   . HOH B 2 .   ? -5.176  18.257  4.042   1.00 51.58  ? 319 HOH A O   1 
HETATM 1700 O O   . HOH B 2 .   ? 5.498   12.302  7.687   1.00 75.39  ? 320 HOH A O   1 
HETATM 1701 O O   . HOH B 2 .   ? -4.154  -10.049 -19.383 1.00 62.49  ? 321 HOH A O   1 
HETATM 1702 O O   . HOH B 2 .   ? 3.174   -9.324  19.131  1.00 66.46  ? 322 HOH A O   1 
HETATM 1703 O O   . HOH B 2 .   ? -15.734 2.008   -0.813  1.00 57.39  ? 323 HOH A O   1 
HETATM 1704 O O   . HOH B 2 .   ? 18.004  -1.682  3.759   1.00 84.92  ? 324 HOH A O   1 
HETATM 1705 O O   . HOH B 2 .   ? -1.527  18.981  0.419   1.00 67.06  ? 325 HOH A O   1 
HETATM 1706 O O   . HOH B 2 .   ? 0.923   14.121  4.537   1.00 69.15  ? 326 HOH A O   1 
HETATM 1707 O O   . HOH B 2 .   ? -18.772 -1.336  -1.372  1.00 76.34  ? 327 HOH A O   1 
HETATM 1708 O O   . HOH B 2 .   ? 16.155  -1.396  11.996  1.00 76.64  ? 328 HOH A O   1 
HETATM 1709 O O   . HOH B 2 .   ? 9.531   -10.207 -17.893 1.00 67.13  ? 329 HOH A O   1 
HETATM 1710 O O   . HOH B 2 .   ? 14.340  10.068  3.121   1.00 66.14  ? 330 HOH A O   1 
HETATM 1711 O O   . HOH B 2 .   ? 3.242   12.705  -4.150  1.00 64.66  ? 331 HOH A O   1 
HETATM 1712 O O   . HOH B 2 .   ? -15.028 -11.307 -1.767  1.00 68.36  ? 332 HOH A O   1 
HETATM 1713 O O   . HOH B 2 .   ? -14.079 4.114   -7.604  1.00 60.51  ? 333 HOH A O   1 
HETATM 1714 O O   . HOH B 2 .   ? 8.304   -4.930  18.921  1.00 62.45  ? 334 HOH A O   1 
HETATM 1715 O O   . HOH B 2 .   ? -16.220 4.530   -11.369 1.00 69.85  ? 335 HOH A O   1 
HETATM 1716 O O   . HOH B 2 .   ? -19.909 6.548   10.795  1.00 80.82  ? 336 HOH A O   1 
HETATM 1717 O O   . HOH B 2 .   ? 9.818   2.762   2.764   1.00 30.51  ? 337 HOH A O   1 
# 
